data_7MIB
#
_entry.id   7MIB
#
loop_
_entity.id
_entity.type
_entity.pdbx_description
1 polymer 'DNA (31-MER)'
2 polymer 'CRISPR-associated exonuclease Cas4/endonuclease Cas1 fusion'
3 polymer 'CRISPR-associated endoribonuclease Cas2'
4 polymer 'DNA (64-MER)'
5 polymer "DNA (5'-D(P*CP*GP*GP*AP*AP*AP*AP*GP*AP*GP*CP*C)-3')"
6 polymer 'DNA (45-MER)'
#
loop_
_entity_poly.entity_id
_entity_poly.type
_entity_poly.pdbx_seq_one_letter_code
_entity_poly.pdbx_strand_id
1 'polydeoxyribonucleotide'
;(DG)(DT)(DC)(DG)(DT)(DA)(DG)(DC)(DT)(DG)(DA)(DG)(DG)(DC)(DC)(DT)(DC)(DA)(DG)(DC)
(DT)(DA)(DC)(DG)(DA)(DC)(DT)(DT)(DT)(DT)(DT)
;
G
2 'polypeptide(L)'
;MAETDGSIPLIPVRMLNEHVYCPRLAYLMWVQGEFSHNEFTVDGVIRHRRVDAGGGVLPSETQEDSRIHARSVSLSSERL
GITAKIDLVEGEGAYVSPVDYKRGKRPHVAGGAYEPERVQLCAQGLLLREHGFASDGGALYFVASRERVPVAFDDELIGR
TLAAIDEMGRTALSGTMPPPLEDSPKCPRCSLVGICLPDEVRFLSHLSVEPRPIIPADGRGLPLYVQSPKAYVRKDGDCL
VIEEERVRVAEARLGETSQVALFGNATLTTAALHECLRREIPVTWLSYGGWFMGHTVSTGHRNVETRTYQYQRSFDPETC
LNLARRWIVAKIANCRTLLRRNWRGEGDEAKAPPGLLMSLQDDMRHAMRAPSLEVLLGIEGASAGRYFQHFSRMLRGGDG
EGMGFDFTTRNRRPPKDPVNALLSFAYAMLTREWTVALAAVGLDPYRGFYHQPRFGRPALALDMMEPFRPLIADSTVLMA
INNGEIRTGDFVRSAGGCNLTDSARKRFIAGFERRMEQEVTHPIFKYTISYRRLLEVQARLLTRYLSGEIPAYPNFVTR
;
A,B,C,D
3 'polypeptide(L)'
;MEHLYIVSYDIRNQRRWRRLFKTMHGFGCWLQLSVFQCRLDRIRIIKMEAAINEIVNHAEDHVLILDLGPAENVKPKVSS
IGKTFDPILRQAVIV
;
E,F
4 'polydeoxyribonucleotide'
;(DC)(DT)(DG)(DT)(DG)(DC)(DC)(DG)(DT)(DC)(DC)(DG)(DT)(DA)(DA)(DC)(DG)(DT)(DT)(DG)
(DT)(DC)(DG)(DA)(DT)(DT)(DT)(DT)(DT)(DG)(DT)(DA)(DT)(DT)(DC)(DC)(DG)(DG)(DG)(DG)
(DC)(DC)(DA)(DT)(DG)(DA)(DT)(DG)(DC)(DC)(DC)(DC)(DG)(DG)(DC)(DC)(DT)(DC)(DA)(DT)
(DT)(DG)(DA)(DA)
;
H
5 'polydeoxyribonucleotide' (DC)(DG)(DG)(DA)(DA)(DA)(DA)(DG)(DA)(DG)(DC)(DC) I
6 'polydeoxyribonucleotide'
;(DC)(DA)(DA)(DT)(DG)(DA)(DG)(DG)(DC)(DC)(DG)(DG)(DG)(DG)(DC)(DA)(DT)(DC)(DA)(DT)
(DG)(DG)(DC)(DC)(DC)(DC)(DG)(DG)(DA)(DA)(DT)(DA)(DC)(DG)(DG)(DC)(DT)(DC)(DT)(DT)
(DT)(DT)(DC)(DC)(DG)
;
J
#
# COMPACT_ATOMS: atom_id res chain seq x y z
N PRO B 211 -43.24 -23.24 -8.18
CA PRO B 211 -42.51 -22.33 -7.30
C PRO B 211 -41.47 -21.49 -8.02
N ARG B 212 -40.21 -21.89 -7.90
CA ARG B 212 -39.05 -21.14 -8.37
C ARG B 212 -39.07 -19.70 -7.86
N PRO B 213 -38.96 -19.47 -6.54
CA PRO B 213 -38.65 -18.12 -6.06
C PRO B 213 -37.20 -17.81 -6.41
N ILE B 214 -36.98 -17.47 -7.68
CA ILE B 214 -35.64 -17.38 -8.22
C ILE B 214 -34.81 -16.35 -7.48
N ILE B 215 -35.39 -15.17 -7.23
CA ILE B 215 -34.64 -14.02 -6.74
C ILE B 215 -34.57 -14.10 -5.22
N PRO B 216 -33.40 -14.18 -4.63
CA PRO B 216 -33.25 -13.88 -3.21
C PRO B 216 -32.82 -12.42 -3.04
N ALA B 217 -33.27 -11.83 -1.93
CA ALA B 217 -33.02 -10.43 -1.63
C ALA B 217 -31.57 -10.29 -1.15
N ASP B 218 -30.78 -9.50 -1.87
CA ASP B 218 -29.36 -9.41 -1.56
C ASP B 218 -29.13 -8.56 -0.31
N GLY B 219 -29.55 -7.29 -0.34
CA GLY B 219 -29.42 -6.44 0.83
C GLY B 219 -28.12 -5.66 0.88
N ARG B 220 -28.23 -4.33 0.87
CA ARG B 220 -27.04 -3.48 0.88
C ARG B 220 -26.59 -3.18 2.31
N GLY B 221 -27.55 -3.11 3.24
CA GLY B 221 -27.27 -2.68 4.58
C GLY B 221 -27.79 -3.65 5.62
N LEU B 222 -27.49 -3.35 6.88
CA LEU B 222 -27.87 -4.20 7.99
C LEU B 222 -28.40 -3.30 9.10
N PRO B 223 -29.22 -3.82 10.01
CA PRO B 223 -29.89 -2.96 10.99
C PRO B 223 -28.92 -2.31 11.97
N LEU B 224 -29.39 -1.25 12.61
CA LEU B 224 -28.66 -0.56 13.66
C LEU B 224 -29.37 -0.84 14.98
N TYR B 225 -28.61 -0.85 16.07
CA TYR B 225 -29.13 -1.26 17.36
C TYR B 225 -28.83 -0.19 18.41
N VAL B 226 -29.79 0.03 19.32
CA VAL B 226 -29.61 0.94 20.44
C VAL B 226 -30.25 0.31 21.67
N GLN B 227 -29.44 -0.34 22.49
CA GLN B 227 -29.92 -0.83 23.78
C GLN B 227 -29.67 0.16 24.91
N SER B 228 -28.69 1.04 24.75
CA SER B 228 -28.40 2.02 25.77
C SER B 228 -29.57 2.97 25.90
N PRO B 229 -30.09 3.20 27.11
CA PRO B 229 -31.23 4.11 27.30
C PRO B 229 -30.90 5.58 27.16
N LYS B 230 -29.68 5.94 26.79
CA LYS B 230 -29.28 7.34 26.65
C LYS B 230 -28.48 7.56 25.38
N ALA B 231 -29.00 7.06 24.26
CA ALA B 231 -28.38 7.36 22.98
C ALA B 231 -28.76 8.77 22.55
N TYR B 232 -28.10 9.25 21.50
CA TYR B 232 -28.43 10.55 20.91
C TYR B 232 -27.95 10.51 19.48
N VAL B 233 -28.85 10.24 18.54
CA VAL B 233 -28.47 9.71 17.23
C VAL B 233 -28.68 10.82 16.20
N ARG B 234 -27.60 11.17 15.51
CA ARG B 234 -27.53 12.42 14.75
C ARG B 234 -27.54 12.20 13.25
N LYS B 235 -28.45 12.90 12.57
CA LYS B 235 -28.32 13.01 11.12
C LYS B 235 -27.29 14.08 10.82
N ASP B 236 -26.14 13.66 10.30
CA ASP B 236 -25.14 14.60 9.79
C ASP B 236 -25.05 14.35 8.31
N GLY B 237 -25.94 14.98 7.55
CA GLY B 237 -26.18 14.59 6.19
C GLY B 237 -26.25 13.08 6.13
N ASP B 238 -25.29 12.48 5.43
CA ASP B 238 -25.18 11.04 5.32
C ASP B 238 -24.86 10.37 6.63
N CYS B 239 -24.28 11.09 7.58
CA CYS B 239 -23.96 10.45 8.83
C CYS B 239 -25.21 10.35 9.69
N LEU B 240 -25.54 9.12 10.07
CA LEU B 240 -26.43 8.87 11.18
C LEU B 240 -25.48 8.68 12.36
N VAL B 241 -24.93 9.79 12.83
CA VAL B 241 -24.08 9.73 14.01
C VAL B 241 -24.91 9.33 15.21
N ILE B 242 -24.32 8.63 16.16
CA ILE B 242 -24.90 8.49 17.47
C ILE B 242 -24.02 9.26 18.45
N GLU B 243 -24.66 9.90 19.41
CA GLU B 243 -23.96 10.64 20.45
C GLU B 243 -24.50 10.15 21.78
N GLU B 244 -23.67 10.20 22.82
CA GLU B 244 -24.07 9.71 24.13
C GLU B 244 -23.71 10.78 25.14
N GLU B 245 -24.73 11.45 25.68
CA GLU B 245 -24.54 12.54 26.62
C GLU B 245 -23.55 13.56 26.06
N ARG B 246 -23.86 14.05 24.87
CA ARG B 246 -23.03 14.97 24.11
C ARG B 246 -21.68 14.38 23.74
N VAL B 247 -21.52 13.07 23.86
CA VAL B 247 -20.30 12.39 23.49
C VAL B 247 -20.65 11.27 22.52
N ARG B 248 -20.10 11.34 21.32
CA ARG B 248 -20.32 10.28 20.34
C ARG B 248 -19.75 8.97 20.86
N VAL B 249 -20.39 7.87 20.48
CA VAL B 249 -19.81 6.55 20.75
C VAL B 249 -19.53 5.88 19.42
N ALA B 250 -20.48 5.98 18.49
CA ALA B 250 -20.30 5.45 17.16
C ALA B 250 -21.01 6.36 16.17
N GLU B 251 -21.20 5.87 14.96
CA GLU B 251 -21.97 6.58 13.96
C GLU B 251 -22.30 5.61 12.85
N ALA B 252 -23.20 6.02 11.95
CA ALA B 252 -23.55 5.24 10.79
C ALA B 252 -23.79 6.15 9.59
N ARG B 253 -23.04 5.94 8.52
CA ARG B 253 -23.48 6.46 7.24
C ARG B 253 -24.84 5.85 6.92
N LEU B 254 -25.73 6.66 6.36
CA LEU B 254 -27.07 6.17 6.12
C LEU B 254 -27.11 5.07 5.07
N GLY B 255 -26.05 4.91 4.28
CA GLY B 255 -26.07 3.94 3.22
C GLY B 255 -26.13 2.50 3.69
N GLU B 256 -25.33 2.15 4.69
CA GLU B 256 -25.19 0.76 5.11
C GLU B 256 -26.22 0.34 6.14
N THR B 257 -27.18 1.20 6.45
CA THR B 257 -28.15 0.93 7.49
C THR B 257 -29.42 0.34 6.88
N SER B 258 -29.88 -0.78 7.44
CA SER B 258 -31.11 -1.43 6.97
C SER B 258 -32.32 -1.19 7.87
N GLN B 259 -32.15 -1.29 9.18
CA GLN B 259 -33.26 -1.11 10.11
C GLN B 259 -32.76 -0.41 11.37
N VAL B 260 -33.69 0.17 12.13
CA VAL B 260 -33.39 0.90 13.35
C VAL B 260 -34.33 0.43 14.45
N ALA B 261 -33.80 0.24 15.65
CA ALA B 261 -34.59 -0.21 16.79
C ALA B 261 -34.18 0.59 18.03
N LEU B 262 -35.16 0.91 18.87
CA LEU B 262 -34.93 1.69 20.09
C LEU B 262 -35.41 0.88 21.30
N PHE B 263 -34.46 0.18 21.94
CA PHE B 263 -34.75 -0.59 23.15
C PHE B 263 -35.10 0.36 24.29
N GLY B 264 -36.39 0.42 24.58
CA GLY B 264 -36.86 1.32 25.60
C GLY B 264 -36.61 2.74 25.18
N ASN B 265 -36.29 3.60 26.14
CA ASN B 265 -36.06 5.00 25.84
C ASN B 265 -34.72 5.19 25.15
N ALA B 266 -34.72 5.18 23.82
CA ALA B 266 -33.55 5.54 23.02
C ALA B 266 -33.89 6.81 22.25
N THR B 267 -33.05 7.83 22.37
CA THR B 267 -33.38 9.14 21.86
C THR B 267 -33.06 9.27 20.37
N LEU B 268 -33.60 10.32 19.74
CA LEU B 268 -33.48 10.51 18.31
C LEU B 268 -33.93 11.92 17.94
N THR B 269 -33.56 12.38 16.74
CA THR B 269 -34.09 13.63 16.19
C THR B 269 -35.02 13.33 15.03
N THR B 270 -36.14 14.04 15.00
CA THR B 270 -37.04 13.91 13.86
C THR B 270 -36.31 14.21 12.56
N ALA B 271 -35.38 15.16 12.57
CA ALA B 271 -34.55 15.35 11.39
C ALA B 271 -33.96 14.03 10.92
N ALA B 272 -33.44 13.24 11.86
CA ALA B 272 -33.06 11.88 11.53
C ALA B 272 -34.27 11.06 11.13
N LEU B 273 -35.36 11.14 11.90
CA LEU B 273 -36.60 10.52 11.44
C LEU B 273 -36.93 11.02 10.05
N HIS B 274 -36.94 12.35 9.87
CA HIS B 274 -37.16 12.92 8.55
C HIS B 274 -36.27 12.27 7.53
N GLU B 275 -34.99 12.10 7.86
CA GLU B 275 -34.11 11.42 6.94
C GLU B 275 -34.36 9.93 6.94
N CYS B 276 -34.58 9.34 8.13
CA CYS B 276 -34.81 7.90 8.18
C CYS B 276 -36.04 7.53 7.39
N LEU B 277 -37.11 8.30 7.54
CA LEU B 277 -38.23 8.14 6.63
C LEU B 277 -37.83 8.54 5.22
N ARG B 278 -37.03 9.60 5.09
CA ARG B 278 -36.53 9.97 3.77
C ARG B 278 -35.73 8.84 3.15
N ARG B 279 -35.02 8.06 3.94
CA ARG B 279 -34.43 6.83 3.43
C ARG B 279 -35.28 5.61 3.72
N GLU B 280 -36.49 5.79 4.25
CA GLU B 280 -37.49 4.75 4.37
C GLU B 280 -36.89 3.52 5.07
N ILE B 281 -36.39 3.78 6.26
CA ILE B 281 -35.71 2.76 7.06
C ILE B 281 -36.56 2.51 8.30
N PRO B 282 -37.00 1.27 8.55
CA PRO B 282 -37.98 1.04 9.62
C PRO B 282 -37.41 1.20 11.02
N VAL B 283 -37.84 2.25 11.72
CA VAL B 283 -37.49 2.40 13.13
C VAL B 283 -38.52 1.69 13.99
N THR B 284 -38.04 0.84 14.90
CA THR B 284 -38.94 0.16 15.83
C THR B 284 -38.66 0.72 17.24
N TRP B 285 -39.55 1.59 17.70
CA TRP B 285 -39.56 1.93 19.10
C TRP B 285 -39.88 0.67 19.90
N LEU B 286 -38.95 0.29 20.76
CA LEU B 286 -39.09 -0.99 21.45
C LEU B 286 -39.04 -0.72 22.94
N SER B 287 -39.55 -1.66 23.72
CA SER B 287 -39.28 -1.60 25.15
C SER B 287 -37.88 -2.15 25.42
N TYR B 288 -37.47 -2.04 26.67
CA TYR B 288 -36.08 -2.33 27.02
C TYR B 288 -35.75 -3.80 26.85
N GLY B 289 -36.70 -4.68 27.20
CA GLY B 289 -36.52 -6.09 26.98
C GLY B 289 -36.83 -6.46 25.55
N GLY B 290 -36.65 -5.49 24.66
CA GLY B 290 -37.01 -5.70 23.28
C GLY B 290 -38.48 -5.91 23.04
N TRP B 291 -39.30 -5.54 24.01
CA TRP B 291 -40.74 -5.70 23.84
C TRP B 291 -41.20 -4.75 22.75
N PHE B 292 -41.60 -5.33 21.61
CA PHE B 292 -41.99 -4.57 20.42
C PHE B 292 -43.19 -3.68 20.74
N MET B 293 -43.00 -2.36 20.66
CA MET B 293 -44.05 -1.44 21.07
C MET B 293 -44.31 -0.33 20.06
N GLY B 294 -43.33 -0.01 19.21
CA GLY B 294 -43.51 0.98 18.17
C GLY B 294 -42.84 0.55 16.86
N HIS B 295 -43.47 0.95 15.76
CA HIS B 295 -42.95 0.69 14.42
C HIS B 295 -43.50 1.75 13.48
N THR B 296 -42.85 1.89 12.33
CA THR B 296 -43.28 2.82 11.29
C THR B 296 -43.23 2.15 9.92
N VAL B 297 -44.20 2.47 9.08
CA VAL B 297 -44.23 2.02 7.69
C VAL B 297 -44.48 3.24 6.81
N SER B 298 -43.84 3.27 5.64
CA SER B 298 -43.89 4.44 4.76
C SER B 298 -45.18 4.38 3.95
N THR B 299 -46.24 4.97 4.52
CA THR B 299 -47.56 5.06 3.90
C THR B 299 -48.01 3.70 3.35
N GLY B 300 -47.65 2.65 4.07
CA GLY B 300 -48.08 1.32 3.70
C GLY B 300 -47.39 0.77 2.48
N HIS B 301 -47.73 -0.46 2.10
CA HIS B 301 -47.15 -1.05 0.91
C HIS B 301 -48.07 -0.81 -0.28
N ARG B 302 -47.46 -0.48 -1.41
CA ARG B 302 -48.20 0.10 -2.53
C ARG B 302 -49.06 -0.92 -3.25
N ASN B 303 -48.87 -2.20 -2.98
CA ASN B 303 -49.64 -3.26 -3.60
C ASN B 303 -50.80 -3.67 -2.71
N VAL B 304 -51.99 -3.71 -3.32
CA VAL B 304 -53.16 -4.15 -2.59
C VAL B 304 -53.38 -5.61 -2.96
N GLU B 305 -53.12 -5.93 -4.22
CA GLU B 305 -53.32 -7.29 -4.70
C GLU B 305 -52.52 -8.29 -3.88
N THR B 306 -51.33 -7.89 -3.44
CA THR B 306 -50.59 -8.77 -2.54
C THR B 306 -51.29 -8.83 -1.19
N ARG B 307 -51.49 -7.68 -0.54
CA ARG B 307 -52.11 -7.70 0.77
C ARG B 307 -53.55 -8.20 0.71
N THR B 308 -54.21 -8.09 -0.43
CA THR B 308 -55.56 -8.63 -0.49
C THR B 308 -55.53 -10.14 -0.58
N TYR B 309 -54.41 -10.72 -1.02
CA TYR B 309 -54.27 -12.17 -0.96
C TYR B 309 -54.58 -12.67 0.43
N GLN B 310 -54.15 -11.95 1.45
CA GLN B 310 -54.19 -12.50 2.79
C GLN B 310 -55.52 -12.21 3.47
N TYR B 311 -56.09 -11.03 3.21
CA TYR B 311 -57.43 -10.78 3.75
C TYR B 311 -58.36 -11.91 3.38
N GLN B 312 -58.47 -12.22 2.09
CA GLN B 312 -59.30 -13.34 1.68
C GLN B 312 -58.76 -14.65 2.24
N ARG B 313 -57.44 -14.83 2.23
CA ARG B 313 -56.89 -16.07 2.77
C ARG B 313 -57.07 -16.13 4.29
N SER B 314 -56.93 -15.00 4.99
CA SER B 314 -57.14 -15.02 6.43
C SER B 314 -58.61 -15.15 6.78
N PHE B 315 -59.46 -14.39 6.09
CA PHE B 315 -60.89 -14.58 6.27
C PHE B 315 -61.29 -16.00 5.91
N ASP B 316 -60.46 -16.70 5.12
CA ASP B 316 -60.59 -18.13 4.91
C ASP B 316 -59.94 -18.90 6.06
N PRO B 317 -60.64 -19.83 6.70
CA PRO B 317 -60.03 -20.56 7.82
C PRO B 317 -59.23 -21.79 7.41
N GLU B 318 -59.56 -22.41 6.28
CA GLU B 318 -58.98 -23.72 5.96
C GLU B 318 -57.48 -23.64 5.79
N THR B 319 -57.01 -22.74 4.91
CA THR B 319 -55.58 -22.62 4.69
C THR B 319 -54.86 -22.17 5.95
N CYS B 320 -55.58 -21.48 6.84
CA CYS B 320 -55.04 -21.17 8.16
C CYS B 320 -54.69 -22.47 8.89
N LEU B 321 -55.67 -23.37 9.00
CA LEU B 321 -55.41 -24.67 9.60
C LEU B 321 -54.44 -25.48 8.74
N ASN B 322 -54.58 -25.38 7.42
CA ASN B 322 -53.61 -25.99 6.53
C ASN B 322 -52.19 -25.51 6.79
N LEU B 323 -52.02 -24.28 7.29
CA LEU B 323 -50.68 -23.75 7.51
C LEU B 323 -50.30 -23.60 8.97
N ALA B 324 -51.25 -23.20 9.84
CA ALA B 324 -50.97 -23.18 11.27
C ALA B 324 -50.44 -24.52 11.73
N ARG B 325 -50.98 -25.60 11.18
CA ARG B 325 -50.42 -26.94 11.31
C ARG B 325 -48.95 -26.91 10.90
N ARG B 326 -48.70 -26.51 9.66
CA ARG B 326 -47.40 -26.56 9.02
C ARG B 326 -46.38 -25.64 9.66
N TRP B 327 -46.74 -24.99 10.76
CA TRP B 327 -45.86 -24.07 11.44
C TRP B 327 -45.29 -24.67 12.72
N ILE B 328 -46.16 -25.15 13.62
CA ILE B 328 -45.62 -25.87 14.75
C ILE B 328 -45.23 -27.28 14.35
N VAL B 329 -45.85 -27.85 13.32
CA VAL B 329 -45.27 -29.02 12.68
C VAL B 329 -43.86 -28.69 12.19
N ALA B 330 -43.69 -27.50 11.63
CA ALA B 330 -42.37 -27.00 11.31
C ALA B 330 -41.61 -26.51 12.53
N LYS B 331 -42.28 -26.29 13.66
CA LYS B 331 -41.60 -25.94 14.90
C LYS B 331 -41.11 -27.17 15.63
N ILE B 332 -41.98 -28.19 15.74
CA ILE B 332 -41.60 -29.42 16.42
C ILE B 332 -40.53 -30.17 15.63
N ALA B 333 -40.64 -30.16 14.29
CA ALA B 333 -39.69 -30.85 13.44
C ALA B 333 -38.29 -30.33 13.58
N ASN B 334 -38.14 -29.14 14.11
CA ASN B 334 -36.84 -28.54 14.31
C ASN B 334 -36.59 -28.01 15.70
N CYS B 335 -37.60 -27.99 16.59
CA CYS B 335 -37.28 -28.12 18.00
C CYS B 335 -36.52 -29.41 18.23
N ARG B 336 -37.02 -30.48 17.61
CA ARG B 336 -36.44 -31.80 17.81
C ARG B 336 -35.03 -31.90 17.24
N THR B 337 -34.80 -31.34 16.05
CA THR B 337 -33.47 -31.47 15.45
C THR B 337 -32.45 -30.70 16.24
N LEU B 338 -32.86 -29.62 16.90
CA LEU B 338 -31.96 -28.91 17.79
C LEU B 338 -31.65 -29.74 19.03
N LEU B 339 -32.61 -30.56 19.47
CA LEU B 339 -32.33 -31.48 20.57
C LEU B 339 -31.15 -32.37 20.20
N ARG B 340 -31.21 -32.99 19.01
CA ARG B 340 -30.04 -33.76 18.59
C ARG B 340 -28.83 -32.91 18.42
N ARG B 341 -29.02 -31.62 18.23
CA ARG B 341 -27.90 -30.70 18.08
C ARG B 341 -27.47 -30.03 19.36
N ASN B 342 -28.39 -29.75 20.30
CA ASN B 342 -28.07 -28.91 21.43
C ASN B 342 -28.40 -29.55 22.76
N TRP B 343 -28.61 -30.85 22.79
CA TRP B 343 -28.77 -31.56 24.05
C TRP B 343 -27.37 -31.82 24.59
N ARG B 344 -27.00 -31.10 25.65
CA ARG B 344 -25.66 -31.25 26.22
C ARG B 344 -25.67 -32.46 27.15
N GLY B 345 -25.53 -33.63 26.53
CA GLY B 345 -25.41 -34.87 27.27
C GLY B 345 -23.99 -35.41 27.26
N GLU B 346 -23.60 -36.00 28.38
CA GLU B 346 -22.22 -36.37 28.62
C GLU B 346 -22.02 -37.86 28.88
N GLY B 347 -23.00 -38.55 29.45
CA GLY B 347 -22.82 -39.97 29.71
C GLY B 347 -24.12 -40.75 29.61
N ASP B 348 -24.16 -41.74 28.73
CA ASP B 348 -25.41 -42.40 28.33
C ASP B 348 -26.44 -41.37 27.89
N GLU B 349 -25.96 -40.17 27.55
CA GLU B 349 -26.80 -38.99 27.34
C GLU B 349 -26.37 -38.18 26.12
N ALA B 350 -25.33 -38.59 25.40
CA ALA B 350 -24.76 -37.76 24.34
C ALA B 350 -25.77 -37.42 23.25
N LYS B 351 -26.83 -38.20 23.11
CA LYS B 351 -27.90 -37.90 22.17
C LYS B 351 -29.24 -37.81 22.90
N ALA B 352 -30.18 -37.11 22.28
CA ALA B 352 -31.47 -36.83 22.90
C ALA B 352 -32.28 -38.12 23.06
N PRO B 353 -33.13 -38.19 24.08
CA PRO B 353 -33.89 -39.42 24.32
C PRO B 353 -34.92 -39.65 23.23
N PRO B 354 -34.89 -40.81 22.58
CA PRO B 354 -35.96 -41.12 21.61
C PRO B 354 -37.34 -41.07 22.24
N GLY B 355 -37.46 -41.38 23.52
CA GLY B 355 -38.71 -41.14 24.21
C GLY B 355 -39.17 -39.70 24.16
N LEU B 356 -38.25 -38.76 24.35
CA LEU B 356 -38.50 -37.34 24.07
C LEU B 356 -38.63 -37.07 22.58
N LEU B 357 -37.76 -37.66 21.76
CA LEU B 357 -37.81 -37.41 20.33
C LEU B 357 -39.11 -37.89 19.71
N MET B 358 -39.54 -39.11 20.01
CA MET B 358 -40.79 -39.63 19.50
C MET B 358 -41.97 -38.85 20.05
N SER B 359 -41.87 -38.41 21.29
CA SER B 359 -42.91 -37.54 21.85
C SER B 359 -43.06 -36.28 21.02
N LEU B 360 -41.94 -35.71 20.57
CA LEU B 360 -42.01 -34.63 19.62
C LEU B 360 -42.62 -35.10 18.31
N GLN B 361 -42.37 -36.35 17.92
CA GLN B 361 -43.02 -36.89 16.74
C GLN B 361 -44.51 -37.08 16.97
N ASP B 362 -44.96 -36.94 18.22
CA ASP B 362 -46.37 -37.10 18.53
C ASP B 362 -47.13 -35.77 18.50
N ASP B 363 -46.64 -34.73 19.18
CA ASP B 363 -47.18 -33.40 18.92
C ASP B 363 -46.98 -33.02 17.46
N MET B 364 -45.94 -33.57 16.83
CA MET B 364 -45.80 -33.47 15.38
C MET B 364 -47.06 -33.86 14.65
N ARG B 365 -47.48 -35.12 14.80
CA ARG B 365 -48.67 -35.63 14.16
C ARG B 365 -49.95 -35.05 14.77
N HIS B 366 -49.94 -34.78 16.07
CA HIS B 366 -51.09 -34.15 16.69
C HIS B 366 -51.26 -32.73 16.19
N ALA B 367 -50.17 -31.99 16.00
CA ALA B 367 -50.23 -30.73 15.29
C ALA B 367 -50.71 -30.90 13.86
N MET B 368 -50.11 -31.83 13.12
CA MET B 368 -50.48 -32.06 11.73
C MET B 368 -51.91 -32.58 11.60
N ARG B 369 -52.51 -33.06 12.66
CA ARG B 369 -53.92 -33.43 12.62
C ARG B 369 -54.70 -32.57 13.59
N ALA B 370 -54.37 -31.29 13.63
CA ALA B 370 -55.19 -30.34 14.36
C ALA B 370 -56.54 -30.26 13.68
N PRO B 371 -57.63 -30.50 14.38
CA PRO B 371 -58.95 -30.32 13.76
C PRO B 371 -59.48 -28.91 13.87
N SER B 372 -59.02 -28.15 14.87
CA SER B 372 -59.40 -26.76 15.01
C SER B 372 -58.12 -25.95 15.15
N LEU B 373 -58.26 -24.65 15.35
CA LEU B 373 -57.12 -23.77 15.50
C LEU B 373 -56.88 -23.35 16.94
N GLU B 374 -57.52 -24.05 17.88
CA GLU B 374 -57.18 -23.90 19.28
C GLU B 374 -56.58 -25.17 19.88
N VAL B 375 -56.95 -26.34 19.35
CA VAL B 375 -56.25 -27.57 19.71
C VAL B 375 -54.79 -27.49 19.30
N LEU B 376 -54.54 -26.96 18.11
CA LEU B 376 -53.18 -26.76 17.63
C LEU B 376 -52.35 -25.98 18.63
N LEU B 377 -52.97 -25.03 19.33
CA LEU B 377 -52.29 -24.29 20.38
C LEU B 377 -51.84 -25.21 21.50
N GLY B 378 -52.73 -26.06 22.01
CA GLY B 378 -52.37 -26.97 23.07
C GLY B 378 -51.26 -27.92 22.67
N ILE B 379 -51.25 -28.30 21.38
CA ILE B 379 -50.19 -29.15 20.86
C ILE B 379 -48.84 -28.50 21.09
N GLU B 380 -48.76 -27.19 20.86
CA GLU B 380 -47.52 -26.46 21.02
C GLU B 380 -47.11 -26.33 22.47
N GLY B 381 -48.05 -25.96 23.34
CA GLY B 381 -47.70 -25.66 24.72
C GLY B 381 -47.11 -26.85 25.44
N ALA B 382 -47.73 -28.02 25.32
CA ALA B 382 -47.09 -29.22 25.83
C ALA B 382 -45.77 -29.47 25.10
N SER B 383 -45.78 -29.34 23.78
CA SER B 383 -44.54 -29.39 23.01
C SER B 383 -43.56 -28.35 23.48
N ALA B 384 -44.04 -27.20 23.92
CA ALA B 384 -43.21 -26.28 24.67
C ALA B 384 -42.94 -26.77 26.08
N GLY B 385 -43.99 -27.19 26.79
CA GLY B 385 -43.84 -27.66 28.14
C GLY B 385 -42.82 -28.76 28.21
N ARG B 386 -43.00 -29.74 27.34
CA ARG B 386 -42.11 -30.89 27.29
C ARG B 386 -40.72 -30.51 26.82
N TYR B 387 -40.61 -29.98 25.61
CA TYR B 387 -39.30 -29.61 25.10
C TYR B 387 -38.56 -28.71 26.08
N PHE B 388 -39.24 -27.69 26.58
CA PHE B 388 -38.57 -26.77 27.47
C PHE B 388 -38.34 -27.42 28.83
N GLN B 389 -39.15 -28.41 29.17
CA GLN B 389 -38.79 -29.28 30.27
C GLN B 389 -37.40 -29.85 30.06
N HIS B 390 -37.06 -30.10 28.81
CA HIS B 390 -35.80 -30.71 28.43
C HIS B 390 -34.79 -29.68 28.00
N PHE B 391 -35.23 -28.45 27.82
CA PHE B 391 -34.29 -27.40 27.46
C PHE B 391 -33.28 -27.19 28.57
N SER B 392 -33.60 -27.64 29.78
CA SER B 392 -32.66 -27.53 30.90
C SER B 392 -31.36 -28.27 30.66
N ARG B 393 -31.35 -29.25 29.75
CA ARG B 393 -30.10 -29.87 29.37
C ARG B 393 -29.50 -29.26 28.12
N MET B 394 -30.24 -28.38 27.45
CA MET B 394 -29.72 -27.66 26.30
C MET B 394 -28.51 -26.79 26.57
N LEU B 395 -28.08 -26.66 27.81
CA LEU B 395 -27.18 -25.57 28.17
C LEU B 395 -26.04 -26.04 29.08
N ARG B 396 -24.84 -26.12 28.51
CA ARG B 396 -23.60 -26.38 29.26
C ARG B 396 -23.70 -27.65 30.10
N GLY B 397 -23.88 -28.79 29.44
CA GLY B 397 -24.07 -30.03 30.17
C GLY B 397 -25.29 -29.98 31.06
N GLY B 398 -26.35 -29.32 30.61
CA GLY B 398 -27.45 -29.06 31.50
C GLY B 398 -27.14 -27.88 32.39
N ASP B 399 -28.17 -27.24 32.92
CA ASP B 399 -27.99 -26.03 33.69
C ASP B 399 -26.85 -26.14 34.70
N GLY B 400 -25.84 -25.31 34.50
CA GLY B 400 -24.69 -25.26 35.37
C GLY B 400 -24.79 -24.10 36.33
N GLU B 401 -24.08 -23.02 36.02
CA GLU B 401 -24.01 -21.85 36.89
C GLU B 401 -25.37 -21.15 36.93
N GLY B 402 -26.16 -21.55 37.93
CA GLY B 402 -27.43 -20.90 38.28
C GLY B 402 -28.43 -20.78 37.16
N MET B 403 -28.12 -21.32 36.00
CA MET B 403 -28.96 -21.15 34.84
C MET B 403 -29.95 -22.30 34.70
N GLY B 404 -30.62 -22.64 35.80
CA GLY B 404 -31.60 -23.72 35.81
C GLY B 404 -32.80 -23.39 34.96
N PHE B 405 -33.08 -24.21 33.95
CA PHE B 405 -34.13 -23.82 33.03
C PHE B 405 -35.50 -24.17 33.61
N ASP B 406 -36.03 -23.21 34.37
CA ASP B 406 -37.40 -23.31 34.85
C ASP B 406 -38.32 -22.94 33.70
N PHE B 407 -38.51 -23.91 32.82
CA PHE B 407 -39.45 -23.84 31.71
C PHE B 407 -40.89 -23.63 32.17
N THR B 408 -41.13 -23.51 33.47
CA THR B 408 -42.45 -23.11 33.93
C THR B 408 -42.56 -21.59 34.02
N THR B 409 -41.49 -20.91 34.43
CA THR B 409 -41.45 -19.47 34.26
C THR B 409 -41.37 -19.08 32.80
N ARG B 410 -41.20 -20.05 31.91
CA ARG B 410 -41.61 -19.86 30.53
C ARG B 410 -43.03 -19.34 30.51
N ASN B 411 -43.32 -18.44 29.59
CA ASN B 411 -44.64 -17.84 29.39
C ASN B 411 -44.95 -16.76 30.42
N ARG B 412 -44.11 -16.56 31.43
CA ARG B 412 -44.41 -15.57 32.45
C ARG B 412 -44.08 -14.20 31.90
N ARG B 413 -44.98 -13.23 32.14
CA ARG B 413 -44.75 -11.86 31.68
C ARG B 413 -43.43 -11.30 32.20
N PRO B 414 -43.09 -11.39 33.50
CA PRO B 414 -41.74 -11.00 33.97
C PRO B 414 -40.88 -12.21 34.31
N PRO B 415 -39.56 -12.13 34.12
CA PRO B 415 -38.73 -13.29 34.36
C PRO B 415 -38.17 -13.43 35.77
N LYS B 416 -38.32 -14.64 36.33
CA LYS B 416 -37.59 -15.08 37.51
C LYS B 416 -36.20 -15.58 37.23
N ASP B 417 -35.93 -16.14 36.06
CA ASP B 417 -34.83 -17.09 35.96
C ASP B 417 -33.77 -16.57 35.00
N PRO B 418 -32.50 -16.97 35.20
CA PRO B 418 -31.47 -16.51 34.26
C PRO B 418 -31.77 -16.94 32.84
N VAL B 419 -31.88 -18.26 32.69
CA VAL B 419 -32.19 -18.87 31.41
C VAL B 419 -33.62 -18.58 30.98
N ASN B 420 -34.48 -18.22 31.95
CA ASN B 420 -35.84 -17.81 31.59
C ASN B 420 -35.96 -16.30 31.51
N ALA B 421 -34.82 -15.59 31.54
CA ALA B 421 -34.82 -14.17 31.23
C ALA B 421 -34.19 -13.86 29.87
N LEU B 422 -33.71 -14.87 29.15
CA LEU B 422 -33.05 -14.68 27.84
C LEU B 422 -33.94 -15.05 26.66
N LEU B 423 -34.65 -16.17 26.73
CA LEU B 423 -35.53 -16.58 25.65
C LEU B 423 -36.51 -15.46 25.29
N SER B 424 -37.07 -14.83 26.32
CA SER B 424 -38.21 -13.92 26.15
C SER B 424 -37.84 -12.62 25.44
N PHE B 425 -36.54 -12.37 25.24
CA PHE B 425 -36.10 -11.21 24.47
C PHE B 425 -35.70 -11.59 23.06
N ALA B 426 -34.97 -12.69 22.90
CA ALA B 426 -34.64 -13.18 21.57
C ALA B 426 -35.89 -13.40 20.75
N TYR B 427 -36.90 -14.03 21.35
CA TYR B 427 -38.20 -14.13 20.70
C TYR B 427 -38.87 -12.76 20.60
N ALA B 428 -38.78 -11.95 21.66
CA ALA B 428 -39.23 -10.56 21.55
C ALA B 428 -38.49 -9.82 20.47
N MET B 429 -37.20 -10.09 20.31
CA MET B 429 -36.50 -9.74 19.08
C MET B 429 -36.94 -10.54 17.89
N LEU B 430 -37.03 -11.86 17.99
CA LEU B 430 -37.46 -12.66 16.85
C LEU B 430 -38.64 -12.01 16.16
N THR B 431 -39.71 -11.75 16.91
CA THR B 431 -40.86 -11.07 16.33
C THR B 431 -40.46 -9.76 15.65
N ARG B 432 -39.50 -9.04 16.24
CA ARG B 432 -39.19 -7.71 15.73
C ARG B 432 -38.70 -7.76 14.29
N GLU B 433 -37.77 -8.66 13.97
CA GLU B 433 -37.28 -8.68 12.59
C GLU B 433 -38.37 -9.15 11.64
N TRP B 434 -39.18 -10.13 12.06
CA TRP B 434 -40.28 -10.57 11.20
C TRP B 434 -41.08 -9.37 10.72
N THR B 435 -41.29 -8.40 11.59
CA THR B 435 -42.00 -7.18 11.19
C THR B 435 -41.42 -6.61 9.91
N VAL B 436 -40.16 -6.21 9.92
CA VAL B 436 -39.54 -5.69 8.72
C VAL B 436 -39.34 -6.80 7.70
N ALA B 437 -38.99 -8.00 8.17
CA ALA B 437 -38.83 -9.13 7.26
C ALA B 437 -40.11 -9.45 6.53
N LEU B 438 -41.26 -9.13 7.12
CA LEU B 438 -42.54 -9.27 6.44
C LEU B 438 -43.06 -7.95 5.90
N ALA B 439 -42.59 -6.82 6.43
CA ALA B 439 -42.86 -5.52 5.84
C ALA B 439 -42.11 -5.35 4.53
N ALA B 440 -41.44 -6.39 4.06
CA ALA B 440 -40.64 -6.35 2.84
C ALA B 440 -41.44 -6.78 1.62
N VAL B 441 -41.89 -8.03 1.57
CA VAL B 441 -42.51 -8.57 0.37
C VAL B 441 -43.90 -8.02 0.12
N GLY B 442 -44.35 -7.06 0.93
CA GLY B 442 -45.69 -6.52 0.80
C GLY B 442 -46.68 -7.06 1.79
N LEU B 443 -46.24 -7.92 2.72
CA LEU B 443 -47.12 -8.50 3.70
C LEU B 443 -47.32 -7.53 4.88
N ASP B 444 -48.34 -7.82 5.70
CA ASP B 444 -48.64 -7.03 6.89
C ASP B 444 -48.76 -7.93 8.10
N PRO B 445 -47.85 -7.83 9.09
CA PRO B 445 -47.82 -8.82 10.17
C PRO B 445 -48.75 -8.54 11.33
N TYR B 446 -50.01 -8.20 11.07
CA TYR B 446 -50.99 -8.05 12.14
C TYR B 446 -52.17 -9.00 12.01
N ARG B 447 -52.33 -9.69 10.89
CA ARG B 447 -53.48 -10.55 10.65
C ARG B 447 -53.08 -11.99 10.96
N GLY B 448 -53.02 -12.32 12.26
CA GLY B 448 -52.63 -13.65 12.67
C GLY B 448 -53.69 -14.66 12.25
N PHE B 449 -53.25 -15.76 11.63
CA PHE B 449 -54.18 -16.83 11.32
C PHE B 449 -54.78 -17.44 12.58
N TYR B 450 -53.95 -17.66 13.60
CA TYR B 450 -54.45 -18.31 14.80
C TYR B 450 -53.93 -17.55 16.03
N HIS B 451 -52.84 -16.83 15.84
CA HIS B 451 -52.33 -15.96 16.89
C HIS B 451 -53.15 -14.69 16.85
N GLN B 452 -54.15 -14.60 17.73
CA GLN B 452 -55.02 -13.46 17.68
C GLN B 452 -54.22 -12.20 17.99
N PRO B 453 -54.44 -11.15 17.22
CA PRO B 453 -53.72 -9.88 17.45
C PRO B 453 -53.80 -9.46 18.90
N ARG B 454 -52.64 -9.40 19.53
CA ARG B 454 -52.50 -8.72 20.80
C ARG B 454 -51.81 -7.41 20.51
N PHE B 455 -52.10 -6.39 21.32
CA PHE B 455 -51.35 -5.16 21.23
C PHE B 455 -49.88 -5.48 21.46
N GLY B 456 -49.02 -4.92 20.62
CA GLY B 456 -47.62 -5.24 20.68
C GLY B 456 -47.27 -6.58 20.08
N ARG B 457 -48.24 -7.45 19.88
CA ARG B 457 -48.01 -8.77 19.29
C ARG B 457 -48.39 -8.72 17.83
N PRO B 458 -47.43 -8.58 16.93
CA PRO B 458 -47.77 -8.63 15.51
C PRO B 458 -48.26 -10.03 15.20
N ALA B 459 -49.57 -10.14 15.03
CA ALA B 459 -50.27 -11.42 15.18
C ALA B 459 -49.78 -12.48 14.21
N LEU B 460 -49.48 -12.12 12.97
CA LEU B 460 -49.01 -13.07 11.98
C LEU B 460 -47.50 -13.20 11.96
N ALA B 461 -46.79 -12.11 12.28
CA ALA B 461 -45.37 -12.24 12.55
C ALA B 461 -45.14 -13.26 13.64
N LEU B 462 -46.10 -13.41 14.54
CA LEU B 462 -46.06 -14.48 15.52
C LEU B 462 -46.31 -15.85 14.91
N ASP B 463 -47.16 -15.94 13.89
CA ASP B 463 -47.50 -17.22 13.28
C ASP B 463 -46.34 -17.91 12.59
N MET B 464 -45.51 -17.17 11.87
CA MET B 464 -44.55 -17.79 10.97
C MET B 464 -43.21 -18.10 11.63
N MET B 465 -43.03 -17.70 12.88
CA MET B 465 -41.77 -18.04 13.54
C MET B 465 -41.79 -19.44 14.14
N GLU B 466 -42.93 -20.10 14.15
CA GLU B 466 -42.96 -21.49 14.61
C GLU B 466 -41.97 -22.36 13.86
N PRO B 467 -41.97 -22.42 12.52
CA PRO B 467 -40.91 -23.20 11.83
C PRO B 467 -39.53 -22.92 12.35
N PHE B 468 -39.20 -21.66 12.64
CA PHE B 468 -37.83 -21.30 12.99
C PHE B 468 -37.72 -20.77 14.41
N ARG B 469 -38.76 -20.96 15.22
CA ARG B 469 -38.64 -20.74 16.65
C ARG B 469 -37.43 -21.46 17.25
N PRO B 470 -37.13 -22.72 16.92
CA PRO B 470 -35.97 -23.39 17.51
C PRO B 470 -34.65 -22.96 16.90
N LEU B 471 -34.61 -22.78 15.57
CA LEU B 471 -33.34 -22.53 14.91
C LEU B 471 -32.70 -21.21 15.35
N ILE B 472 -33.51 -20.25 15.79
CA ILE B 472 -33.04 -18.87 15.83
C ILE B 472 -32.92 -18.35 17.25
N ALA B 473 -33.71 -18.91 18.17
CA ALA B 473 -33.58 -18.54 19.57
C ALA B 473 -33.14 -19.74 20.42
N ASP B 474 -33.69 -20.92 20.15
CA ASP B 474 -33.26 -22.12 20.85
C ASP B 474 -31.85 -22.55 20.48
N SER B 475 -31.21 -21.94 19.48
CA SER B 475 -29.83 -22.27 19.15
C SER B 475 -28.85 -21.19 19.57
N THR B 476 -29.28 -19.93 19.58
CA THR B 476 -28.44 -18.84 20.05
C THR B 476 -28.31 -18.79 21.56
N VAL B 477 -29.40 -19.04 22.28
CA VAL B 477 -29.30 -19.19 23.73
C VAL B 477 -28.34 -20.30 24.08
N LEU B 478 -28.33 -21.37 23.28
CA LEU B 478 -27.51 -22.53 23.57
C LEU B 478 -26.10 -22.38 23.05
N MET B 479 -25.77 -21.22 22.51
CA MET B 479 -24.39 -20.88 22.25
C MET B 479 -23.82 -19.93 23.28
N ALA B 480 -24.48 -18.79 23.53
CA ALA B 480 -24.00 -17.83 24.51
C ALA B 480 -23.79 -18.50 25.87
N ILE B 481 -24.78 -19.28 26.31
CA ILE B 481 -24.54 -20.16 27.45
C ILE B 481 -23.32 -21.01 27.20
N ASN B 482 -23.40 -21.88 26.22
CA ASN B 482 -22.34 -22.84 25.94
C ASN B 482 -21.06 -22.15 25.49
N ASN B 483 -21.09 -20.82 25.33
CA ASN B 483 -19.89 -20.03 25.11
C ASN B 483 -19.56 -19.20 26.34
N GLY B 484 -20.16 -19.51 27.49
CA GLY B 484 -19.86 -18.75 28.69
C GLY B 484 -20.25 -17.30 28.61
N GLU B 485 -21.19 -16.95 27.74
CA GLU B 485 -21.76 -15.62 27.77
C GLU B 485 -22.87 -15.50 28.80
N ILE B 486 -23.49 -16.62 29.16
CA ILE B 486 -24.58 -16.59 30.12
C ILE B 486 -24.08 -17.12 31.45
N ARG B 487 -23.66 -16.20 32.29
CA ARG B 487 -23.38 -16.49 33.68
C ARG B 487 -24.49 -15.82 34.47
N THR B 488 -25.07 -16.57 35.40
CA THR B 488 -26.14 -16.00 36.20
C THR B 488 -25.72 -14.70 36.88
N GLY B 489 -24.41 -14.46 37.00
CA GLY B 489 -23.87 -13.20 37.47
C GLY B 489 -23.77 -12.12 36.41
N ASP B 490 -24.04 -12.45 35.16
CA ASP B 490 -24.08 -11.46 34.08
C ASP B 490 -25.43 -10.76 33.99
N PHE B 491 -26.21 -10.76 35.07
CA PHE B 491 -27.64 -10.47 35.00
C PHE B 491 -28.00 -9.40 36.01
N VAL B 492 -29.10 -8.68 35.72
CA VAL B 492 -29.80 -7.90 36.74
C VAL B 492 -30.81 -8.83 37.38
N ARG B 493 -30.43 -9.42 38.53
CA ARG B 493 -31.13 -10.59 39.01
C ARG B 493 -32.56 -10.28 39.41
N SER B 494 -32.91 -9.01 39.56
CA SER B 494 -34.25 -8.61 39.96
C SER B 494 -34.64 -7.38 39.15
N ALA B 495 -35.66 -6.68 39.63
CA ALA B 495 -36.40 -5.59 38.97
C ALA B 495 -37.34 -6.15 37.92
N GLY B 496 -37.29 -7.45 37.68
CA GLY B 496 -38.35 -8.15 36.98
C GLY B 496 -38.42 -9.56 37.53
N GLY B 497 -37.70 -9.78 38.63
CA GLY B 497 -37.48 -11.12 39.10
C GLY B 497 -36.17 -11.64 38.54
N CYS B 498 -35.85 -11.17 37.32
CA CYS B 498 -34.58 -11.45 36.67
C CYS B 498 -34.47 -10.55 35.45
N ASN B 499 -33.32 -9.93 35.28
CA ASN B 499 -33.05 -9.07 34.13
C ASN B 499 -31.58 -9.23 33.76
N LEU B 500 -31.07 -8.34 32.91
CA LEU B 500 -29.72 -8.50 32.37
C LEU B 500 -29.06 -7.13 32.16
N THR B 501 -27.79 -7.18 31.77
CA THR B 501 -26.94 -5.99 31.68
C THR B 501 -26.56 -5.72 30.23
N ASP B 502 -26.37 -4.44 29.90
CA ASP B 502 -25.97 -4.06 28.56
C ASP B 502 -24.61 -4.65 28.17
N SER B 503 -23.72 -4.84 29.14
CA SER B 503 -22.40 -5.40 28.85
C SER B 503 -22.52 -6.71 28.09
N ALA B 504 -23.29 -7.63 28.62
CA ALA B 504 -23.61 -8.86 27.89
C ALA B 504 -24.69 -8.63 26.84
N ARG B 505 -25.61 -7.70 27.09
CA ARG B 505 -26.61 -7.39 26.07
C ARG B 505 -25.94 -6.96 24.77
N LYS B 506 -24.97 -6.06 24.87
CA LYS B 506 -24.18 -5.70 23.70
C LYS B 506 -23.47 -6.91 23.12
N ARG B 507 -23.17 -7.91 23.93
CA ARG B 507 -22.64 -9.14 23.36
C ARG B 507 -23.69 -9.90 22.55
N PHE B 508 -24.90 -10.03 23.09
CA PHE B 508 -25.88 -10.87 22.42
C PHE B 508 -26.50 -10.17 21.21
N ILE B 509 -26.69 -8.85 21.28
CA ILE B 509 -27.37 -8.17 20.18
C ILE B 509 -26.54 -8.25 18.92
N ALA B 510 -25.25 -7.96 19.02
CA ALA B 510 -24.35 -8.26 17.92
C ALA B 510 -24.30 -9.77 17.68
N GLY B 511 -24.28 -10.55 18.76
CA GLY B 511 -24.32 -11.99 18.63
C GLY B 511 -25.54 -12.46 17.86
N PHE B 512 -26.73 -12.01 18.27
CA PHE B 512 -27.96 -12.40 17.59
C PHE B 512 -27.91 -11.95 16.14
N GLU B 513 -27.11 -10.92 15.85
CA GLU B 513 -26.97 -10.45 14.48
C GLU B 513 -26.14 -11.39 13.64
N ARG B 514 -25.07 -11.94 14.22
CA ARG B 514 -24.08 -12.66 13.42
C ARG B 514 -24.62 -13.98 12.89
N ARG B 515 -25.16 -14.82 13.77
CA ARG B 515 -25.74 -16.10 13.33
C ARG B 515 -26.82 -15.85 12.28
N MET B 516 -27.59 -14.78 12.46
CA MET B 516 -28.53 -14.28 11.47
C MET B 516 -27.90 -14.03 10.09
N GLU B 517 -26.57 -14.03 10.00
CA GLU B 517 -25.91 -13.93 8.72
C GLU B 517 -25.14 -15.20 8.38
N GLN B 518 -25.59 -16.33 8.90
CA GLN B 518 -25.06 -17.64 8.54
C GLN B 518 -25.76 -18.13 7.28
N GLU B 519 -24.99 -18.78 6.40
CA GLU B 519 -25.48 -19.20 5.09
C GLU B 519 -25.91 -20.66 5.16
N VAL B 520 -27.17 -20.94 4.86
CA VAL B 520 -27.62 -22.30 4.64
C VAL B 520 -28.51 -22.34 3.40
N THR B 521 -28.71 -23.55 2.90
CA THR B 521 -29.47 -23.77 1.69
C THR B 521 -30.96 -23.65 1.93
N HIS B 522 -31.69 -23.44 0.86
CA HIS B 522 -33.14 -23.58 0.87
C HIS B 522 -33.52 -24.90 0.22
N PRO B 523 -34.46 -25.66 0.79
CA PRO B 523 -34.63 -27.06 0.34
C PRO B 523 -34.92 -27.20 -1.15
N ILE B 524 -35.64 -26.24 -1.72
CA ILE B 524 -36.13 -26.38 -3.08
C ILE B 524 -35.00 -26.30 -4.09
N PHE B 525 -34.02 -25.41 -3.89
CA PHE B 525 -32.91 -25.30 -4.83
C PHE B 525 -31.54 -25.49 -4.20
N LYS B 526 -31.47 -25.73 -2.89
CA LYS B 526 -30.21 -25.92 -2.17
C LYS B 526 -29.28 -24.72 -2.26
N TYR B 527 -29.77 -23.58 -2.76
CA TYR B 527 -28.94 -22.40 -2.89
C TYR B 527 -28.79 -21.73 -1.54
N THR B 528 -27.55 -21.66 -1.06
CA THR B 528 -27.24 -21.18 0.28
C THR B 528 -27.51 -19.69 0.36
N ILE B 529 -28.29 -19.31 1.38
CA ILE B 529 -28.74 -17.94 1.56
C ILE B 529 -28.79 -17.64 3.05
N SER B 530 -28.24 -16.51 3.45
CA SER B 530 -28.08 -16.23 4.87
C SER B 530 -29.44 -16.11 5.53
N TYR B 531 -29.43 -16.16 6.86
CA TYR B 531 -30.68 -16.31 7.59
C TYR B 531 -31.61 -15.13 7.38
N ARG B 532 -31.08 -13.90 7.39
CA ARG B 532 -31.90 -12.77 6.96
C ARG B 532 -32.37 -12.97 5.54
N ARG B 533 -31.48 -13.45 4.67
CA ARG B 533 -31.80 -13.51 3.26
C ARG B 533 -32.69 -14.71 2.95
N LEU B 534 -32.71 -15.72 3.82
CA LEU B 534 -33.65 -16.82 3.63
C LEU B 534 -35.03 -16.44 4.13
N LEU B 535 -35.12 -15.39 4.96
CA LEU B 535 -36.41 -14.95 5.46
C LEU B 535 -37.35 -14.52 4.34
N GLU B 536 -36.82 -13.78 3.37
CA GLU B 536 -37.69 -13.27 2.31
C GLU B 536 -38.03 -14.35 1.31
N VAL B 537 -37.17 -15.36 1.17
CA VAL B 537 -37.42 -16.46 0.24
C VAL B 537 -38.65 -17.24 0.65
N GLN B 538 -38.71 -17.66 1.92
CA GLN B 538 -39.88 -18.36 2.42
C GLN B 538 -41.12 -17.47 2.38
N ALA B 539 -40.93 -16.14 2.41
CA ALA B 539 -42.04 -15.20 2.36
C ALA B 539 -42.64 -15.13 0.96
N ARG B 540 -41.81 -15.20 -0.07
CA ARG B 540 -42.33 -15.21 -1.43
C ARG B 540 -43.17 -16.46 -1.69
N LEU B 541 -42.78 -17.58 -1.09
CA LEU B 541 -43.59 -18.79 -1.21
C LEU B 541 -45.00 -18.54 -0.72
N LEU B 542 -45.17 -17.62 0.24
CA LEU B 542 -46.51 -17.30 0.72
C LEU B 542 -47.33 -16.60 -0.35
N THR B 543 -46.95 -15.39 -0.74
CA THR B 543 -47.80 -14.58 -1.60
C THR B 543 -48.11 -15.31 -2.90
N ARG B 544 -47.20 -16.17 -3.34
CA ARG B 544 -47.47 -17.07 -4.45
C ARG B 544 -48.38 -18.22 -4.06
N TYR B 545 -48.18 -18.83 -2.89
CA TYR B 545 -49.19 -19.73 -2.36
C TYR B 545 -50.44 -18.95 -1.99
N LEU B 546 -50.27 -17.68 -1.61
CA LEU B 546 -51.39 -16.79 -1.39
C LEU B 546 -51.97 -16.32 -2.71
N SER B 547 -51.16 -16.30 -3.76
CA SER B 547 -51.73 -16.26 -5.10
C SER B 547 -52.11 -17.64 -5.59
N GLY B 548 -51.92 -18.66 -4.76
CA GLY B 548 -52.20 -20.02 -5.16
C GLY B 548 -51.22 -20.57 -6.16
N GLU B 549 -50.12 -19.87 -6.42
CA GLU B 549 -49.18 -20.31 -7.43
C GLU B 549 -48.56 -21.65 -7.06
N ILE B 550 -48.09 -21.80 -5.83
CA ILE B 550 -47.62 -23.09 -5.34
C ILE B 550 -48.77 -23.74 -4.58
N PRO B 551 -49.22 -24.92 -4.99
CA PRO B 551 -50.31 -25.57 -4.24
C PRO B 551 -49.89 -25.94 -2.84
N ALA B 552 -48.80 -26.68 -2.70
CA ALA B 552 -48.26 -26.98 -1.39
C ALA B 552 -47.47 -25.78 -0.89
N TYR B 553 -47.04 -25.84 0.37
CA TYR B 553 -46.18 -24.81 0.95
C TYR B 553 -44.88 -25.46 1.42
N PRO B 554 -43.81 -25.31 0.66
CA PRO B 554 -42.50 -25.79 1.14
C PRO B 554 -42.10 -25.08 2.43
N ASN B 555 -41.43 -25.83 3.32
CA ASN B 555 -41.40 -25.49 4.74
C ASN B 555 -40.00 -25.26 5.28
N PHE B 556 -38.97 -25.89 4.71
CA PHE B 556 -37.63 -25.93 5.29
C PHE B 556 -37.69 -26.23 6.79
N VAL B 557 -38.37 -27.32 7.10
CA VAL B 557 -38.20 -27.94 8.40
C VAL B 557 -36.78 -28.49 8.46
N THR B 558 -36.10 -28.29 9.58
CA THR B 558 -34.75 -28.84 9.70
C THR B 558 -34.71 -29.82 10.84
N GLY C 221 -61.81 11.55 21.74
CA GLY C 221 -61.43 12.90 22.09
C GLY C 221 -61.04 13.76 20.90
N LEU C 222 -60.81 15.04 21.15
CA LEU C 222 -60.42 15.96 20.08
C LEU C 222 -58.97 15.66 19.67
N PRO C 223 -58.67 15.63 18.37
CA PRO C 223 -57.28 15.42 17.93
C PRO C 223 -56.44 16.65 18.23
N LEU C 224 -55.55 16.51 19.21
CA LEU C 224 -54.69 17.62 19.59
C LEU C 224 -53.70 17.93 18.48
N TYR C 225 -53.47 19.22 18.26
CA TYR C 225 -52.55 19.68 17.23
C TYR C 225 -51.45 20.50 17.89
N VAL C 226 -50.21 20.12 17.64
CA VAL C 226 -49.05 20.88 18.11
C VAL C 226 -48.87 22.05 17.15
N GLN C 227 -49.09 23.27 17.64
CA GLN C 227 -49.29 24.40 16.74
C GLN C 227 -47.98 24.94 16.16
N SER C 228 -47.12 25.49 17.01
CA SER C 228 -45.90 26.15 16.52
C SER C 228 -44.75 25.15 16.41
N PRO C 229 -44.04 25.09 15.27
CA PRO C 229 -42.95 24.12 15.14
C PRO C 229 -41.71 24.51 15.96
N LYS C 230 -41.90 24.83 17.23
CA LYS C 230 -40.81 25.20 18.12
C LYS C 230 -40.96 24.67 19.54
N ALA C 231 -42.17 24.28 19.95
CA ALA C 231 -42.47 24.01 21.34
C ALA C 231 -41.92 22.66 21.76
N TYR C 232 -42.36 22.18 22.93
CA TYR C 232 -41.83 20.96 23.55
C TYR C 232 -43.00 20.13 24.03
N VAL C 233 -43.08 18.88 23.58
CA VAL C 233 -44.17 17.99 23.95
C VAL C 233 -43.67 16.96 24.94
N ARG C 234 -44.42 16.79 26.02
CA ARG C 234 -43.98 15.97 27.15
C ARG C 234 -45.21 15.34 27.79
N LYS C 235 -44.97 14.28 28.57
CA LYS C 235 -46.03 13.54 29.27
C LYS C 235 -45.84 13.71 30.77
N ASP C 236 -46.55 14.67 31.36
CA ASP C 236 -46.58 14.84 32.81
C ASP C 236 -47.87 14.24 33.34
N GLY C 237 -47.75 13.30 34.26
CA GLY C 237 -48.92 12.58 34.72
C GLY C 237 -49.58 11.82 33.58
N ASP C 238 -50.90 11.82 33.58
CA ASP C 238 -51.69 11.21 32.51
C ASP C 238 -52.04 12.23 31.44
N CYS C 239 -51.17 13.22 31.25
CA CYS C 239 -51.46 14.35 30.37
C CYS C 239 -50.27 14.61 29.47
N LEU C 240 -50.50 14.67 28.16
CA LEU C 240 -49.46 15.09 27.21
C LEU C 240 -49.44 16.61 27.14
N VAL C 241 -48.97 17.22 28.24
CA VAL C 241 -48.89 18.67 28.30
C VAL C 241 -47.74 19.14 27.42
N ILE C 242 -48.06 19.98 26.45
CA ILE C 242 -47.05 20.56 25.58
C ILE C 242 -46.52 21.83 26.23
N GLU C 243 -45.31 22.21 25.85
CA GLU C 243 -44.64 23.35 26.47
C GLU C 243 -43.88 24.14 25.42
N GLU C 244 -43.93 25.46 25.51
CA GLU C 244 -42.97 26.31 24.83
C GLU C 244 -41.70 26.33 25.67
N GLU C 245 -40.83 27.31 25.42
CA GLU C 245 -39.54 27.35 26.10
C GLU C 245 -39.75 27.47 27.61
N ARG C 246 -39.56 26.36 28.31
CA ARG C 246 -39.68 26.30 29.77
C ARG C 246 -40.99 26.93 30.26
N VAL C 247 -42.08 26.66 29.55
CA VAL C 247 -43.39 27.16 29.96
C VAL C 247 -44.48 26.22 29.46
N ARG C 248 -45.33 25.77 30.39
CA ARG C 248 -46.50 24.98 30.06
C ARG C 248 -47.49 25.80 29.23
N VAL C 249 -47.95 25.23 28.12
CA VAL C 249 -48.83 25.97 27.22
C VAL C 249 -50.15 25.27 26.92
N ALA C 250 -50.24 23.94 26.97
CA ALA C 250 -51.52 23.29 26.68
C ALA C 250 -51.53 21.88 27.26
N GLU C 251 -52.75 21.38 27.48
CA GLU C 251 -52.99 20.11 28.15
C GLU C 251 -53.80 19.21 27.22
N ALA C 252 -53.43 17.93 27.16
CA ALA C 252 -53.97 17.02 26.15
C ALA C 252 -55.09 16.12 26.66
N ARG C 253 -55.07 15.74 27.94
CA ARG C 253 -56.09 14.86 28.55
C ARG C 253 -56.15 13.51 27.83
N LEU C 254 -55.06 12.75 28.01
CA LEU C 254 -54.88 11.45 27.36
C LEU C 254 -56.10 10.53 27.49
N GLY C 255 -56.89 10.66 28.56
CA GLY C 255 -58.03 9.78 28.72
C GLY C 255 -59.01 9.88 27.56
N GLU C 256 -59.30 11.10 27.12
CA GLU C 256 -60.07 11.34 25.91
C GLU C 256 -59.11 12.10 24.98
N THR C 257 -58.28 11.35 24.26
CA THR C 257 -57.28 11.95 23.40
C THR C 257 -57.32 11.27 22.04
N SER C 258 -56.59 11.84 21.09
CA SER C 258 -56.56 11.34 19.73
C SER C 258 -55.17 11.64 19.16
N GLN C 259 -55.07 11.59 17.83
CA GLN C 259 -53.80 11.83 17.15
C GLN C 259 -53.22 13.19 17.53
N VAL C 260 -51.90 13.26 17.60
CA VAL C 260 -51.17 14.49 17.84
C VAL C 260 -50.43 14.86 16.57
N ALA C 261 -50.69 16.08 16.09
CA ALA C 261 -50.15 16.52 14.80
C ALA C 261 -48.78 17.12 15.00
N LEU C 262 -47.74 16.40 14.60
CA LEU C 262 -46.36 16.83 14.79
C LEU C 262 -45.91 17.60 13.56
N PHE C 263 -45.90 18.92 13.65
CA PHE C 263 -45.56 19.77 12.52
C PHE C 263 -44.04 19.78 12.33
N GLY C 264 -43.56 20.74 11.54
CA GLY C 264 -42.23 20.69 10.93
C GLY C 264 -41.09 20.17 11.76
N ASN C 265 -40.77 20.88 12.85
CA ASN C 265 -39.69 20.44 13.71
C ASN C 265 -40.09 20.54 15.18
N ALA C 266 -41.39 20.53 15.45
CA ALA C 266 -41.90 20.36 16.80
C ALA C 266 -41.93 18.88 17.13
N THR C 267 -41.42 18.52 18.31
CA THR C 267 -41.18 17.14 18.66
C THR C 267 -41.76 16.81 20.03
N LEU C 268 -41.93 15.51 20.29
CA LEU C 268 -42.38 15.02 21.58
C LEU C 268 -41.32 14.14 22.19
N THR C 269 -41.52 13.76 23.45
CA THR C 269 -40.55 12.92 24.14
C THR C 269 -40.77 11.45 23.81
N THR C 270 -39.69 10.66 23.90
CA THR C 270 -39.81 9.22 23.80
C THR C 270 -40.22 8.66 25.16
N ALA C 271 -41.17 9.32 25.78
CA ALA C 271 -42.01 8.82 26.85
C ALA C 271 -43.47 9.10 26.57
N ALA C 272 -43.78 10.29 26.06
CA ALA C 272 -45.10 10.54 25.51
C ALA C 272 -45.32 9.68 24.27
N LEU C 273 -44.31 9.59 23.41
CA LEU C 273 -44.38 8.66 22.30
C LEU C 273 -44.47 7.23 22.78
N HIS C 274 -43.56 6.82 23.65
CA HIS C 274 -43.61 5.46 24.15
C HIS C 274 -44.80 5.19 25.05
N GLU C 275 -45.57 6.19 25.47
CA GLU C 275 -46.87 5.93 26.09
C GLU C 275 -47.99 5.91 25.06
N CYS C 276 -47.96 6.85 24.10
CA CYS C 276 -48.96 6.86 23.04
C CYS C 276 -48.91 5.57 22.23
N LEU C 277 -47.71 5.07 21.96
CA LEU C 277 -47.58 3.78 21.27
C LEU C 277 -48.18 2.66 22.10
N ARG C 278 -48.25 2.84 23.42
CA ARG C 278 -48.82 1.80 24.27
C ARG C 278 -50.34 1.79 24.23
N ARG C 279 -50.97 2.96 24.18
CA ARG C 279 -52.40 3.09 24.37
C ARG C 279 -53.19 3.11 23.06
N GLU C 280 -52.57 2.73 21.95
CA GLU C 280 -53.19 2.79 20.63
C GLU C 280 -53.68 4.20 20.31
N ILE C 281 -52.84 5.17 20.62
CA ILE C 281 -53.08 6.57 20.32
C ILE C 281 -52.09 7.01 19.24
N PRO C 282 -52.58 7.43 18.07
CA PRO C 282 -51.67 7.72 16.95
C PRO C 282 -50.84 8.99 17.17
N VAL C 283 -49.68 9.02 16.53
CA VAL C 283 -48.77 10.17 16.56
C VAL C 283 -48.37 10.48 15.12
N THR C 284 -48.94 11.54 14.56
CA THR C 284 -48.74 11.90 13.17
C THR C 284 -47.75 13.05 13.06
N TRP C 285 -47.14 13.18 11.88
CA TRP C 285 -45.96 14.02 11.68
C TRP C 285 -46.15 14.88 10.45
N LEU C 286 -45.78 16.16 10.56
CA LEU C 286 -46.06 17.15 9.55
C LEU C 286 -44.82 18.00 9.30
N SER C 287 -44.73 18.62 8.13
CA SER C 287 -43.66 19.56 7.87
C SER C 287 -44.07 20.95 8.35
N TYR C 288 -43.23 21.94 8.07
CA TYR C 288 -43.44 23.28 8.61
C TYR C 288 -44.76 23.86 8.14
N GLY C 289 -44.95 23.92 6.82
CA GLY C 289 -46.23 24.36 6.31
C GLY C 289 -47.34 23.38 6.65
N GLY C 290 -46.97 22.12 6.88
CA GLY C 290 -47.93 21.11 7.27
C GLY C 290 -47.78 19.84 6.45
N TRP C 291 -46.74 19.77 5.63
CA TRP C 291 -46.58 18.62 4.74
C TRP C 291 -46.23 17.37 5.53
N PHE C 292 -46.78 16.24 5.12
CA PHE C 292 -46.74 15.01 5.89
C PHE C 292 -45.43 14.25 5.69
N MET C 293 -44.59 14.23 6.72
CA MET C 293 -43.66 13.13 6.88
C MET C 293 -44.44 11.95 7.44
N GLY C 294 -43.87 10.76 7.31
CA GLY C 294 -44.56 9.53 7.69
C GLY C 294 -45.10 9.52 9.11
N HIS C 295 -45.96 8.56 9.41
CA HIS C 295 -46.66 8.49 10.68
C HIS C 295 -45.86 7.65 11.67
N THR C 296 -46.40 7.44 12.87
CA THR C 296 -45.86 6.51 13.86
C THR C 296 -47.05 5.73 14.45
N VAL C 297 -47.07 4.42 14.20
CA VAL C 297 -48.24 3.61 14.51
C VAL C 297 -48.00 2.80 15.77
N SER C 298 -49.07 2.49 16.49
CA SER C 298 -49.01 1.54 17.60
C SER C 298 -49.31 0.14 17.09
N THR C 299 -48.58 -0.84 17.61
CA THR C 299 -48.77 -2.23 17.19
C THR C 299 -49.87 -2.89 18.01
N GLY C 300 -51.04 -2.26 18.06
CA GLY C 300 -52.13 -2.72 18.88
C GLY C 300 -52.96 -3.78 18.21
N HIS C 301 -54.05 -4.15 18.89
CA HIS C 301 -55.09 -4.97 18.29
C HIS C 301 -56.42 -4.23 18.33
N ARG C 302 -56.38 -2.93 18.02
CA ARG C 302 -57.55 -2.08 17.96
C ARG C 302 -57.74 -1.45 16.59
N ASN C 303 -56.67 -0.90 16.02
CA ASN C 303 -56.78 -0.22 14.74
C ASN C 303 -56.96 -1.22 13.60
N VAL C 304 -56.29 -2.37 13.68
CA VAL C 304 -56.45 -3.39 12.65
C VAL C 304 -57.87 -3.91 12.58
N GLU C 305 -58.54 -3.98 13.73
CA GLU C 305 -59.93 -4.43 13.77
C GLU C 305 -60.78 -3.62 12.81
N THR C 306 -60.69 -2.30 12.91
CA THR C 306 -61.39 -1.43 11.97
C THR C 306 -60.90 -1.68 10.55
N ARG C 307 -59.59 -1.84 10.37
CA ARG C 307 -59.10 -2.26 9.05
C ARG C 307 -59.67 -3.60 8.65
N THR C 308 -59.67 -4.57 9.56
CA THR C 308 -60.39 -5.81 9.28
C THR C 308 -61.85 -5.50 9.01
N TYR C 309 -62.45 -4.66 9.86
CA TYR C 309 -63.80 -4.18 9.57
C TYR C 309 -63.83 -3.46 8.23
N GLN C 310 -62.84 -2.61 7.99
CA GLN C 310 -62.70 -1.99 6.68
C GLN C 310 -62.60 -3.04 5.60
N TYR C 311 -61.69 -3.99 5.78
CA TYR C 311 -61.49 -5.00 4.78
C TYR C 311 -62.58 -6.04 4.77
N GLN C 312 -63.25 -6.28 5.89
CA GLN C 312 -64.39 -7.19 5.86
C GLN C 312 -65.57 -6.57 5.11
N ARG C 313 -65.86 -5.29 5.36
CA ARG C 313 -66.99 -4.65 4.71
C ARG C 313 -66.68 -4.23 3.29
N SER C 314 -65.39 -4.12 2.95
CA SER C 314 -65.02 -3.59 1.64
C SER C 314 -65.54 -4.47 0.52
N PHE C 315 -65.40 -5.78 0.66
CA PHE C 315 -65.85 -6.70 -0.38
C PHE C 315 -67.34 -6.99 -0.30
N ASP C 316 -68.03 -6.40 0.67
CA ASP C 316 -69.46 -6.64 0.84
C ASP C 316 -70.23 -5.72 -0.09
N PRO C 317 -70.75 -6.22 -1.21
CA PRO C 317 -71.38 -5.33 -2.19
C PRO C 317 -72.55 -4.54 -1.62
N GLU C 318 -73.28 -5.12 -0.67
CA GLU C 318 -74.39 -4.42 -0.05
C GLU C 318 -73.91 -3.16 0.65
N THR C 319 -73.16 -3.32 1.74
CA THR C 319 -72.74 -2.16 2.51
C THR C 319 -71.89 -1.24 1.64
N CYS C 320 -71.13 -1.82 0.70
CA CYS C 320 -70.54 -1.02 -0.36
C CYS C 320 -71.55 -0.08 -0.98
N LEU C 321 -72.58 -0.64 -1.60
CA LEU C 321 -73.61 0.19 -2.20
C LEU C 321 -74.42 0.92 -1.14
N ASN C 322 -74.57 0.32 0.05
CA ASN C 322 -75.17 1.03 1.15
C ASN C 322 -74.34 2.24 1.54
N LEU C 323 -73.03 2.05 1.68
CA LEU C 323 -72.14 3.20 1.76
C LEU C 323 -72.28 4.06 0.52
N ALA C 324 -72.18 3.44 -0.66
CA ALA C 324 -72.08 4.17 -1.91
C ALA C 324 -73.23 5.16 -2.09
N ARG C 325 -74.46 4.70 -1.89
CA ARG C 325 -75.60 5.57 -2.15
C ARG C 325 -75.66 6.73 -1.15
N ARG C 326 -75.03 6.56 0.02
CA ARG C 326 -75.12 7.61 1.03
C ARG C 326 -74.30 8.83 0.65
N TRP C 327 -73.12 8.65 0.05
CA TRP C 327 -72.34 9.83 -0.31
C TRP C 327 -73.00 10.58 -1.47
N ILE C 328 -73.41 9.85 -2.50
CA ILE C 328 -73.79 10.48 -3.76
C ILE C 328 -74.94 11.45 -3.55
N VAL C 329 -75.86 11.13 -2.63
CA VAL C 329 -76.91 12.08 -2.29
C VAL C 329 -76.32 13.25 -1.51
N ALA C 330 -75.37 12.98 -0.62
CA ALA C 330 -74.75 14.06 0.14
C ALA C 330 -74.01 15.01 -0.79
N LYS C 331 -73.33 14.47 -1.79
CA LYS C 331 -72.68 15.33 -2.78
C LYS C 331 -73.71 16.08 -3.61
N ILE C 332 -74.77 15.38 -4.05
CA ILE C 332 -75.77 16.00 -4.91
C ILE C 332 -76.59 17.03 -4.13
N ALA C 333 -76.99 16.69 -2.91
CA ALA C 333 -77.79 17.61 -2.10
C ALA C 333 -77.00 18.88 -1.78
N ASN C 334 -75.70 18.72 -1.53
CA ASN C 334 -74.91 19.89 -1.13
C ASN C 334 -74.65 20.81 -2.32
N CYS C 335 -74.67 20.26 -3.54
CA CYS C 335 -74.42 21.08 -4.72
C CYS C 335 -75.43 22.20 -4.87
N ARG C 336 -76.72 21.88 -4.74
CA ARG C 336 -77.75 22.91 -4.86
C ARG C 336 -77.71 23.88 -3.69
N THR C 337 -76.96 23.54 -2.64
CA THR C 337 -76.69 24.50 -1.57
C THR C 337 -75.67 25.54 -2.02
N LEU C 338 -74.61 25.11 -2.71
CA LEU C 338 -73.63 26.06 -3.24
C LEU C 338 -74.26 26.98 -4.28
N LEU C 339 -75.06 26.42 -5.17
CA LEU C 339 -75.93 27.25 -5.98
C LEU C 339 -76.94 27.90 -5.06
N ARG C 340 -77.42 29.09 -5.43
CA ARG C 340 -78.62 29.60 -4.78
C ARG C 340 -78.37 29.76 -3.28
N ARG C 341 -77.76 30.89 -2.87
CA ARG C 341 -76.72 30.98 -1.83
C ARG C 341 -75.34 30.61 -2.34
N ASN C 342 -74.69 31.58 -2.99
CA ASN C 342 -73.44 31.57 -3.77
C ASN C 342 -73.69 31.26 -5.24
N TRP C 343 -74.93 31.20 -5.68
CA TRP C 343 -75.28 31.68 -7.00
C TRP C 343 -75.67 33.15 -6.85
N ARG C 344 -74.90 34.03 -7.48
CA ARG C 344 -75.21 35.45 -7.40
C ARG C 344 -75.33 36.08 -8.78
N GLY C 345 -75.45 35.26 -9.83
CA GLY C 345 -75.75 35.76 -11.15
C GLY C 345 -77.23 36.04 -11.27
N GLU C 346 -77.66 37.18 -10.73
CA GLU C 346 -79.09 37.46 -10.60
C GLU C 346 -79.76 37.65 -11.96
N GLY C 347 -79.40 38.70 -12.68
CA GLY C 347 -80.08 39.04 -13.91
C GLY C 347 -81.48 39.54 -13.60
N ASP C 348 -82.33 38.61 -13.17
CA ASP C 348 -83.59 38.89 -12.50
C ASP C 348 -83.65 38.26 -11.12
N GLU C 349 -83.18 37.02 -11.00
CA GLU C 349 -82.94 36.42 -9.69
C GLU C 349 -81.83 35.39 -9.84
N ALA C 350 -80.89 35.41 -8.91
CA ALA C 350 -79.83 34.40 -8.92
C ALA C 350 -80.29 33.09 -8.32
N LYS C 351 -81.49 33.08 -7.72
CA LYS C 351 -82.09 31.84 -7.26
C LYS C 351 -82.02 30.80 -8.37
N ALA C 352 -81.38 29.68 -8.07
CA ALA C 352 -81.20 28.65 -9.07
C ALA C 352 -82.55 28.25 -9.63
N PRO C 353 -82.67 28.14 -10.95
CA PRO C 353 -83.96 27.90 -11.59
C PRO C 353 -84.70 26.77 -10.90
N PRO C 354 -85.98 26.97 -10.58
CA PRO C 354 -86.74 25.91 -9.88
C PRO C 354 -86.75 24.60 -10.63
N GLY C 355 -86.85 24.61 -11.96
CA GLY C 355 -86.67 23.38 -12.72
C GLY C 355 -85.28 22.82 -12.58
N LEU C 356 -84.29 23.70 -12.48
CA LEU C 356 -82.92 23.27 -12.22
C LEU C 356 -82.79 22.71 -10.81
N LEU C 357 -83.43 23.37 -9.83
CA LEU C 357 -83.35 22.89 -8.44
C LEU C 357 -84.07 21.57 -8.26
N MET C 358 -85.17 21.35 -8.96
CA MET C 358 -85.91 20.10 -8.80
C MET C 358 -85.24 18.93 -9.51
N SER C 359 -84.42 19.21 -10.52
CA SER C 359 -83.75 18.14 -11.25
C SER C 359 -82.84 17.33 -10.33
N LEU C 360 -82.10 18.02 -9.46
CA LEU C 360 -81.28 17.30 -8.48
C LEU C 360 -82.16 16.58 -7.47
N GLN C 361 -83.28 17.21 -7.07
CA GLN C 361 -84.23 16.54 -6.21
C GLN C 361 -84.78 15.28 -6.87
N ASP C 362 -85.08 15.38 -8.16
CA ASP C 362 -85.34 14.18 -8.97
C ASP C 362 -84.12 13.28 -9.04
N ASP C 363 -82.94 13.88 -9.21
CA ASP C 363 -81.72 13.08 -9.28
C ASP C 363 -81.44 12.40 -7.94
N MET C 364 -81.72 13.11 -6.83
CA MET C 364 -81.65 12.45 -5.53
C MET C 364 -82.68 11.34 -5.42
N ARG C 365 -83.85 11.53 -6.03
CA ARG C 365 -84.78 10.42 -6.17
C ARG C 365 -84.16 9.30 -7.00
N HIS C 366 -83.47 9.66 -8.09
CA HIS C 366 -82.70 8.69 -8.84
C HIS C 366 -81.68 8.01 -7.93
N ALA C 367 -81.03 8.80 -7.08
CA ALA C 367 -79.97 8.28 -6.22
C ALA C 367 -80.51 7.33 -5.15
N MET C 368 -81.73 7.58 -4.65
CA MET C 368 -82.31 6.71 -3.64
C MET C 368 -82.33 5.24 -4.06
N ARG C 369 -82.59 4.95 -5.33
CA ARG C 369 -82.47 3.58 -5.82
C ARG C 369 -81.67 3.62 -7.12
N ALA C 370 -80.37 3.48 -6.98
CA ALA C 370 -79.47 3.25 -8.11
C ALA C 370 -78.97 1.83 -7.94
N PRO C 371 -79.55 0.87 -8.64
CA PRO C 371 -79.35 -0.54 -8.26
C PRO C 371 -77.97 -1.08 -8.56
N SER C 372 -77.03 -0.21 -8.93
CA SER C 372 -75.66 -0.64 -9.17
C SER C 372 -74.73 0.54 -8.98
N LEU C 373 -73.44 0.24 -8.85
CA LEU C 373 -72.41 1.26 -8.88
C LEU C 373 -72.17 1.79 -10.28
N GLU C 374 -72.62 1.05 -11.30
CA GLU C 374 -72.67 1.52 -12.67
C GLU C 374 -73.89 2.36 -12.97
N VAL C 375 -75.04 2.02 -12.39
CA VAL C 375 -76.19 2.93 -12.42
C VAL C 375 -75.88 4.21 -11.66
N LEU C 376 -75.25 4.06 -10.48
CA LEU C 376 -74.79 5.23 -9.73
C LEU C 376 -73.89 6.11 -10.59
N LEU C 377 -73.00 5.49 -11.37
CA LEU C 377 -72.14 6.25 -12.28
C LEU C 377 -72.96 6.98 -13.34
N GLY C 378 -73.86 6.27 -14.01
CA GLY C 378 -74.64 6.90 -15.05
C GLY C 378 -75.52 8.02 -14.51
N ILE C 379 -76.06 7.84 -13.31
CA ILE C 379 -76.79 8.91 -12.65
C ILE C 379 -75.88 10.10 -12.40
N GLU C 380 -74.73 9.85 -11.78
CA GLU C 380 -73.82 10.95 -11.48
C GLU C 380 -73.09 11.42 -12.73
N GLY C 381 -72.81 10.50 -13.66
CA GLY C 381 -72.24 10.89 -14.93
C GLY C 381 -73.12 11.87 -15.67
N ALA C 382 -74.43 11.63 -15.65
CA ALA C 382 -75.37 12.66 -16.05
C ALA C 382 -75.29 13.85 -15.12
N SER C 383 -75.23 13.60 -13.81
CA SER C 383 -75.37 14.64 -12.80
C SER C 383 -74.15 15.53 -12.71
N ALA C 384 -73.07 15.20 -13.41
CA ALA C 384 -71.84 15.97 -13.33
C ALA C 384 -71.75 17.06 -14.39
N GLY C 385 -71.72 16.69 -15.67
CA GLY C 385 -71.42 17.67 -16.70
C GLY C 385 -72.43 18.80 -16.77
N ARG C 386 -73.66 18.54 -16.32
CA ARG C 386 -74.73 19.51 -16.48
C ARG C 386 -74.46 20.80 -15.72
N TYR C 387 -74.13 20.70 -14.43
CA TYR C 387 -73.89 21.89 -13.63
C TYR C 387 -72.47 22.42 -13.77
N PHE C 388 -71.64 21.75 -14.57
CA PHE C 388 -70.48 22.40 -15.14
C PHE C 388 -70.85 23.14 -16.41
N GLN C 389 -72.10 22.99 -16.85
CA GLN C 389 -72.69 23.90 -17.82
C GLN C 389 -73.48 25.01 -17.15
N HIS C 390 -73.33 25.16 -15.83
CA HIS C 390 -73.98 26.24 -15.09
C HIS C 390 -73.02 26.90 -14.11
N PHE C 391 -71.76 26.47 -14.08
CA PHE C 391 -70.82 26.94 -13.05
C PHE C 391 -70.54 28.43 -13.14
N SER C 392 -70.48 28.99 -14.36
CA SER C 392 -70.20 30.41 -14.49
C SER C 392 -71.26 31.27 -13.81
N ARG C 393 -72.50 30.80 -13.75
CA ARG C 393 -73.60 31.55 -13.16
C ARG C 393 -73.52 31.66 -11.65
N MET C 394 -72.63 30.92 -11.00
CA MET C 394 -72.33 31.12 -9.60
C MET C 394 -71.03 31.89 -9.39
N LEU C 395 -70.24 32.07 -10.45
CA LEU C 395 -68.85 32.48 -10.33
C LEU C 395 -68.68 33.91 -9.86
N ARG C 396 -69.17 34.86 -10.65
CA ARG C 396 -68.90 36.28 -10.42
C ARG C 396 -70.15 37.12 -10.41
N GLY C 397 -71.31 36.54 -10.10
CA GLY C 397 -72.55 37.24 -10.35
C GLY C 397 -72.69 37.61 -11.80
N GLY C 398 -72.08 36.84 -12.67
CA GLY C 398 -71.83 37.18 -14.05
C GLY C 398 -70.53 36.54 -14.50
N ASP C 399 -69.87 37.17 -15.47
CA ASP C 399 -68.65 36.64 -16.06
C ASP C 399 -67.48 37.58 -15.73
N GLY C 400 -66.55 37.08 -14.91
CA GLY C 400 -65.28 37.78 -14.74
C GLY C 400 -64.46 37.66 -16.01
N GLU C 401 -63.75 38.74 -16.35
CA GLU C 401 -62.93 38.76 -17.56
C GLU C 401 -61.88 37.65 -17.47
N GLY C 402 -62.03 36.62 -18.31
CA GLY C 402 -61.19 35.45 -18.21
C GLY C 402 -61.77 34.43 -17.25
N MET C 403 -62.18 34.89 -16.07
CA MET C 403 -62.76 34.00 -15.05
C MET C 403 -64.23 33.77 -15.40
N GLY C 404 -64.43 33.27 -16.62
CA GLY C 404 -65.73 32.80 -17.03
C GLY C 404 -65.59 31.34 -17.38
N PHE C 405 -66.21 30.47 -16.60
CA PHE C 405 -65.99 29.04 -16.75
C PHE C 405 -66.50 28.59 -18.11
N ASP C 406 -65.61 28.04 -18.92
CA ASP C 406 -66.05 27.27 -20.07
C ASP C 406 -66.82 26.05 -19.59
N PHE C 407 -68.07 25.91 -20.04
CA PHE C 407 -68.95 24.88 -19.52
C PHE C 407 -68.48 23.52 -20.03
N THR C 408 -67.39 23.04 -19.45
CA THR C 408 -66.57 21.99 -20.05
C THR C 408 -65.91 21.17 -18.95
N THR C 409 -64.81 20.49 -19.33
CA THR C 409 -64.14 19.48 -18.50
C THR C 409 -63.62 20.06 -17.19
N ARG C 410 -63.14 19.15 -16.32
CA ARG C 410 -62.61 19.44 -14.99
C ARG C 410 -61.08 19.27 -14.90
N ASN C 411 -60.30 19.54 -15.95
CA ASN C 411 -58.84 19.43 -15.90
C ASN C 411 -58.44 18.00 -15.50
N ARG C 412 -58.71 17.06 -16.42
CA ARG C 412 -58.46 15.68 -16.02
C ARG C 412 -56.96 15.39 -16.01
N ARG C 413 -56.33 15.25 -17.17
CA ARG C 413 -54.88 15.14 -17.27
C ARG C 413 -54.28 16.54 -17.40
N PRO C 414 -54.67 17.35 -18.39
CA PRO C 414 -54.20 18.73 -18.45
C PRO C 414 -55.24 19.69 -17.89
N PRO C 415 -54.83 20.85 -17.39
CA PRO C 415 -55.80 21.94 -17.20
C PRO C 415 -56.26 22.46 -18.56
N LYS C 416 -57.48 22.99 -18.58
CA LYS C 416 -58.05 23.52 -19.81
C LYS C 416 -58.70 24.89 -19.64
N ASP C 417 -58.62 25.49 -18.46
CA ASP C 417 -59.33 26.73 -18.19
C ASP C 417 -58.69 27.40 -16.97
N PRO C 418 -58.85 28.71 -16.82
CA PRO C 418 -58.49 29.36 -15.56
C PRO C 418 -59.17 28.69 -14.37
N VAL C 419 -60.43 28.30 -14.55
CA VAL C 419 -61.10 27.48 -13.56
C VAL C 419 -60.41 26.13 -13.43
N ASN C 420 -60.05 25.52 -14.57
CA ASN C 420 -59.37 24.23 -14.56
C ASN C 420 -57.95 24.32 -14.02
N ALA C 421 -57.45 25.52 -13.76
CA ALA C 421 -56.21 25.68 -13.01
C ALA C 421 -56.43 25.69 -11.50
N LEU C 422 -57.67 25.89 -11.05
CA LEU C 422 -58.03 25.86 -9.65
C LEU C 422 -58.83 24.63 -9.26
N LEU C 423 -59.38 23.91 -10.23
CA LEU C 423 -60.34 22.85 -9.92
C LEU C 423 -59.76 21.47 -10.22
N SER C 424 -58.43 21.37 -10.23
CA SER C 424 -57.74 20.13 -9.95
C SER C 424 -56.59 20.31 -8.98
N PHE C 425 -56.03 21.51 -8.88
CA PHE C 425 -55.10 21.84 -7.80
C PHE C 425 -55.78 21.77 -6.44
N ALA C 426 -56.99 22.33 -6.34
CA ALA C 426 -57.72 22.29 -5.08
C ALA C 426 -58.13 20.87 -4.73
N TYR C 427 -58.66 20.12 -5.71
CA TYR C 427 -59.02 18.72 -5.44
C TYR C 427 -57.80 17.92 -5.04
N ALA C 428 -56.67 18.13 -5.72
CA ALA C 428 -55.43 17.52 -5.26
C ALA C 428 -55.14 17.91 -3.82
N MET C 429 -55.56 19.12 -3.41
CA MET C 429 -55.38 19.51 -2.03
C MET C 429 -56.40 18.81 -1.13
N LEU C 430 -57.62 18.60 -1.61
CA LEU C 430 -58.61 17.88 -0.81
C LEU C 430 -58.27 16.40 -0.69
N THR C 431 -57.76 15.78 -1.76
CA THR C 431 -57.41 14.36 -1.69
C THR C 431 -56.40 14.09 -0.59
N ARG C 432 -55.63 15.11 -0.21
CA ARG C 432 -54.67 14.97 0.86
C ARG C 432 -55.35 14.59 2.17
N GLU C 433 -56.28 15.43 2.63
CA GLU C 433 -56.77 15.31 4.00
C GLU C 433 -57.66 14.09 4.16
N TRP C 434 -58.46 13.79 3.14
CA TRP C 434 -59.28 12.60 3.13
C TRP C 434 -58.46 11.33 3.00
N THR C 435 -57.13 11.44 2.97
CA THR C 435 -56.27 10.29 3.14
C THR C 435 -55.60 10.29 4.51
N VAL C 436 -55.14 11.45 4.96
CA VAL C 436 -54.48 11.54 6.26
C VAL C 436 -55.49 11.36 7.40
N ALA C 437 -56.68 11.94 7.26
CA ALA C 437 -57.72 11.77 8.28
C ALA C 437 -58.24 10.34 8.36
N LEU C 438 -57.93 9.52 7.37
CA LEU C 438 -58.39 8.13 7.30
C LEU C 438 -57.37 7.17 7.88
N ALA C 439 -56.10 7.37 7.58
CA ALA C 439 -55.05 6.69 8.32
C ALA C 439 -54.96 7.16 9.76
N ALA C 440 -55.58 8.30 10.10
CA ALA C 440 -55.60 8.80 11.46
C ALA C 440 -56.29 7.85 12.42
N VAL C 441 -57.10 6.93 11.91
CA VAL C 441 -57.64 5.83 12.69
C VAL C 441 -57.19 4.54 12.04
N GLY C 442 -57.63 3.42 12.60
CA GLY C 442 -57.21 2.13 12.08
C GLY C 442 -57.86 1.77 10.76
N LEU C 443 -57.77 2.66 9.78
CA LEU C 443 -58.35 2.43 8.46
C LEU C 443 -57.26 2.56 7.41
N ASP C 444 -57.06 1.50 6.64
CA ASP C 444 -56.20 1.60 5.47
C ASP C 444 -56.86 2.56 4.50
N PRO C 445 -56.32 3.77 4.34
CA PRO C 445 -57.02 4.79 3.56
C PRO C 445 -57.09 4.48 2.07
N TYR C 446 -56.72 3.27 1.66
CA TYR C 446 -56.51 2.92 0.27
C TYR C 446 -57.34 1.73 -0.19
N ARG C 447 -58.46 1.43 0.47
CA ARG C 447 -59.37 0.36 0.08
C ARG C 447 -60.80 0.89 0.15
N GLY C 448 -61.43 1.09 -1.02
CA GLY C 448 -62.67 1.82 -1.13
C GLY C 448 -63.85 1.00 -1.59
N PHE C 449 -65.05 1.39 -1.14
CA PHE C 449 -66.27 0.71 -1.56
C PHE C 449 -66.67 1.15 -2.96
N TYR C 450 -66.97 2.44 -3.14
CA TYR C 450 -67.49 2.95 -4.41
C TYR C 450 -66.47 2.78 -5.53
N HIS C 451 -65.35 3.49 -5.44
CA HIS C 451 -64.35 3.46 -6.51
C HIS C 451 -63.57 2.16 -6.40
N GLN C 452 -63.55 1.39 -7.47
CA GLN C 452 -62.79 0.15 -7.46
C GLN C 452 -61.31 0.47 -7.56
N PRO C 453 -60.48 -0.01 -6.62
CA PRO C 453 -59.06 0.32 -6.68
C PRO C 453 -58.40 -0.25 -7.92
N ARG C 454 -57.45 0.50 -8.44
CA ARG C 454 -56.71 0.12 -9.64
C ARG C 454 -55.22 0.32 -9.42
N PHE C 455 -54.73 -0.21 -8.30
CA PHE C 455 -53.30 -0.25 -8.00
C PHE C 455 -52.72 1.16 -7.90
N GLY C 456 -53.26 1.91 -6.95
CA GLY C 456 -52.77 3.26 -6.69
C GLY C 456 -53.85 4.31 -6.55
N ARG C 457 -55.10 3.88 -6.45
CA ARG C 457 -56.23 4.79 -6.35
C ARG C 457 -56.55 5.09 -4.89
N PRO C 458 -56.43 6.34 -4.42
CA PRO C 458 -56.95 6.66 -3.08
C PRO C 458 -58.46 6.67 -3.06
N ALA C 459 -59.07 5.56 -3.49
CA ALA C 459 -60.52 5.46 -3.65
C ALA C 459 -61.27 5.76 -2.36
N LEU C 460 -60.76 5.31 -1.22
CA LEU C 460 -61.38 5.60 0.07
C LEU C 460 -61.49 7.09 0.33
N ALA C 461 -60.45 7.85 0.03
CA ALA C 461 -60.59 9.31 0.03
C ALA C 461 -61.59 9.74 -1.04
N LEU C 462 -61.46 9.20 -2.25
CA LEU C 462 -62.32 9.58 -3.36
C LEU C 462 -63.78 9.30 -3.10
N ASP C 463 -64.09 8.11 -2.57
CA ASP C 463 -65.47 7.75 -2.32
C ASP C 463 -66.09 8.61 -1.23
N MET C 464 -65.29 9.30 -0.44
CA MET C 464 -65.73 9.91 0.81
C MET C 464 -65.36 11.37 0.94
N MET C 465 -64.52 11.88 0.03
CA MET C 465 -64.38 13.34 -0.10
C MET C 465 -65.56 13.95 -0.85
N GLU C 466 -66.45 13.11 -1.36
CA GLU C 466 -67.53 13.58 -2.23
C GLU C 466 -68.40 14.65 -1.60
N PRO C 467 -68.88 14.51 -0.35
CA PRO C 467 -69.68 15.60 0.25
C PRO C 467 -68.93 16.91 0.39
N PHE C 468 -67.63 16.89 0.72
CA PHE C 468 -66.82 18.10 0.74
C PHE C 468 -66.17 18.40 -0.60
N ARG C 469 -66.34 17.54 -1.60
CA ARG C 469 -65.89 17.89 -2.95
C ARG C 469 -66.44 19.24 -3.40
N PRO C 470 -67.72 19.59 -3.20
CA PRO C 470 -68.14 20.97 -3.46
C PRO C 470 -67.94 21.88 -2.25
N LEU C 471 -68.02 21.31 -1.06
CA LEU C 471 -68.21 22.11 0.14
C LEU C 471 -66.94 22.89 0.52
N ILE C 472 -65.76 22.36 0.15
CA ILE C 472 -64.53 23.07 0.45
C ILE C 472 -63.82 23.41 -0.85
N ALA C 473 -63.63 22.42 -1.71
CA ALA C 473 -62.88 22.58 -2.95
C ALA C 473 -63.48 23.59 -3.90
N ASP C 474 -64.76 23.89 -3.78
CA ASP C 474 -65.41 24.85 -4.68
C ASP C 474 -65.76 26.16 -4.00
N SER C 475 -66.03 26.15 -2.70
CA SER C 475 -66.18 27.44 -2.04
C SER C 475 -64.87 28.17 -1.92
N THR C 476 -63.78 27.41 -1.81
CA THR C 476 -62.45 28.00 -1.86
C THR C 476 -62.11 28.63 -3.19
N VAL C 477 -62.28 27.91 -4.30
CA VAL C 477 -62.02 28.49 -5.61
C VAL C 477 -63.00 29.62 -5.92
N LEU C 478 -64.24 29.52 -5.46
CA LEU C 478 -65.18 30.61 -5.67
C LEU C 478 -64.75 31.85 -4.93
N MET C 479 -64.70 31.79 -3.60
CA MET C 479 -64.23 32.94 -2.85
C MET C 479 -62.73 33.18 -3.03
N ALA C 480 -62.03 32.31 -3.76
CA ALA C 480 -60.77 32.74 -4.35
C ALA C 480 -61.00 33.79 -5.43
N ILE C 481 -62.16 33.76 -6.09
CA ILE C 481 -62.51 34.77 -7.08
C ILE C 481 -63.86 35.42 -6.83
N ASN C 482 -64.67 34.90 -5.90
CA ASN C 482 -65.94 35.55 -5.55
C ASN C 482 -65.69 36.93 -4.93
N ASN C 483 -64.64 37.04 -4.11
CA ASN C 483 -64.15 38.35 -3.68
C ASN C 483 -63.13 38.93 -4.65
N GLY C 484 -62.76 38.18 -5.68
CA GLY C 484 -61.89 38.71 -6.72
C GLY C 484 -60.41 38.60 -6.46
N GLU C 485 -59.98 37.67 -5.59
CA GLU C 485 -58.57 37.59 -5.25
C GLU C 485 -57.74 37.09 -6.44
N ILE C 486 -58.28 36.19 -7.24
CA ILE C 486 -57.53 35.54 -8.30
C ILE C 486 -58.01 36.07 -9.65
N ARG C 487 -57.05 36.45 -10.51
CA ARG C 487 -57.34 37.00 -11.82
C ARG C 487 -56.55 36.22 -12.87
N THR C 488 -56.67 36.67 -14.12
CA THR C 488 -56.01 35.99 -15.23
C THR C 488 -54.50 36.10 -15.18
N GLY C 489 -53.96 37.28 -14.85
CA GLY C 489 -52.52 37.45 -14.85
C GLY C 489 -51.80 36.63 -13.81
N ASP C 490 -52.51 36.17 -12.79
CA ASP C 490 -51.88 35.37 -11.74
C ASP C 490 -51.29 34.10 -12.30
N PHE C 491 -52.00 33.44 -13.20
CA PHE C 491 -51.56 32.22 -13.82
C PHE C 491 -51.12 32.46 -15.25
N VAL C 492 -50.31 31.53 -15.75
CA VAL C 492 -49.80 31.57 -17.11
C VAL C 492 -50.28 30.33 -17.83
N ARG C 493 -50.86 30.52 -19.01
CA ARG C 493 -51.40 29.42 -19.78
C ARG C 493 -50.25 28.64 -20.40
N SER C 494 -49.42 28.03 -19.56
CA SER C 494 -48.16 27.44 -19.98
C SER C 494 -48.32 25.92 -20.05
N ALA C 495 -48.20 25.38 -21.25
CA ALA C 495 -48.23 23.93 -21.48
C ALA C 495 -49.47 23.29 -20.89
N GLY C 496 -50.59 23.99 -20.99
CA GLY C 496 -51.83 23.50 -20.43
C GLY C 496 -52.83 24.64 -20.29
N GLY C 497 -53.81 24.42 -19.40
CA GLY C 497 -54.81 25.44 -19.16
C GLY C 497 -54.20 26.73 -18.65
N CYS C 498 -53.69 26.70 -17.41
CA CYS C 498 -53.03 27.86 -16.82
C CYS C 498 -52.03 27.35 -15.79
N ASN C 499 -51.20 28.26 -15.29
CA ASN C 499 -50.20 27.91 -14.29
C ASN C 499 -50.01 29.08 -13.33
N LEU C 500 -50.57 28.94 -12.13
CA LEU C 500 -50.60 30.03 -11.17
C LEU C 500 -49.21 30.39 -10.69
N THR C 501 -49.05 31.66 -10.34
CA THR C 501 -47.88 32.11 -9.63
C THR C 501 -47.85 31.47 -8.24
N ASP C 502 -46.65 31.30 -7.70
CA ASP C 502 -46.52 30.76 -6.36
C ASP C 502 -47.16 31.68 -5.33
N SER C 503 -46.97 32.99 -5.47
CA SER C 503 -47.64 33.92 -4.58
C SER C 503 -49.15 33.79 -4.70
N ALA C 504 -49.65 33.66 -5.94
CA ALA C 504 -51.04 33.28 -6.13
C ALA C 504 -51.30 31.91 -5.55
N ARG C 505 -50.37 30.97 -5.75
CA ARG C 505 -50.50 29.65 -5.15
C ARG C 505 -50.43 29.73 -3.62
N LYS C 506 -49.57 30.61 -3.11
CA LYS C 506 -49.53 30.83 -1.65
C LYS C 506 -50.84 31.41 -1.14
N ARG C 507 -51.36 32.43 -1.83
CA ARG C 507 -52.64 33.01 -1.42
C ARG C 507 -53.77 32.00 -1.56
N PHE C 508 -53.77 31.22 -2.63
CA PHE C 508 -54.77 30.18 -2.80
C PHE C 508 -54.70 29.15 -1.68
N ILE C 509 -53.50 28.67 -1.38
CA ILE C 509 -53.33 27.76 -0.24
C ILE C 509 -53.69 28.48 1.06
N ALA C 510 -53.27 29.74 1.19
CA ALA C 510 -53.77 30.56 2.29
C ALA C 510 -55.29 30.70 2.20
N GLY C 511 -55.79 30.98 1.00
CA GLY C 511 -57.22 30.95 0.80
C GLY C 511 -57.83 29.59 1.08
N PHE C 512 -57.09 28.52 0.76
CA PHE C 512 -57.53 27.19 1.16
C PHE C 512 -57.68 27.10 2.67
N GLU C 513 -56.78 27.74 3.41
CA GLU C 513 -56.85 27.70 4.86
C GLU C 513 -58.09 28.40 5.38
N ARG C 514 -58.48 29.53 4.77
CA ARG C 514 -59.66 30.26 5.23
C ARG C 514 -60.90 29.38 5.19
N ARG C 515 -61.10 28.66 4.08
CA ARG C 515 -62.17 27.67 4.04
C ARG C 515 -61.83 26.48 4.94
N MET C 516 -60.54 26.17 5.07
CA MET C 516 -60.16 24.96 5.80
C MET C 516 -60.47 25.12 7.28
N GLU C 517 -60.34 26.35 7.80
CA GLU C 517 -60.67 26.67 9.18
C GLU C 517 -62.02 27.35 9.35
N GLN C 518 -62.83 27.41 8.29
CA GLN C 518 -64.15 28.02 8.39
C GLN C 518 -65.00 27.23 9.38
N GLU C 519 -65.68 27.95 10.27
CA GLU C 519 -66.45 27.31 11.33
C GLU C 519 -67.65 26.56 10.76
N VAL C 520 -68.01 25.48 11.45
CA VAL C 520 -69.08 24.58 11.05
C VAL C 520 -69.65 23.97 12.33
N THR C 521 -70.78 23.27 12.21
CA THR C 521 -71.40 22.70 13.38
C THR C 521 -72.10 21.39 13.05
N HIS C 522 -72.34 20.60 14.09
CA HIS C 522 -73.14 19.37 14.08
C HIS C 522 -72.72 18.34 13.04
N PRO C 523 -71.59 17.66 13.22
CA PRO C 523 -71.30 16.49 12.39
C PRO C 523 -72.36 15.42 12.58
N ILE C 524 -72.51 14.97 13.83
CA ILE C 524 -73.64 14.14 14.22
C ILE C 524 -74.42 14.72 15.38
N PHE C 525 -73.78 15.43 16.31
CA PHE C 525 -74.46 16.14 17.38
C PHE C 525 -74.01 17.59 17.38
N LYS C 526 -74.82 18.46 17.96
CA LYS C 526 -74.50 19.87 18.01
C LYS C 526 -73.14 20.10 18.66
N TYR C 527 -72.19 20.52 17.83
CA TYR C 527 -70.87 21.00 18.26
C TYR C 527 -70.32 21.85 17.11
N THR C 528 -69.96 23.11 17.41
CA THR C 528 -69.34 24.01 16.43
C THR C 528 -67.81 23.85 16.48
N ILE C 529 -67.21 23.49 15.34
CA ILE C 529 -65.77 23.28 15.23
C ILE C 529 -65.29 23.78 13.88
N SER C 530 -63.99 23.59 13.64
CA SER C 530 -63.41 23.87 12.34
C SER C 530 -63.68 22.71 11.38
N TYR C 531 -63.45 22.98 10.09
CA TYR C 531 -63.60 21.94 9.08
C TYR C 531 -62.64 20.78 9.30
N ARG C 532 -61.41 21.05 9.74
CA ARG C 532 -60.48 19.98 10.05
C ARG C 532 -61.08 18.98 11.03
N ARG C 533 -61.44 19.47 12.23
CA ARG C 533 -62.05 18.60 13.22
C ARG C 533 -63.36 18.01 12.71
N LEU C 534 -64.02 18.73 11.79
CA LEU C 534 -65.13 18.14 11.06
C LEU C 534 -64.63 17.11 10.05
N LEU C 535 -63.52 17.41 9.38
CA LEU C 535 -62.98 16.53 8.35
C LEU C 535 -62.40 15.25 8.92
N GLU C 536 -62.23 15.14 10.23
CA GLU C 536 -61.81 13.90 10.87
C GLU C 536 -62.96 13.13 11.50
N VAL C 537 -63.99 13.82 11.98
CA VAL C 537 -65.03 13.18 12.76
C VAL C 537 -65.77 12.10 11.98
N GLN C 538 -65.82 12.22 10.66
CA GLN C 538 -66.59 11.25 9.88
C GLN C 538 -66.03 9.84 9.97
N ALA C 539 -64.71 9.68 9.89
CA ALA C 539 -64.14 8.35 9.77
C ALA C 539 -64.32 7.54 11.05
N ARG C 540 -64.25 8.22 12.21
CA ARG C 540 -64.51 7.51 13.45
C ARG C 540 -65.93 6.98 13.47
N LEU C 541 -66.91 7.81 13.08
CA LEU C 541 -68.26 7.33 12.88
C LEU C 541 -68.29 6.20 11.86
N LEU C 542 -67.42 6.28 10.85
CA LEU C 542 -67.35 5.23 9.86
C LEU C 542 -66.95 3.91 10.51
N THR C 543 -65.84 3.91 11.25
CA THR C 543 -65.44 2.70 11.96
C THR C 543 -66.50 2.28 12.96
N ARG C 544 -67.07 3.25 13.67
CA ARG C 544 -68.24 2.97 14.50
C ARG C 544 -69.38 2.43 13.67
N TYR C 545 -69.40 2.72 12.37
CA TYR C 545 -70.37 2.08 11.51
C TYR C 545 -69.82 0.77 10.97
N LEU C 546 -68.49 0.66 10.89
CA LEU C 546 -67.85 -0.63 10.65
C LEU C 546 -68.01 -1.56 11.83
N SER C 547 -69.21 -2.12 11.97
CA SER C 547 -69.55 -3.09 12.99
C SER C 547 -69.35 -2.53 14.39
N GLY C 548 -69.10 -1.23 14.49
CA GLY C 548 -69.04 -0.55 15.76
C GLY C 548 -70.43 -0.31 16.30
N GLU C 549 -70.55 0.75 17.11
CA GLU C 549 -71.83 1.02 17.75
C GLU C 549 -72.82 1.63 16.77
N ILE C 550 -72.35 2.44 15.84
CA ILE C 550 -73.27 3.08 14.89
C ILE C 550 -73.73 2.04 13.87
N PRO C 551 -75.03 1.77 13.75
CA PRO C 551 -75.50 0.82 12.75
C PRO C 551 -75.89 1.49 11.44
N ALA C 552 -76.03 2.81 11.47
CA ALA C 552 -76.43 3.59 10.30
C ALA C 552 -75.56 4.82 10.20
N TYR C 553 -74.80 4.93 9.13
CA TYR C 553 -73.77 5.95 9.05
C TYR C 553 -74.36 7.32 8.75
N PRO C 554 -74.18 8.31 9.62
CA PRO C 554 -74.67 9.65 9.33
C PRO C 554 -73.98 10.27 8.13
N ASN C 555 -74.72 11.09 7.39
CA ASN C 555 -74.24 11.61 6.11
C ASN C 555 -73.84 13.08 6.14
N PHE C 556 -74.38 13.88 7.07
CA PHE C 556 -73.99 15.28 7.26
C PHE C 556 -74.13 16.08 5.95
N VAL C 557 -75.38 16.23 5.54
CA VAL C 557 -75.73 17.16 4.47
C VAL C 557 -76.07 18.51 5.10
N THR C 558 -75.59 19.59 4.48
CA THR C 558 -75.88 20.93 4.97
C THR C 558 -77.17 21.45 4.34
N ASP D 5 53.57 -20.61 6.32
CA ASP D 5 53.84 -19.19 6.35
C ASP D 5 52.57 -18.36 6.14
N GLY D 6 52.69 -17.19 5.54
CA GLY D 6 51.56 -16.31 5.35
C GLY D 6 50.67 -16.71 4.19
N SER D 7 50.69 -18.00 3.85
CA SER D 7 49.89 -18.50 2.74
C SER D 7 48.41 -18.60 3.07
N ILE D 8 48.04 -18.70 4.35
CA ILE D 8 46.63 -18.81 4.73
C ILE D 8 46.41 -18.23 6.12
N PRO D 9 45.63 -17.15 6.24
CA PRO D 9 45.35 -16.56 7.55
C PRO D 9 44.12 -17.15 8.24
N LEU D 10 43.72 -16.53 9.35
CA LEU D 10 42.58 -17.01 10.12
C LEU D 10 41.27 -16.83 9.34
N ILE D 11 40.42 -17.85 9.37
CA ILE D 11 39.15 -17.83 8.64
C ILE D 11 38.06 -17.14 9.44
N PRO D 12 37.44 -16.08 8.91
CA PRO D 12 36.25 -15.51 9.56
C PRO D 12 35.12 -16.53 9.65
N VAL D 13 34.41 -16.50 10.78
CA VAL D 13 33.37 -17.49 11.01
C VAL D 13 32.19 -17.33 10.06
N ARG D 14 31.93 -16.13 9.58
CA ARG D 14 30.85 -15.95 8.61
C ARG D 14 31.16 -16.71 7.34
N MET D 15 32.40 -17.13 7.17
CA MET D 15 32.80 -17.83 5.96
C MET D 15 32.72 -19.35 6.12
N LEU D 16 32.43 -19.84 7.33
CA LEU D 16 32.39 -21.28 7.51
C LEU D 16 30.98 -21.84 7.29
N ASN D 17 29.97 -21.06 7.66
CA ASN D 17 28.59 -21.49 7.42
C ASN D 17 28.33 -21.70 5.94
N GLU D 18 28.87 -20.83 5.10
CA GLU D 18 28.66 -20.93 3.67
C GLU D 18 29.32 -22.18 3.08
N HIS D 19 30.33 -22.71 3.78
CA HIS D 19 31.08 -23.84 3.24
C HIS D 19 30.20 -25.08 3.13
N VAL D 20 29.37 -25.33 4.14
CA VAL D 20 28.47 -26.49 4.10
C VAL D 20 27.20 -26.22 3.32
N TYR D 21 26.98 -24.99 2.88
CA TYR D 21 25.83 -24.67 2.03
C TYR D 21 26.14 -25.01 0.57
N CYS D 22 27.29 -24.55 0.10
CA CYS D 22 27.84 -24.86 -1.21
C CYS D 22 29.33 -24.61 -1.24
N PRO D 23 30.12 -25.50 -1.87
CA PRO D 23 31.56 -25.25 -1.96
C PRO D 23 31.92 -24.17 -2.99
N ARG D 24 31.36 -24.26 -4.20
CA ARG D 24 31.58 -23.21 -5.18
C ARG D 24 31.17 -21.86 -4.63
N LEU D 25 30.07 -21.86 -3.89
CA LEU D 25 29.72 -20.71 -3.08
C LEU D 25 30.92 -20.23 -2.28
N ALA D 26 31.41 -21.08 -1.36
CA ALA D 26 32.26 -20.62 -0.27
C ALA D 26 33.62 -20.15 -0.74
N TYR D 27 34.29 -20.94 -1.60
CA TYR D 27 35.61 -20.54 -2.09
C TYR D 27 35.55 -19.12 -2.63
N LEU D 28 34.48 -18.79 -3.34
CA LEU D 28 34.34 -17.46 -3.86
C LEU D 28 34.23 -16.45 -2.72
N MET D 29 33.36 -16.71 -1.74
CA MET D 29 33.29 -15.77 -0.62
C MET D 29 34.60 -15.66 0.14
N TRP D 30 35.00 -16.70 0.87
CA TRP D 30 36.08 -16.53 1.84
C TRP D 30 37.33 -15.93 1.22
N VAL D 31 37.83 -16.53 0.15
CA VAL D 31 39.18 -16.20 -0.30
C VAL D 31 39.32 -14.72 -0.61
N GLN D 32 38.24 -14.05 -1.06
CA GLN D 32 38.24 -12.59 -1.16
C GLN D 32 36.85 -12.05 -1.53
N GLY D 33 36.36 -10.94 -0.90
CA GLY D 33 35.41 -9.86 -1.30
C GLY D 33 34.16 -9.67 -2.19
N GLU D 34 34.12 -8.69 -3.11
CA GLU D 34 33.05 -8.44 -4.12
C GLU D 34 31.64 -8.91 -3.66
N PHE D 35 31.16 -8.38 -2.55
CA PHE D 35 29.83 -8.80 -2.09
C PHE D 35 28.78 -7.73 -2.36
N SER D 36 27.52 -8.18 -2.45
CA SER D 36 26.38 -7.30 -2.63
C SER D 36 25.31 -7.69 -1.62
N HIS D 37 24.10 -7.17 -1.82
CA HIS D 37 23.07 -7.26 -0.79
C HIS D 37 21.75 -7.76 -1.39
N ASN D 38 21.16 -8.77 -0.74
CA ASN D 38 19.96 -9.39 -1.31
C ASN D 38 18.82 -9.30 -0.32
N GLU D 39 17.73 -9.98 -0.67
CA GLU D 39 16.54 -10.11 0.15
C GLU D 39 16.92 -10.40 1.59
N PHE D 40 17.80 -11.39 1.78
CA PHE D 40 18.14 -11.88 3.10
C PHE D 40 19.24 -11.03 3.74
N THR D 41 20.15 -10.52 2.89
CA THR D 41 21.31 -9.75 3.33
C THR D 41 21.02 -8.26 3.50
N VAL D 42 20.09 -7.68 2.72
CA VAL D 42 19.66 -6.33 3.10
C VAL D 42 18.97 -6.42 4.45
N ASP D 43 18.06 -7.39 4.60
CA ASP D 43 17.57 -7.75 5.92
C ASP D 43 18.71 -8.22 6.80
N GLY D 44 19.76 -8.77 6.19
CA GLY D 44 20.93 -9.19 6.95
C GLY D 44 21.54 -8.05 7.74
N VAL D 45 21.46 -6.84 7.20
CA VAL D 45 22.03 -5.69 7.90
C VAL D 45 20.97 -4.97 8.70
N ILE D 46 19.79 -4.74 8.10
CA ILE D 46 18.81 -3.85 8.70
C ILE D 46 18.45 -4.30 10.10
N ARG D 47 18.24 -5.59 10.30
CA ARG D 47 18.08 -6.09 11.66
C ARG D 47 19.35 -5.87 12.46
N HIS D 48 20.50 -6.01 11.81
CA HIS D 48 21.75 -6.04 12.54
C HIS D 48 22.18 -4.64 12.98
N ARG D 49 22.21 -3.67 12.05
CA ARG D 49 22.88 -2.41 12.35
C ARG D 49 22.09 -1.59 13.37
N ARG D 50 20.82 -1.93 13.59
CA ARG D 50 20.11 -1.31 14.69
C ARG D 50 20.45 -1.90 16.05
N VAL D 51 20.86 -3.17 16.12
CA VAL D 51 21.12 -3.79 17.42
C VAL D 51 22.54 -4.30 17.50
N ASP D 52 22.99 -5.02 16.48
CA ASP D 52 24.28 -5.68 16.52
C ASP D 52 25.44 -4.81 16.08
N ALA D 53 25.18 -3.70 15.39
CA ALA D 53 26.27 -2.76 15.08
C ALA D 53 26.72 -2.03 16.33
N GLY D 54 25.79 -1.71 17.23
CA GLY D 54 26.14 -1.03 18.46
C GLY D 54 26.71 -1.99 19.50
N GLY D 55 27.90 -1.67 19.98
CA GLY D 55 28.58 -2.51 20.94
C GLY D 55 27.96 -2.42 22.31
N GLY D 56 28.45 -3.28 23.20
CA GLY D 56 27.93 -3.34 24.56
C GLY D 56 29.04 -3.61 25.55
N VAL D 57 28.72 -4.36 26.60
CA VAL D 57 29.68 -4.60 27.67
C VAL D 57 30.83 -5.45 27.16
N LEU D 58 32.03 -5.10 27.62
CA LEU D 58 33.25 -5.84 27.34
C LEU D 58 33.22 -7.19 28.05
N PRO D 59 33.77 -8.23 27.44
CA PRO D 59 33.87 -9.52 28.14
C PRO D 59 34.90 -9.43 29.25
N SER D 60 34.46 -9.61 30.49
CA SER D 60 35.35 -9.42 31.63
C SER D 60 36.52 -10.39 31.56
N GLU D 61 37.73 -9.85 31.72
CA GLU D 61 38.92 -10.69 31.77
C GLU D 61 38.95 -11.53 33.04
N THR D 62 38.49 -10.95 34.16
CA THR D 62 38.33 -11.68 35.41
C THR D 62 36.84 -11.88 35.65
N GLN D 63 36.36 -13.10 35.47
CA GLN D 63 34.95 -13.44 35.55
C GLN D 63 34.70 -14.25 36.83
N GLU D 64 33.92 -13.70 37.76
CA GLU D 64 33.55 -14.44 38.96
C GLU D 64 32.04 -14.67 39.04
N ASP D 65 31.25 -13.59 39.15
CA ASP D 65 29.79 -13.67 39.26
C ASP D 65 29.22 -12.38 38.68
N SER D 66 28.76 -12.46 37.43
CA SER D 66 28.09 -11.34 36.78
C SER D 66 27.52 -11.81 35.45
N ARG D 67 26.47 -11.14 35.00
CA ARG D 67 25.88 -11.45 33.70
C ARG D 67 26.82 -11.09 32.57
N ILE D 68 27.01 -12.02 31.65
CA ILE D 68 27.70 -11.76 30.40
C ILE D 68 26.64 -11.59 29.33
N HIS D 69 26.48 -10.37 28.85
CA HIS D 69 25.59 -10.06 27.74
C HIS D 69 26.32 -9.18 26.74
N ALA D 70 27.53 -9.58 26.42
CA ALA D 70 28.37 -8.80 25.53
C ALA D 70 27.80 -8.77 24.12
N ARG D 71 28.21 -7.77 23.34
CA ARG D 71 27.77 -7.63 21.96
C ARG D 71 28.90 -7.09 21.12
N SER D 72 29.03 -7.63 19.90
CA SER D 72 29.98 -7.17 18.90
C SER D 72 31.42 -7.26 19.41
N VAL D 73 31.84 -8.50 19.64
CA VAL D 73 33.17 -8.80 20.15
C VAL D 73 33.90 -9.66 19.13
N SER D 74 35.17 -9.35 18.88
CA SER D 74 35.97 -10.03 17.87
C SER D 74 36.93 -11.01 18.55
N LEU D 75 36.79 -12.29 18.24
CA LEU D 75 37.68 -13.34 18.70
C LEU D 75 38.57 -13.79 17.55
N SER D 76 39.77 -14.24 17.89
CA SER D 76 40.63 -14.86 16.89
C SER D 76 41.56 -15.82 17.61
N SER D 77 41.23 -17.10 17.51
CA SER D 77 42.07 -18.17 18.03
C SER D 77 43.05 -18.57 16.95
N GLU D 78 44.33 -18.39 17.26
CA GLU D 78 45.39 -18.67 16.29
C GLU D 78 45.64 -20.17 16.13
N ARG D 79 45.11 -21.00 17.04
CA ARG D 79 45.32 -22.44 16.96
C ARG D 79 44.28 -23.11 16.06
N LEU D 80 43.00 -22.81 16.27
CA LEU D 80 41.95 -23.40 15.44
C LEU D 80 42.10 -22.97 13.99
N GLY D 81 42.53 -21.73 13.77
CA GLY D 81 42.68 -21.20 12.44
C GLY D 81 41.58 -20.27 11.98
N ILE D 82 40.88 -19.62 12.90
CA ILE D 82 39.67 -18.88 12.57
C ILE D 82 39.57 -17.59 13.38
N THR D 83 38.74 -16.68 12.89
CA THR D 83 38.44 -15.41 13.53
C THR D 83 36.93 -15.21 13.53
N ALA D 84 36.41 -14.55 14.56
CA ALA D 84 34.97 -14.41 14.72
C ALA D 84 34.61 -12.95 14.91
N LYS D 85 33.32 -12.66 14.70
CA LYS D 85 32.71 -11.37 15.06
C LYS D 85 31.33 -11.73 15.62
N ILE D 86 31.27 -11.94 16.93
CA ILE D 86 30.10 -12.53 17.57
C ILE D 86 28.93 -11.55 17.59
N ASP D 87 27.74 -12.06 17.28
CA ASP D 87 26.53 -11.25 17.42
C ASP D 87 26.27 -10.89 18.88
N LEU D 88 26.25 -11.89 19.76
CA LEU D 88 25.98 -11.64 21.17
C LEU D 88 26.35 -12.88 21.95
N VAL D 89 26.54 -12.70 23.25
CA VAL D 89 26.84 -13.79 24.18
C VAL D 89 25.95 -13.61 25.41
N GLU D 90 25.30 -14.69 25.82
CA GLU D 90 24.53 -14.71 27.06
C GLU D 90 25.22 -15.64 28.03
N GLY D 91 25.88 -15.07 29.04
CA GLY D 91 26.64 -15.89 29.97
C GLY D 91 26.50 -15.48 31.41
N GLU D 92 26.51 -16.45 32.33
CA GLU D 92 26.43 -16.19 33.75
C GLU D 92 27.77 -16.58 34.37
N GLY D 93 28.53 -15.58 34.82
CA GLY D 93 29.76 -15.82 35.51
C GLY D 93 30.88 -16.29 34.61
N ALA D 94 30.83 -17.55 34.18
CA ALA D 94 31.85 -18.06 33.25
C ALA D 94 31.32 -19.05 32.23
N TYR D 95 30.02 -19.38 32.24
CA TYR D 95 29.43 -20.27 31.25
C TYR D 95 28.70 -19.39 30.26
N VAL D 96 29.34 -19.15 29.11
CA VAL D 96 28.83 -18.24 28.13
C VAL D 96 27.99 -19.01 27.11
N SER D 97 27.10 -18.32 26.44
CA SER D 97 26.32 -18.93 25.37
C SER D 97 26.48 -18.13 24.09
N PRO D 98 27.01 -18.72 23.02
CA PRO D 98 27.01 -18.04 21.74
C PRO D 98 25.60 -17.66 21.33
N VAL D 99 25.42 -16.41 20.95
CA VAL D 99 24.11 -15.89 20.59
C VAL D 99 24.23 -15.20 19.23
N ASP D 100 23.52 -15.72 18.24
CA ASP D 100 23.56 -15.21 16.88
C ASP D 100 22.13 -14.95 16.39
N TYR D 101 21.90 -13.77 15.84
CA TYR D 101 20.61 -13.41 15.30
C TYR D 101 20.46 -13.94 13.88
N LYS D 102 19.21 -14.22 13.49
CA LYS D 102 18.88 -14.62 12.13
C LYS D 102 17.72 -13.78 11.59
N ARG D 103 17.24 -14.15 10.41
CA ARG D 103 16.37 -13.29 9.62
C ARG D 103 14.91 -13.76 9.56
N GLY D 104 14.66 -15.05 9.41
CA GLY D 104 13.34 -15.56 9.11
C GLY D 104 12.63 -16.12 10.33
N LYS D 105 11.49 -16.76 10.07
CA LYS D 105 10.77 -17.44 11.11
C LYS D 105 11.53 -18.69 11.53
N ARG D 106 10.94 -19.45 12.44
CA ARG D 106 11.53 -20.73 12.77
C ARG D 106 11.41 -21.63 11.55
N PRO D 107 12.52 -22.13 11.00
CA PRO D 107 12.44 -22.96 9.82
C PRO D 107 11.70 -24.26 10.12
N HIS D 108 11.07 -24.78 9.09
CA HIS D 108 10.27 -26.00 9.21
C HIS D 108 11.17 -27.22 9.09
N VAL D 109 12.21 -27.21 9.91
CA VAL D 109 13.19 -28.27 9.98
C VAL D 109 13.33 -28.67 11.45
N ALA D 110 13.73 -29.91 11.68
CA ALA D 110 13.87 -30.41 13.03
C ALA D 110 14.89 -29.58 13.80
N GLY D 111 14.50 -29.13 14.99
CA GLY D 111 15.33 -28.26 15.78
C GLY D 111 15.23 -26.79 15.44
N GLY D 112 14.52 -26.45 14.36
CA GLY D 112 14.40 -25.05 13.96
C GLY D 112 15.69 -24.38 13.61
N ALA D 113 16.66 -25.10 13.05
CA ALA D 113 17.95 -24.54 12.72
C ALA D 113 18.59 -25.36 11.60
N TYR D 114 18.97 -24.70 10.52
CA TYR D 114 19.66 -25.37 9.43
C TYR D 114 21.12 -25.63 9.82
N GLU D 115 21.77 -26.51 9.06
CA GLU D 115 23.10 -26.98 9.43
C GLU D 115 24.16 -25.87 9.53
N PRO D 116 24.31 -24.96 8.54
CA PRO D 116 25.39 -23.96 8.65
C PRO D 116 25.30 -23.14 9.93
N GLU D 117 24.08 -22.82 10.33
CA GLU D 117 23.88 -22.10 11.58
C GLU D 117 24.26 -22.96 12.78
N ARG D 118 24.03 -24.27 12.69
CA ARG D 118 24.42 -25.17 13.75
C ARG D 118 25.94 -25.15 13.93
N VAL D 119 26.68 -25.16 12.82
CA VAL D 119 28.13 -25.07 12.90
C VAL D 119 28.55 -23.71 13.46
N GLN D 120 27.78 -22.66 13.16
CA GLN D 120 28.14 -21.31 13.60
C GLN D 120 28.29 -21.22 15.11
N LEU D 121 27.26 -21.66 15.84
CA LEU D 121 27.28 -21.52 17.29
C LEU D 121 28.39 -22.38 17.90
N CYS D 122 28.59 -23.58 17.35
CA CYS D 122 29.52 -24.55 17.92
C CYS D 122 30.96 -24.07 17.87
N ALA D 123 31.44 -23.71 16.67
CA ALA D 123 32.81 -23.20 16.55
C ALA D 123 32.97 -21.90 17.32
N GLN D 124 31.95 -21.04 17.25
CA GLN D 124 31.92 -19.87 18.12
C GLN D 124 32.07 -20.28 19.57
N GLY D 125 31.36 -21.31 19.99
CA GLY D 125 31.62 -21.88 21.30
C GLY D 125 33.03 -22.41 21.42
N LEU D 126 33.52 -23.07 20.37
CA LEU D 126 34.91 -23.55 20.39
C LEU D 126 35.88 -22.38 20.52
N LEU D 127 35.58 -21.26 19.87
CA LEU D 127 36.35 -20.05 20.09
C LEU D 127 36.16 -19.49 21.49
N LEU D 128 34.91 -19.51 21.97
CA LEU D 128 34.67 -19.10 23.35
C LEU D 128 35.34 -20.06 24.32
N ARG D 129 35.23 -21.36 24.05
CA ARG D 129 36.00 -22.33 24.82
C ARG D 129 37.49 -22.04 24.74
N GLU D 130 37.95 -21.51 23.60
CA GLU D 130 39.38 -21.25 23.41
C GLU D 130 39.91 -20.25 24.42
N HIS D 131 39.19 -19.14 24.62
CA HIS D 131 39.63 -18.11 25.55
C HIS D 131 39.25 -18.41 26.98
N GLY D 132 38.97 -19.67 27.31
CA GLY D 132 38.67 -20.05 28.67
C GLY D 132 37.24 -19.78 29.05
N PHE D 133 36.30 -20.38 28.32
CA PHE D 133 34.89 -20.21 28.65
C PHE D 133 34.17 -21.52 28.36
N ALA D 134 33.05 -21.71 29.05
CA ALA D 134 32.25 -22.92 28.92
C ALA D 134 30.97 -22.56 28.16
N SER D 135 30.82 -23.10 26.96
CA SER D 135 29.67 -22.78 26.12
C SER D 135 28.70 -23.95 26.02
N ASP D 136 29.18 -25.11 25.57
CA ASP D 136 28.43 -26.37 25.61
C ASP D 136 27.05 -26.23 24.97
N GLY D 137 26.88 -25.22 24.13
CA GLY D 137 25.60 -24.97 23.51
C GLY D 137 25.44 -23.51 23.17
N GLY D 138 24.57 -23.27 22.20
CA GLY D 138 24.31 -21.93 21.74
C GLY D 138 22.82 -21.72 21.57
N ALA D 139 22.48 -20.72 20.74
CA ALA D 139 21.08 -20.41 20.50
C ALA D 139 20.94 -19.64 19.19
N LEU D 140 19.71 -19.59 18.69
CA LEU D 140 19.37 -18.82 17.50
C LEU D 140 18.18 -17.91 17.85
N TYR D 141 18.36 -16.61 17.68
CA TYR D 141 17.36 -15.62 18.08
C TYR D 141 16.81 -14.99 16.81
N PHE D 142 15.60 -15.37 16.44
CA PHE D 142 15.02 -14.93 15.17
C PHE D 142 14.30 -13.62 15.39
N VAL D 143 15.04 -12.50 15.29
CA VAL D 143 14.52 -11.19 15.66
C VAL D 143 13.18 -10.91 14.98
N ALA D 144 12.92 -11.56 13.85
CA ALA D 144 11.60 -11.48 13.24
C ALA D 144 10.53 -12.01 14.20
N SER D 145 10.83 -13.11 14.88
CA SER D 145 9.96 -13.65 15.90
C SER D 145 10.61 -13.62 17.28
N ARG D 146 11.89 -13.29 17.36
CA ARG D 146 12.67 -13.31 18.60
C ARG D 146 12.57 -14.68 19.27
N GLU D 147 12.28 -15.68 18.46
CA GLU D 147 12.11 -17.05 18.92
C GLU D 147 13.51 -17.60 19.15
N ARG D 148 13.98 -17.48 20.39
CA ARG D 148 15.28 -18.03 20.74
C ARG D 148 15.25 -19.54 20.55
N VAL D 149 16.03 -20.02 19.58
CA VAL D 149 16.12 -21.44 19.27
C VAL D 149 17.48 -21.92 19.76
N PRO D 150 17.57 -22.46 20.97
CA PRO D 150 18.86 -22.88 21.50
C PRO D 150 19.40 -24.10 20.78
N VAL D 151 20.72 -24.23 20.81
CA VAL D 151 21.42 -25.39 20.27
C VAL D 151 22.48 -25.81 21.27
N ALA D 152 22.73 -27.11 21.36
CA ALA D 152 23.77 -27.65 22.24
C ALA D 152 24.91 -28.18 21.38
N PHE D 153 26.14 -27.99 21.84
CA PHE D 153 27.32 -28.30 21.03
C PHE D 153 27.56 -29.80 21.03
N ASP D 154 26.73 -30.50 20.25
CA ASP D 154 26.89 -31.93 20.05
C ASP D 154 28.24 -32.20 19.38
N ASP D 155 28.87 -33.29 19.80
CA ASP D 155 30.28 -33.50 19.49
C ASP D 155 30.52 -33.58 17.98
N GLU D 156 29.64 -34.27 17.25
CA GLU D 156 29.82 -34.32 15.80
C GLU D 156 29.60 -32.98 15.14
N LEU D 157 28.87 -32.06 15.79
CA LEU D 157 28.80 -30.69 15.30
C LEU D 157 30.15 -30.01 15.43
N ILE D 158 30.88 -30.29 16.52
CA ILE D 158 32.30 -29.97 16.55
C ILE D 158 33.02 -30.73 15.43
N GLY D 159 32.67 -32.01 15.25
CA GLY D 159 33.33 -32.82 14.24
C GLY D 159 33.16 -32.27 12.85
N ARG D 160 31.93 -31.91 12.48
CA ARG D 160 31.73 -31.24 11.20
C ARG D 160 32.46 -29.90 11.17
N THR D 161 32.40 -29.16 12.28
CA THR D 161 33.09 -27.87 12.36
C THR D 161 34.56 -28.03 12.03
N LEU D 162 35.25 -28.94 12.73
CA LEU D 162 36.64 -29.19 12.42
C LEU D 162 36.81 -29.75 11.02
N ALA D 163 35.90 -30.64 10.61
CA ALA D 163 35.91 -31.11 9.24
C ALA D 163 35.69 -29.96 8.27
N ALA D 164 34.76 -29.07 8.59
CA ALA D 164 34.57 -27.87 7.78
C ALA D 164 35.76 -26.93 7.91
N ILE D 165 36.44 -26.95 9.06
CA ILE D 165 37.63 -26.12 9.24
C ILE D 165 38.71 -26.53 8.26
N ASP D 166 38.83 -27.83 8.00
CA ASP D 166 40.01 -28.33 7.31
C ASP D 166 39.82 -28.32 5.80
N GLU D 167 38.63 -28.67 5.32
CA GLU D 167 38.40 -28.75 3.87
C GLU D 167 38.52 -27.39 3.22
N MET D 168 38.00 -26.35 3.87
CA MET D 168 38.06 -25.00 3.31
C MET D 168 39.50 -24.54 3.09
N GLY D 169 40.40 -24.86 4.03
CA GLY D 169 41.79 -24.54 3.83
C GLY D 169 42.38 -25.30 2.66
N ARG D 170 42.05 -26.58 2.56
CA ARG D 170 42.54 -27.39 1.44
C ARG D 170 42.03 -26.86 0.12
N THR D 171 40.78 -26.43 0.06
CA THR D 171 40.22 -25.90 -1.17
C THR D 171 40.81 -24.56 -1.56
N ALA D 172 40.86 -23.61 -0.62
CA ALA D 172 41.33 -22.27 -0.95
C ALA D 172 42.80 -22.26 -1.37
N LEU D 173 43.64 -23.01 -0.64
CA LEU D 173 45.04 -23.13 -1.03
C LEU D 173 45.19 -23.72 -2.42
N SER D 174 44.35 -24.70 -2.76
CA SER D 174 44.43 -25.34 -4.06
C SER D 174 44.23 -24.33 -5.18
N GLY D 175 43.29 -23.39 -4.99
CA GLY D 175 43.01 -22.39 -6.00
C GLY D 175 42.14 -22.87 -7.15
N THR D 176 41.69 -24.11 -7.13
CA THR D 176 40.79 -24.64 -8.15
C THR D 176 39.38 -24.70 -7.56
N MET D 177 38.45 -24.00 -8.20
CA MET D 177 37.16 -23.73 -7.58
C MET D 177 36.16 -24.85 -7.88
N PRO D 178 35.43 -25.33 -6.86
CA PRO D 178 34.66 -26.56 -7.05
C PRO D 178 33.49 -26.36 -7.98
N PRO D 179 33.01 -27.42 -8.63
CA PRO D 179 31.98 -27.27 -9.66
C PRO D 179 30.67 -26.74 -9.08
N PRO D 180 29.74 -26.30 -9.93
CA PRO D 180 28.47 -25.78 -9.44
C PRO D 180 27.62 -26.86 -8.77
N LEU D 181 26.78 -26.40 -7.84
CA LEU D 181 25.77 -27.27 -7.27
C LEU D 181 24.86 -27.81 -8.37
N GLU D 182 24.58 -29.11 -8.27
CA GLU D 182 23.92 -29.83 -9.35
C GLU D 182 22.44 -29.52 -9.31
N ASP D 183 22.05 -28.42 -9.98
CA ASP D 183 20.66 -27.99 -10.09
C ASP D 183 20.02 -27.83 -8.71
N SER D 184 20.75 -27.19 -7.81
CA SER D 184 20.30 -27.07 -6.43
C SER D 184 19.31 -25.93 -6.26
N PRO D 185 18.27 -26.13 -5.44
CA PRO D 185 17.40 -25.01 -5.06
C PRO D 185 18.06 -24.04 -4.10
N LYS D 186 19.31 -24.29 -3.71
CA LYS D 186 20.07 -23.27 -2.99
C LYS D 186 20.49 -22.15 -3.93
N CYS D 187 20.70 -22.46 -5.21
CA CYS D 187 21.04 -21.43 -6.18
C CYS D 187 20.06 -20.27 -6.17
N PRO D 188 18.72 -20.47 -6.18
CA PRO D 188 17.80 -19.33 -6.10
C PRO D 188 18.00 -18.48 -4.87
N ARG D 189 18.43 -19.09 -3.78
CA ARG D 189 18.59 -18.32 -2.55
C ARG D 189 20.04 -17.93 -2.32
N CYS D 190 21.00 -18.61 -2.95
CA CYS D 190 22.40 -18.28 -2.76
C CYS D 190 22.74 -16.88 -3.19
N SER D 191 22.13 -16.39 -4.28
CA SER D 191 22.46 -15.08 -4.82
C SER D 191 23.88 -15.06 -5.37
N LEU D 192 24.27 -16.15 -6.03
CA LEU D 192 25.54 -16.25 -6.75
C LEU D 192 25.39 -16.63 -8.22
N VAL D 193 24.28 -17.29 -8.57
CA VAL D 193 24.08 -17.88 -9.89
C VAL D 193 24.52 -16.98 -11.05
N GLY D 194 24.23 -15.69 -10.98
CA GLY D 194 24.67 -14.81 -12.05
C GLY D 194 26.16 -14.64 -12.12
N ILE D 195 26.86 -14.86 -11.01
CA ILE D 195 28.30 -14.89 -10.97
C ILE D 195 28.82 -16.32 -10.82
N CYS D 196 28.04 -17.18 -10.18
CA CYS D 196 28.31 -18.61 -10.23
C CYS D 196 28.22 -19.10 -11.67
N LEU D 197 27.23 -18.62 -12.41
CA LEU D 197 26.89 -19.16 -13.72
C LEU D 197 26.83 -20.69 -13.69
N PRO D 198 26.15 -21.26 -12.69
CA PRO D 198 26.26 -22.70 -12.46
C PRO D 198 25.85 -23.52 -13.68
N ASP D 199 24.59 -23.44 -14.09
CA ASP D 199 24.16 -24.22 -15.24
C ASP D 199 24.42 -23.49 -16.53
N GLU D 200 24.79 -22.22 -16.45
CA GLU D 200 25.63 -21.67 -17.50
C GLU D 200 26.87 -22.52 -17.65
N VAL D 201 27.70 -22.56 -16.60
CA VAL D 201 28.89 -23.40 -16.63
C VAL D 201 28.51 -24.87 -16.77
N ARG D 202 27.54 -25.34 -15.98
CA ARG D 202 27.19 -26.76 -16.01
C ARG D 202 26.86 -27.20 -17.42
N PHE D 203 25.97 -26.47 -18.09
CA PHE D 203 25.67 -26.79 -19.48
C PHE D 203 26.90 -26.54 -20.36
N LEU D 204 27.66 -25.49 -20.06
CA LEU D 204 28.86 -25.19 -20.85
C LEU D 204 30.00 -26.16 -20.57
N SER D 205 30.09 -26.69 -19.35
CA SER D 205 31.15 -27.65 -19.03
C SER D 205 30.77 -29.06 -19.42
N HIS D 206 29.89 -29.23 -20.40
CA HIS D 206 29.41 -30.49 -20.96
C HIS D 206 28.59 -31.30 -19.95
N LEU D 207 28.50 -30.85 -18.71
CA LEU D 207 27.49 -31.35 -17.79
C LEU D 207 26.13 -30.84 -18.29
N SER D 208 25.74 -31.37 -19.44
CA SER D 208 24.68 -30.77 -20.23
C SER D 208 23.38 -30.75 -19.46
N VAL D 209 22.98 -29.57 -19.03
CA VAL D 209 21.74 -29.38 -18.28
C VAL D 209 20.72 -28.68 -19.16
N GLU D 210 19.47 -28.74 -18.75
CA GLU D 210 18.40 -28.03 -19.46
C GLU D 210 17.90 -26.89 -18.59
N PRO D 211 17.98 -25.65 -19.04
CA PRO D 211 17.57 -24.53 -18.20
C PRO D 211 16.20 -24.68 -17.58
N ARG D 212 16.18 -24.62 -16.25
CA ARG D 212 15.01 -24.21 -15.47
C ARG D 212 14.88 -22.70 -15.69
N PRO D 213 14.03 -21.99 -14.94
CA PRO D 213 14.13 -20.54 -14.98
C PRO D 213 15.11 -19.94 -13.97
N ILE D 214 15.93 -19.05 -14.50
CA ILE D 214 17.19 -18.60 -13.88
C ILE D 214 16.88 -17.64 -12.73
N ILE D 215 17.91 -17.12 -12.07
CA ILE D 215 17.83 -16.18 -10.96
C ILE D 215 18.29 -14.80 -11.46
N PRO D 216 17.39 -14.05 -12.06
CA PRO D 216 17.74 -13.13 -13.16
C PRO D 216 17.65 -11.64 -12.83
N ALA D 217 18.34 -10.80 -13.60
CA ALA D 217 18.65 -9.40 -13.26
C ALA D 217 17.58 -8.65 -12.46
N ASP D 218 18.04 -7.97 -11.42
CA ASP D 218 17.31 -6.91 -10.73
C ASP D 218 18.31 -6.00 -10.02
N GLY D 219 17.79 -4.97 -9.35
CA GLY D 219 18.57 -4.17 -8.44
C GLY D 219 19.56 -3.18 -9.05
N ARG D 220 19.30 -2.75 -10.28
CA ARG D 220 20.21 -1.81 -10.94
C ARG D 220 19.38 -0.77 -11.67
N GLY D 221 19.97 0.41 -11.87
CA GLY D 221 19.34 1.48 -12.61
C GLY D 221 19.86 1.58 -14.03
N LEU D 222 19.41 2.62 -14.72
CA LEU D 222 19.88 2.97 -16.05
C LEU D 222 20.86 4.12 -15.95
N PRO D 223 21.78 4.23 -16.89
CA PRO D 223 22.81 5.27 -16.81
C PRO D 223 22.20 6.67 -16.89
N LEU D 224 23.08 7.65 -16.76
CA LEU D 224 22.73 9.06 -16.85
C LEU D 224 23.42 9.63 -18.08
N TYR D 225 22.66 10.36 -18.90
CA TYR D 225 23.21 11.04 -20.07
C TYR D 225 23.24 12.54 -19.80
N VAL D 226 24.37 13.17 -20.08
CA VAL D 226 24.45 14.63 -20.15
C VAL D 226 25.14 14.96 -21.46
N GLN D 227 24.34 15.15 -22.51
CA GLN D 227 24.86 15.62 -23.79
C GLN D 227 24.83 17.13 -23.91
N SER D 228 24.15 17.80 -22.99
CA SER D 228 24.09 19.25 -23.03
C SER D 228 25.47 19.84 -22.72
N PRO D 229 26.04 20.64 -23.61
CA PRO D 229 27.40 21.14 -23.40
C PRO D 229 27.49 22.33 -22.46
N LYS D 230 26.43 22.65 -21.74
CA LYS D 230 26.44 23.77 -20.81
C LYS D 230 25.66 23.40 -19.56
N ALA D 231 25.64 22.11 -19.24
CA ALA D 231 24.91 21.62 -18.08
C ALA D 231 25.77 21.75 -16.82
N TYR D 232 25.10 22.08 -15.71
CA TYR D 232 25.76 22.29 -14.42
C TYR D 232 25.10 21.36 -13.41
N VAL D 233 25.85 20.36 -12.95
CA VAL D 233 25.30 19.28 -12.15
C VAL D 233 25.66 19.51 -10.69
N ARG D 234 24.70 19.31 -9.80
CA ARG D 234 24.91 19.54 -8.37
C ARG D 234 23.96 18.69 -7.54
N LYS D 235 24.33 18.53 -6.27
CA LYS D 235 23.66 17.62 -5.35
C LYS D 235 22.39 18.22 -4.75
N ASP D 236 21.36 17.39 -4.67
CA ASP D 236 20.14 17.68 -3.94
C ASP D 236 19.92 16.57 -2.94
N GLY D 237 20.99 16.24 -2.22
CA GLY D 237 21.01 15.08 -1.37
C GLY D 237 21.30 13.84 -2.17
N ASP D 238 20.45 12.83 -2.01
CA ASP D 238 20.45 11.74 -2.96
C ASP D 238 19.69 12.10 -4.22
N CYS D 239 19.23 13.33 -4.32
CA CYS D 239 18.85 13.86 -5.61
C CYS D 239 20.06 14.56 -6.23
N LEU D 240 20.17 14.43 -7.55
CA LEU D 240 21.24 15.09 -8.30
C LEU D 240 20.55 15.96 -9.34
N VAL D 241 20.44 17.24 -9.05
CA VAL D 241 19.62 18.13 -9.85
C VAL D 241 20.42 18.62 -11.05
N ILE D 242 19.98 18.24 -12.24
CA ILE D 242 20.60 18.66 -13.49
C ILE D 242 20.04 20.05 -13.80
N GLU D 243 20.80 21.08 -13.47
CA GLU D 243 20.46 22.43 -13.88
C GLU D 243 21.34 22.83 -15.04
N GLU D 244 20.75 23.41 -16.08
CA GLU D 244 21.52 23.96 -17.19
C GLU D 244 21.08 25.41 -17.34
N GLU D 245 22.06 26.30 -17.40
CA GLU D 245 21.81 27.74 -17.31
C GLU D 245 21.06 28.07 -16.01
N ARG D 246 21.52 27.46 -14.92
CA ARG D 246 21.13 27.81 -13.56
C ARG D 246 19.68 27.48 -13.25
N VAL D 247 19.05 26.59 -14.02
CA VAL D 247 17.68 26.19 -13.78
C VAL D 247 17.58 24.66 -13.82
N ARG D 248 16.90 24.09 -12.84
CA ARG D 248 16.84 22.65 -12.68
C ARG D 248 16.18 22.04 -13.91
N VAL D 249 16.99 21.45 -14.79
CA VAL D 249 16.45 20.89 -16.01
C VAL D 249 15.90 19.49 -15.75
N ALA D 250 16.68 18.67 -15.06
CA ALA D 250 16.23 17.34 -14.67
C ALA D 250 16.85 17.05 -13.32
N GLU D 251 16.33 16.02 -12.66
CA GLU D 251 16.91 15.55 -11.42
C GLU D 251 17.21 14.06 -11.53
N ALA D 252 18.37 13.67 -10.99
CA ALA D 252 18.85 12.30 -11.10
C ALA D 252 18.83 11.66 -9.72
N ARG D 253 18.05 10.60 -9.58
CA ARG D 253 17.96 9.90 -8.30
C ARG D 253 19.19 9.02 -8.17
N LEU D 254 20.03 9.34 -7.19
CA LEU D 254 21.31 8.65 -7.11
C LEU D 254 21.11 7.17 -6.85
N GLY D 255 20.08 6.82 -6.09
CA GLY D 255 19.84 5.43 -5.77
C GLY D 255 19.60 4.55 -6.97
N GLU D 256 19.12 5.11 -8.08
CA GLU D 256 18.87 4.34 -9.28
C GLU D 256 19.63 4.84 -10.50
N THR D 257 20.71 5.59 -10.30
CA THR D 257 21.56 6.03 -11.40
C THR D 257 22.74 5.07 -11.51
N SER D 258 22.84 4.37 -12.63
CA SER D 258 23.87 3.34 -12.77
C SER D 258 25.17 3.85 -13.36
N GLN D 259 25.13 4.75 -14.34
CA GLN D 259 26.36 5.20 -14.98
C GLN D 259 26.27 6.70 -15.24
N VAL D 260 27.44 7.33 -15.32
CA VAL D 260 27.56 8.77 -15.50
C VAL D 260 28.42 9.04 -16.72
N ALA D 261 27.91 9.88 -17.63
CA ALA D 261 28.60 10.24 -18.87
C ALA D 261 28.60 11.75 -19.01
N LEU D 262 29.67 12.29 -19.57
CA LEU D 262 29.82 13.72 -19.78
C LEU D 262 30.29 13.94 -21.22
N PHE D 263 29.49 14.65 -22.01
CA PHE D 263 29.85 14.97 -23.39
C PHE D 263 30.07 16.47 -23.54
N GLY D 264 31.26 16.84 -24.00
CA GLY D 264 31.56 18.25 -24.15
C GLY D 264 31.60 18.93 -22.81
N ASN D 265 31.69 20.25 -22.82
CA ASN D 265 32.00 20.99 -21.60
C ASN D 265 30.81 21.01 -20.64
N ALA D 266 30.50 19.86 -20.05
CA ALA D 266 29.44 19.73 -19.05
C ALA D 266 30.03 19.78 -17.66
N THR D 267 29.38 20.54 -16.76
CA THR D 267 29.93 20.81 -15.43
C THR D 267 29.15 20.12 -14.33
N LEU D 268 29.88 19.68 -13.30
CA LEU D 268 29.30 19.06 -12.11
C LEU D 268 29.98 19.66 -10.89
N THR D 269 29.24 19.85 -9.80
CA THR D 269 29.84 20.42 -8.59
C THR D 269 30.73 19.41 -7.89
N THR D 270 31.68 19.93 -7.12
CA THR D 270 32.65 19.06 -6.47
C THR D 270 32.01 18.11 -5.48
N ALA D 271 31.15 18.62 -4.59
CA ALA D 271 30.54 17.75 -3.60
C ALA D 271 29.66 16.71 -4.25
N ALA D 272 29.11 17.03 -5.43
CA ALA D 272 28.44 16.00 -6.21
C ALA D 272 29.41 14.90 -6.61
N LEU D 273 30.60 15.27 -7.09
CA LEU D 273 31.61 14.27 -7.39
C LEU D 273 31.98 13.51 -6.13
N HIS D 274 32.09 14.21 -5.00
CA HIS D 274 32.30 13.54 -3.73
C HIS D 274 31.26 12.46 -3.52
N GLU D 275 30.02 12.71 -3.95
CA GLU D 275 28.97 11.72 -3.75
C GLU D 275 29.16 10.52 -4.65
N CYS D 276 29.28 10.77 -5.96
CA CYS D 276 29.21 9.69 -6.93
C CYS D 276 30.28 8.65 -6.68
N LEU D 277 31.48 9.10 -6.34
CA LEU D 277 32.55 8.17 -6.01
C LEU D 277 32.15 7.27 -4.86
N ARG D 278 31.35 7.78 -3.92
CA ARG D 278 31.02 6.98 -2.75
C ARG D 278 30.28 5.70 -3.11
N ARG D 279 29.51 5.70 -4.19
CA ARG D 279 28.68 4.55 -4.51
C ARG D 279 29.23 3.76 -5.68
N GLU D 280 30.55 3.72 -5.84
CA GLU D 280 31.26 3.01 -6.91
C GLU D 280 30.59 3.22 -8.26
N ILE D 281 30.01 4.40 -8.43
CA ILE D 281 29.30 4.75 -9.66
C ILE D 281 30.31 5.33 -10.64
N PRO D 282 30.48 4.74 -11.82
CA PRO D 282 31.46 5.26 -12.77
C PRO D 282 31.09 6.65 -13.26
N VAL D 283 32.10 7.49 -13.44
CA VAL D 283 31.98 8.75 -14.18
C VAL D 283 32.87 8.66 -15.41
N THR D 284 32.25 8.48 -16.57
CA THR D 284 32.98 8.31 -17.81
C THR D 284 32.94 9.60 -18.60
N TRP D 285 34.01 10.38 -18.53
CA TRP D 285 34.11 11.60 -19.31
C TRP D 285 34.26 11.21 -20.77
N LEU D 286 33.60 11.94 -21.65
CA LEU D 286 33.87 11.82 -23.08
C LEU D 286 33.90 13.21 -23.70
N SER D 287 34.67 13.35 -24.76
CA SER D 287 34.64 14.59 -25.50
C SER D 287 33.23 14.81 -26.04
N TYR D 288 33.05 15.95 -26.71
CA TYR D 288 31.70 16.33 -27.11
C TYR D 288 31.11 15.36 -28.14
N GLY D 289 31.95 14.50 -28.72
CA GLY D 289 31.52 13.61 -29.79
C GLY D 289 31.49 12.12 -29.51
N GLY D 290 31.82 11.68 -28.30
CA GLY D 290 31.79 10.28 -27.96
C GLY D 290 33.12 9.58 -27.94
N TRP D 291 34.23 10.29 -28.14
CA TRP D 291 35.52 9.70 -27.86
C TRP D 291 35.64 9.47 -26.35
N PHE D 292 35.86 8.22 -25.97
CA PHE D 292 35.95 7.83 -24.56
C PHE D 292 37.30 8.28 -24.05
N MET D 293 37.33 9.41 -23.32
CA MET D 293 38.60 10.10 -23.14
C MET D 293 39.25 9.67 -21.83
N GLY D 294 38.43 9.50 -20.78
CA GLY D 294 38.93 9.13 -19.47
C GLY D 294 37.87 8.42 -18.63
N HIS D 295 38.28 8.04 -17.42
CA HIS D 295 37.42 7.28 -16.51
C HIS D 295 38.01 7.35 -15.10
N THR D 296 37.31 6.75 -14.14
CA THR D 296 37.64 6.85 -12.73
C THR D 296 37.70 5.47 -12.08
N VAL D 297 38.50 5.37 -11.02
CA VAL D 297 38.61 4.17 -10.21
C VAL D 297 38.66 4.60 -8.74
N SER D 298 38.36 3.65 -7.85
CA SER D 298 38.39 3.92 -6.42
C SER D 298 39.32 2.88 -5.79
N THR D 299 40.61 3.17 -5.84
CA THR D 299 41.63 2.21 -5.44
C THR D 299 41.38 0.84 -6.08
N GLY D 300 40.82 0.86 -7.28
CA GLY D 300 40.78 -0.28 -8.19
C GLY D 300 39.70 -1.33 -8.00
N HIS D 301 39.33 -2.01 -9.08
CA HIS D 301 38.56 -3.25 -9.00
C HIS D 301 39.47 -4.34 -8.48
N ARG D 302 39.15 -4.84 -7.30
CA ARG D 302 40.14 -5.47 -6.44
C ARG D 302 40.52 -6.88 -6.87
N ASN D 303 39.72 -7.52 -7.73
CA ASN D 303 39.96 -8.92 -8.11
C ASN D 303 41.26 -9.05 -8.87
N VAL D 304 42.07 -10.05 -8.51
CA VAL D 304 43.37 -10.27 -9.13
C VAL D 304 43.43 -11.58 -9.90
N GLU D 305 42.79 -12.65 -9.41
CA GLU D 305 42.89 -13.96 -10.05
C GLU D 305 42.49 -13.88 -11.52
N THR D 306 41.38 -13.20 -11.81
CA THR D 306 40.99 -12.96 -13.19
C THR D 306 42.05 -12.14 -13.92
N ARG D 307 42.58 -11.10 -13.27
CA ARG D 307 43.64 -10.31 -13.87
C ARG D 307 44.83 -11.17 -14.25
N THR D 308 45.32 -11.96 -13.30
CA THR D 308 46.45 -12.83 -13.58
C THR D 308 46.12 -13.83 -14.67
N TYR D 309 44.90 -14.39 -14.63
CA TYR D 309 44.45 -15.21 -15.74
C TYR D 309 44.58 -14.49 -17.06
N GLN D 310 44.05 -13.27 -17.14
CA GLN D 310 44.03 -12.57 -18.42
C GLN D 310 45.44 -12.28 -18.92
N TYR D 311 46.28 -11.64 -18.09
CA TYR D 311 47.67 -11.45 -18.47
C TYR D 311 48.32 -12.76 -18.90
N GLN D 312 48.22 -13.78 -18.06
CA GLN D 312 48.85 -15.06 -18.37
C GLN D 312 48.29 -15.61 -19.68
N ARG D 313 46.99 -15.46 -19.89
CA ARG D 313 46.41 -15.83 -21.17
C ARG D 313 46.70 -14.78 -22.24
N SER D 314 46.81 -13.50 -21.86
CA SER D 314 47.21 -12.49 -22.84
C SER D 314 48.68 -12.58 -23.18
N PHE D 315 49.52 -12.94 -22.20
CA PHE D 315 50.89 -13.30 -22.51
C PHE D 315 50.97 -14.54 -23.38
N ASP D 316 49.85 -15.20 -23.64
CA ASP D 316 49.78 -16.37 -24.50
C ASP D 316 49.19 -15.99 -25.85
N PRO D 317 49.99 -15.97 -26.92
CA PRO D 317 49.44 -15.67 -28.25
C PRO D 317 48.40 -16.67 -28.70
N GLU D 318 48.52 -17.94 -28.27
CA GLU D 318 47.50 -18.93 -28.63
C GLU D 318 46.12 -18.53 -28.12
N THR D 319 46.01 -18.16 -26.85
CA THR D 319 44.77 -17.57 -26.37
C THR D 319 44.47 -16.27 -27.10
N CYS D 320 45.52 -15.50 -27.40
CA CYS D 320 45.34 -14.32 -28.25
C CYS D 320 44.85 -14.73 -29.63
N LEU D 321 45.35 -15.84 -30.16
CA LEU D 321 44.96 -16.26 -31.51
C LEU D 321 43.65 -17.06 -31.49
N ASN D 322 43.52 -18.01 -30.55
CA ASN D 322 42.31 -18.81 -30.51
C ASN D 322 41.08 -17.95 -30.26
N LEU D 323 41.17 -17.05 -29.27
CA LEU D 323 40.03 -16.21 -28.93
C LEU D 323 39.71 -15.24 -30.07
N ALA D 324 40.74 -14.64 -30.66
CA ALA D 324 40.50 -13.65 -31.70
C ALA D 324 39.85 -14.27 -32.93
N ARG D 325 40.12 -15.55 -33.18
CA ARG D 325 39.53 -16.22 -34.34
C ARG D 325 38.03 -16.43 -34.15
N ARG D 326 37.59 -16.55 -32.90
CA ARG D 326 36.16 -16.62 -32.64
C ARG D 326 35.51 -15.23 -32.71
N TRP D 327 36.28 -14.17 -32.44
CA TRP D 327 35.66 -12.83 -32.36
C TRP D 327 35.06 -12.41 -33.69
N ILE D 328 35.90 -12.22 -34.71
CA ILE D 328 35.42 -11.65 -35.96
C ILE D 328 34.45 -12.58 -36.68
N VAL D 329 34.64 -13.89 -36.57
CA VAL D 329 33.71 -14.84 -37.17
C VAL D 329 32.34 -14.75 -36.50
N ALA D 330 32.32 -14.54 -35.17
CA ALA D 330 31.06 -14.20 -34.53
C ALA D 330 30.55 -12.85 -35.02
N LYS D 331 31.46 -11.93 -35.31
CA LYS D 331 31.07 -10.65 -35.89
C LYS D 331 30.49 -10.82 -37.30
N ILE D 332 31.20 -11.54 -38.17
CA ILE D 332 30.79 -11.65 -39.57
C ILE D 332 29.49 -12.44 -39.70
N ALA D 333 29.30 -13.46 -38.85
CA ALA D 333 28.06 -14.23 -38.90
C ALA D 333 26.85 -13.36 -38.61
N ASN D 334 26.98 -12.45 -37.65
CA ASN D 334 25.88 -11.54 -37.33
C ASN D 334 25.70 -10.49 -38.41
N CYS D 335 26.78 -10.17 -39.13
CA CYS D 335 26.66 -9.25 -40.27
C CYS D 335 25.71 -9.81 -41.32
N ARG D 336 25.91 -11.07 -41.72
CA ARG D 336 25.01 -11.68 -42.69
C ARG D 336 23.61 -11.83 -42.10
N THR D 337 23.52 -12.17 -40.82
CA THR D 337 22.22 -12.22 -40.17
C THR D 337 21.58 -10.83 -40.15
N LEU D 338 22.39 -9.79 -39.97
CA LEU D 338 21.84 -8.43 -39.98
C LEU D 338 21.47 -8.00 -41.40
N LEU D 339 22.33 -8.25 -42.37
CA LEU D 339 22.06 -7.82 -43.74
C LEU D 339 20.82 -8.50 -44.30
N ARG D 340 20.66 -9.80 -44.00
CA ARG D 340 19.60 -10.59 -44.62
C ARG D 340 18.22 -10.30 -44.04
N ARG D 341 18.07 -10.32 -42.72
CA ARG D 341 16.74 -10.14 -42.14
C ARG D 341 16.25 -8.71 -42.27
N ASN D 342 17.17 -7.75 -42.40
CA ASN D 342 16.83 -6.35 -42.63
C ASN D 342 16.83 -6.00 -44.11
N TRP D 343 16.98 -7.01 -44.97
CA TRP D 343 17.22 -6.76 -46.38
C TRP D 343 16.00 -6.11 -47.00
N ARG D 344 16.20 -5.02 -47.74
CA ARG D 344 15.09 -4.17 -48.16
C ARG D 344 15.35 -3.60 -49.55
N GLY D 345 14.71 -4.19 -50.55
CA GLY D 345 14.74 -3.70 -51.91
C GLY D 345 13.35 -3.46 -52.46
N GLU D 346 13.21 -3.67 -53.76
CA GLU D 346 11.93 -3.51 -54.47
C GLU D 346 11.51 -4.74 -55.27
N GLY D 347 12.45 -5.38 -55.96
CA GLY D 347 12.14 -6.57 -56.74
C GLY D 347 13.36 -7.20 -57.36
N ASP D 348 13.52 -8.52 -57.16
CA ASP D 348 14.69 -9.29 -57.60
C ASP D 348 15.94 -8.85 -56.85
N GLU D 349 15.78 -7.88 -55.94
CA GLU D 349 16.84 -7.45 -55.03
C GLU D 349 16.44 -7.50 -53.56
N ALA D 350 15.17 -7.80 -53.27
CA ALA D 350 14.67 -7.88 -51.89
C ALA D 350 15.30 -9.01 -51.09
N LYS D 351 16.25 -9.75 -51.67
CA LYS D 351 16.98 -10.79 -50.96
C LYS D 351 18.46 -10.46 -50.97
N ALA D 352 19.16 -10.95 -49.97
CA ALA D 352 20.62 -10.84 -49.98
C ALA D 352 21.17 -11.73 -51.10
N PRO D 353 22.10 -11.22 -51.90
CA PRO D 353 22.67 -12.04 -52.95
C PRO D 353 23.49 -13.16 -52.36
N PRO D 354 23.31 -14.38 -52.84
CA PRO D 354 24.30 -15.42 -52.57
C PRO D 354 25.70 -14.95 -52.94
N GLY D 355 25.83 -14.23 -54.05
CA GLY D 355 27.11 -13.63 -54.38
C GLY D 355 27.65 -12.74 -53.29
N LEU D 356 26.79 -11.88 -52.72
CA LEU D 356 27.21 -11.14 -51.54
C LEU D 356 27.50 -12.07 -50.39
N LEU D 357 26.66 -13.09 -50.21
CA LEU D 357 26.83 -14.00 -49.08
C LEU D 357 27.88 -15.07 -49.39
N MET D 358 28.35 -15.13 -50.64
CA MET D 358 29.52 -15.96 -50.94
C MET D 358 30.71 -15.56 -50.07
N SER D 359 31.07 -14.27 -50.08
CA SER D 359 32.43 -13.89 -49.73
C SER D 359 32.51 -13.27 -48.33
N LEU D 360 31.42 -12.68 -47.84
CA LEU D 360 31.43 -12.21 -46.46
C LEU D 360 31.88 -13.32 -45.52
N GLN D 361 31.29 -14.50 -45.67
CA GLN D 361 31.57 -15.62 -44.78
C GLN D 361 32.56 -16.61 -45.39
N ASP D 362 33.01 -16.36 -46.64
CA ASP D 362 34.22 -17.00 -47.10
C ASP D 362 35.42 -16.51 -46.29
N ASP D 363 35.27 -15.33 -45.70
CA ASP D 363 36.28 -14.84 -44.76
C ASP D 363 36.30 -15.68 -43.48
N MET D 364 35.14 -16.19 -43.06
CA MET D 364 35.08 -17.02 -41.86
C MET D 364 36.01 -18.22 -41.96
N ARG D 365 35.86 -19.02 -43.01
CA ARG D 365 36.73 -20.17 -43.21
C ARG D 365 38.17 -19.75 -43.31
N HIS D 366 38.45 -18.65 -44.02
CA HIS D 366 39.80 -18.09 -43.99
C HIS D 366 40.16 -17.60 -42.60
N ALA D 367 39.21 -17.03 -41.87
CA ALA D 367 39.48 -16.62 -40.49
C ALA D 367 39.62 -17.83 -39.59
N MET D 368 38.71 -18.81 -39.75
CA MET D 368 38.92 -20.13 -39.14
C MET D 368 40.29 -20.69 -39.50
N ARG D 369 40.73 -20.55 -40.74
CA ARG D 369 42.04 -21.01 -41.17
C ARG D 369 43.05 -19.88 -41.23
N ALA D 370 42.84 -18.82 -40.45
CA ALA D 370 43.88 -17.83 -40.28
C ALA D 370 45.02 -18.42 -39.46
N PRO D 371 46.25 -18.39 -39.97
CA PRO D 371 47.35 -19.03 -39.23
C PRO D 371 47.82 -18.19 -38.06
N SER D 372 47.48 -16.91 -38.04
CA SER D 372 47.93 -16.03 -36.97
C SER D 372 47.00 -14.82 -36.90
N LEU D 373 47.40 -13.86 -36.05
CA LEU D 373 46.56 -12.69 -35.79
C LEU D 373 46.52 -11.74 -36.98
N GLU D 374 47.65 -11.55 -37.67
CA GLU D 374 47.73 -10.55 -38.72
C GLU D 374 46.89 -10.95 -39.93
N VAL D 375 47.01 -12.22 -40.37
CA VAL D 375 46.14 -12.71 -41.43
C VAL D 375 44.69 -12.72 -40.97
N LEU D 376 44.47 -13.06 -39.71
CA LEU D 376 43.14 -12.89 -39.12
C LEU D 376 42.67 -11.45 -39.20
N LEU D 377 43.60 -10.50 -39.06
CA LEU D 377 43.25 -9.08 -39.10
C LEU D 377 42.75 -8.67 -40.47
N GLY D 378 43.48 -9.05 -41.53
CA GLY D 378 43.09 -8.63 -42.87
C GLY D 378 41.77 -9.24 -43.31
N ILE D 379 41.53 -10.47 -42.89
CA ILE D 379 40.26 -11.13 -43.20
C ILE D 379 39.09 -10.35 -42.61
N GLU D 380 39.23 -9.89 -41.37
CA GLU D 380 38.20 -9.05 -40.77
C GLU D 380 37.98 -7.77 -41.57
N GLY D 381 39.05 -6.99 -41.79
CA GLY D 381 38.89 -5.69 -42.42
C GLY D 381 38.30 -5.80 -43.81
N ALA D 382 38.75 -6.81 -44.56
CA ALA D 382 38.10 -7.10 -45.84
C ALA D 382 36.65 -7.46 -45.63
N SER D 383 36.37 -8.35 -44.67
CA SER D 383 34.99 -8.70 -44.37
C SER D 383 34.23 -7.51 -43.83
N ALA D 384 34.86 -6.73 -42.95
CA ALA D 384 34.26 -5.47 -42.54
C ALA D 384 34.02 -4.58 -43.74
N GLY D 385 35.04 -4.41 -44.58
CA GLY D 385 34.87 -3.61 -45.77
C GLY D 385 33.70 -4.07 -46.61
N ARG D 386 33.75 -5.31 -47.10
CA ARG D 386 32.70 -5.82 -47.96
C ARG D 386 31.34 -5.74 -47.27
N TYR D 387 31.34 -5.77 -45.94
CA TYR D 387 30.13 -5.41 -45.22
C TYR D 387 29.71 -3.97 -45.49
N PHE D 388 30.67 -3.04 -45.49
CA PHE D 388 30.28 -1.63 -45.54
C PHE D 388 29.71 -1.24 -46.90
N GLN D 389 30.31 -1.69 -48.01
CA GLN D 389 29.75 -1.33 -49.31
C GLN D 389 28.29 -1.74 -49.40
N HIS D 390 27.95 -2.84 -48.74
CA HIS D 390 26.58 -3.34 -48.71
C HIS D 390 25.77 -2.76 -47.56
N PHE D 391 26.37 -1.88 -46.75
CA PHE D 391 25.66 -1.31 -45.62
C PHE D 391 24.72 -0.19 -46.03
N SER D 392 25.17 0.68 -46.95
CA SER D 392 24.39 1.84 -47.35
C SER D 392 22.97 1.50 -47.73
N ARG D 393 22.78 0.37 -48.39
CA ARG D 393 21.54 0.06 -49.06
C ARG D 393 20.40 -0.24 -48.10
N MET D 394 20.70 -0.44 -46.82
CA MET D 394 19.70 -0.98 -45.92
C MET D 394 19.17 0.07 -44.98
N LEU D 395 19.43 1.34 -45.28
CA LEU D 395 18.85 2.45 -44.56
C LEU D 395 17.81 3.09 -45.46
N ARG D 396 16.58 3.21 -44.94
CA ARG D 396 15.49 3.92 -45.61
C ARG D 396 15.23 3.33 -47.01
N GLY D 397 15.44 2.03 -47.17
CA GLY D 397 15.20 1.41 -48.47
C GLY D 397 16.04 1.98 -49.59
N GLY D 398 17.29 2.32 -49.30
CA GLY D 398 18.07 3.15 -50.18
C GLY D 398 18.29 4.48 -49.49
N ASP D 399 19.45 5.11 -49.71
CA ASP D 399 19.80 6.28 -48.93
C ASP D 399 18.73 7.36 -49.06
N GLY D 400 18.34 7.92 -47.93
CA GLY D 400 17.44 9.05 -47.91
C GLY D 400 18.18 10.27 -48.44
N GLU D 401 17.46 11.39 -48.46
CA GLU D 401 18.10 12.65 -48.81
C GLU D 401 19.30 12.84 -47.90
N GLY D 402 20.49 12.85 -48.49
CA GLY D 402 21.72 13.04 -47.74
C GLY D 402 22.07 11.93 -46.78
N MET D 403 21.16 10.99 -46.54
CA MET D 403 21.46 9.90 -45.63
C MET D 403 22.15 8.79 -46.40
N GLY D 404 23.24 9.14 -47.12
CA GLY D 404 23.93 8.20 -47.95
C GLY D 404 25.16 7.68 -47.24
N PHE D 405 25.30 6.36 -47.21
CA PHE D 405 26.43 5.74 -46.54
C PHE D 405 27.57 5.45 -47.49
N ASP D 406 28.78 5.65 -46.99
CA ASP D 406 30.00 5.31 -47.72
C ASP D 406 30.81 4.31 -46.93
N PHE D 407 31.10 3.18 -47.57
CA PHE D 407 32.01 2.17 -47.07
C PHE D 407 33.41 2.71 -46.77
N THR D 408 33.91 3.65 -47.56
CA THR D 408 35.31 4.03 -47.45
C THR D 408 35.55 5.35 -46.74
N THR D 409 34.50 6.06 -46.33
CA THR D 409 34.66 7.11 -45.33
C THR D 409 34.56 6.53 -43.94
N ARG D 410 34.42 5.21 -43.85
CA ARG D 410 34.41 4.47 -42.61
C ARG D 410 35.79 4.46 -41.96
N ASN D 411 35.81 4.07 -40.69
CA ASN D 411 37.03 3.74 -39.97
C ASN D 411 38.02 4.90 -39.94
N ARG D 412 37.53 6.14 -39.87
CA ARG D 412 38.42 7.30 -39.88
C ARG D 412 37.79 8.42 -39.06
N ARG D 413 38.64 9.35 -38.62
CA ARG D 413 38.27 10.27 -37.54
C ARG D 413 37.15 11.23 -37.96
N PRO D 414 37.39 12.16 -38.88
CA PRO D 414 36.39 13.18 -39.14
C PRO D 414 35.35 12.68 -40.13
N PRO D 415 34.14 12.36 -39.67
CA PRO D 415 33.19 11.66 -40.53
C PRO D 415 32.59 12.64 -41.52
N LYS D 416 32.94 12.49 -42.80
CA LYS D 416 32.49 13.42 -43.82
C LYS D 416 31.33 12.86 -44.63
N ASP D 417 30.60 11.92 -44.06
CA ASP D 417 29.28 11.55 -44.52
C ASP D 417 28.37 11.56 -43.31
N PRO D 418 27.14 12.03 -43.47
CA PRO D 418 26.23 12.12 -42.33
C PRO D 418 26.07 10.78 -41.64
N VAL D 419 25.64 9.76 -42.36
CA VAL D 419 25.55 8.45 -41.74
C VAL D 419 26.93 7.92 -41.37
N ASN D 420 27.99 8.37 -42.04
CA ASN D 420 29.32 8.04 -41.56
C ASN D 420 29.68 8.82 -40.31
N ALA D 421 29.04 9.97 -40.10
CA ALA D 421 29.03 10.56 -38.77
C ALA D 421 28.24 9.69 -37.82
N LEU D 422 27.09 9.16 -38.27
CA LEU D 422 26.26 8.32 -37.42
C LEU D 422 27.00 7.05 -37.01
N LEU D 423 27.70 6.40 -37.94
CA LEU D 423 28.47 5.21 -37.59
C LEU D 423 29.64 5.57 -36.68
N SER D 424 30.19 6.77 -36.86
CA SER D 424 31.30 7.20 -35.99
C SER D 424 30.86 7.31 -34.54
N PHE D 425 29.69 7.88 -34.30
CA PHE D 425 29.23 8.04 -32.92
C PHE D 425 28.85 6.70 -32.29
N ALA D 426 28.08 5.88 -33.01
CA ALA D 426 27.55 4.65 -32.43
C ALA D 426 28.66 3.78 -31.87
N TYR D 427 29.74 3.59 -32.63
CA TYR D 427 30.89 2.89 -32.10
C TYR D 427 31.54 3.69 -30.96
N ALA D 428 31.60 5.02 -31.12
CA ALA D 428 32.32 5.86 -30.17
C ALA D 428 31.82 5.77 -28.75
N MET D 429 30.51 5.84 -28.53
CA MET D 429 29.98 5.74 -27.18
C MET D 429 29.88 4.31 -26.70
N LEU D 430 29.67 3.35 -27.60
CA LEU D 430 29.31 1.99 -27.24
C LEU D 430 30.49 1.18 -26.69
N THR D 431 31.70 1.42 -27.19
CA THR D 431 32.86 0.69 -26.70
C THR D 431 33.01 0.88 -25.19
N ARG D 432 32.57 2.03 -24.69
CA ARG D 432 32.50 2.26 -23.26
C ARG D 432 31.74 1.17 -22.54
N GLU D 433 30.62 0.72 -23.13
CA GLU D 433 29.78 -0.24 -22.45
C GLU D 433 30.56 -1.51 -22.14
N TRP D 434 31.37 -1.97 -23.09
CA TRP D 434 32.37 -2.96 -22.74
C TRP D 434 33.32 -2.40 -21.71
N THR D 435 33.86 -1.20 -21.94
CA THR D 435 34.86 -0.67 -21.03
C THR D 435 34.32 -0.52 -19.62
N VAL D 436 33.02 -0.26 -19.49
CA VAL D 436 32.45 -0.05 -18.16
C VAL D 436 32.03 -1.38 -17.53
N ALA D 437 31.23 -2.16 -18.25
CA ALA D 437 30.68 -3.38 -17.68
C ALA D 437 31.75 -4.45 -17.50
N LEU D 438 32.68 -4.55 -18.46
CA LEU D 438 33.79 -5.48 -18.32
C LEU D 438 34.67 -5.12 -17.13
N ALA D 439 34.72 -3.84 -16.78
CA ALA D 439 35.45 -3.43 -15.59
C ALA D 439 34.88 -4.06 -14.33
N ALA D 440 33.56 -4.09 -14.21
CA ALA D 440 32.92 -4.61 -13.02
C ALA D 440 33.26 -6.07 -12.76
N VAL D 441 33.53 -6.87 -13.79
CA VAL D 441 33.89 -8.27 -13.61
C VAL D 441 35.36 -8.43 -13.29
N GLY D 442 36.08 -7.33 -13.05
CA GLY D 442 37.46 -7.39 -12.63
C GLY D 442 38.47 -7.61 -13.75
N LEU D 443 38.05 -7.53 -15.01
CA LEU D 443 38.95 -7.76 -16.14
C LEU D 443 39.62 -6.44 -16.56
N ASP D 444 40.52 -6.54 -17.55
CA ASP D 444 41.30 -5.41 -18.07
C ASP D 444 41.07 -5.21 -19.56
N PRO D 445 40.40 -4.14 -19.99
CA PRO D 445 40.12 -3.97 -21.42
C PRO D 445 41.30 -3.44 -22.22
N TYR D 446 42.33 -2.89 -21.58
CA TYR D 446 43.51 -2.43 -22.31
C TYR D 446 44.55 -3.50 -22.54
N ARG D 447 44.40 -4.69 -21.96
CA ARG D 447 45.36 -5.77 -22.19
C ARG D 447 44.72 -6.74 -23.17
N GLY D 448 44.83 -6.42 -24.46
CA GLY D 448 44.09 -7.17 -25.47
C GLY D 448 44.82 -8.36 -26.05
N PHE D 449 44.21 -9.54 -25.96
CA PHE D 449 44.68 -10.67 -26.74
C PHE D 449 44.74 -10.38 -28.22
N TYR D 450 43.66 -9.85 -28.76
CA TYR D 450 43.54 -9.56 -30.18
C TYR D 450 44.02 -8.16 -30.53
N HIS D 451 43.45 -7.14 -29.92
CA HIS D 451 43.75 -5.78 -30.35
C HIS D 451 44.96 -5.24 -29.62
N GLN D 452 45.35 -4.10 -30.02
CA GLN D 452 46.51 -3.48 -29.42
C GLN D 452 46.10 -2.31 -28.55
N PRO D 453 46.69 -2.22 -27.36
CA PRO D 453 46.41 -1.07 -26.50
C PRO D 453 47.01 0.22 -27.05
N ARG D 454 46.19 1.25 -27.06
CA ARG D 454 46.55 2.57 -27.50
C ARG D 454 45.57 3.51 -26.83
N PHE D 455 45.84 4.81 -26.92
CA PHE D 455 45.08 5.75 -26.13
C PHE D 455 43.63 5.78 -26.61
N GLY D 456 42.70 5.89 -25.67
CA GLY D 456 41.34 6.21 -26.00
C GLY D 456 40.45 5.03 -26.30
N ARG D 457 41.00 3.87 -26.65
CA ARG D 457 40.20 2.70 -26.99
C ARG D 457 40.82 1.47 -26.34
N PRO D 458 40.07 0.80 -25.46
CA PRO D 458 40.66 -0.32 -24.71
C PRO D 458 40.80 -1.56 -25.57
N ALA D 459 41.96 -2.22 -25.43
CA ALA D 459 42.36 -3.27 -26.36
C ALA D 459 41.46 -4.49 -26.29
N LEU D 460 40.70 -4.67 -25.22
CA LEU D 460 39.69 -5.72 -25.18
C LEU D 460 38.28 -5.19 -25.29
N ALA D 461 38.01 -3.97 -24.82
CA ALA D 461 36.74 -3.35 -25.15
C ALA D 461 36.57 -3.27 -26.66
N LEU D 462 37.68 -3.23 -27.38
CA LEU D 462 37.64 -3.46 -28.82
C LEU D 462 37.42 -4.92 -29.16
N ASP D 463 38.12 -5.83 -28.46
CA ASP D 463 38.09 -7.24 -28.82
C ASP D 463 36.69 -7.81 -28.71
N MET D 464 36.03 -7.54 -27.58
CA MET D 464 34.66 -7.99 -27.38
C MET D 464 33.63 -7.20 -28.17
N MET D 465 33.97 -6.01 -28.65
CA MET D 465 33.04 -5.26 -29.47
C MET D 465 32.93 -5.82 -30.88
N GLU D 466 33.86 -6.69 -31.28
CA GLU D 466 33.78 -7.30 -32.60
C GLU D 466 32.42 -7.90 -32.89
N PRO D 467 31.91 -8.89 -32.15
CA PRO D 467 30.61 -9.47 -32.52
C PRO D 467 29.46 -8.49 -32.47
N PHE D 468 29.55 -7.44 -31.64
CA PHE D 468 28.37 -6.67 -31.28
C PHE D 468 28.22 -5.36 -32.04
N ARG D 469 29.12 -5.05 -32.98
CA ARG D 469 28.88 -3.90 -33.86
C ARG D 469 27.61 -4.08 -34.69
N PRO D 470 27.39 -5.22 -35.37
CA PRO D 470 26.18 -5.33 -36.20
C PRO D 470 24.89 -5.34 -35.39
N LEU D 471 24.83 -6.14 -34.33
CA LEU D 471 23.60 -6.24 -33.56
C LEU D 471 23.18 -4.90 -32.95
N ILE D 472 24.12 -4.17 -32.36
CA ILE D 472 23.81 -2.97 -31.58
C ILE D 472 24.11 -1.71 -32.36
N ALA D 473 25.38 -1.46 -32.68
CA ALA D 473 25.78 -0.16 -33.20
C ALA D 473 25.35 0.01 -34.65
N ASP D 474 25.44 -1.06 -35.44
CA ASP D 474 25.13 -0.94 -36.85
C ASP D 474 23.62 -0.88 -37.08
N SER D 475 22.86 -1.62 -36.28
CA SER D 475 21.41 -1.69 -36.48
C SER D 475 20.74 -0.38 -36.08
N THR D 476 21.14 0.18 -34.93
CA THR D 476 20.52 1.41 -34.45
C THR D 476 20.68 2.54 -35.45
N VAL D 477 21.79 2.55 -36.18
CA VAL D 477 21.97 3.54 -37.23
C VAL D 477 20.90 3.37 -38.30
N LEU D 478 20.70 2.14 -38.76
CA LEU D 478 19.71 1.89 -39.79
C LEU D 478 18.34 2.35 -39.33
N MET D 479 17.89 1.86 -38.18
CA MET D 479 16.56 2.19 -37.69
C MET D 479 16.40 3.68 -37.51
N ALA D 480 17.39 4.33 -36.88
CA ALA D 480 17.32 5.77 -36.67
C ALA D 480 17.20 6.50 -38.00
N ILE D 481 17.89 6.03 -39.03
CA ILE D 481 17.63 6.51 -40.37
C ILE D 481 16.25 6.03 -40.83
N ASN D 482 15.97 4.74 -40.62
CA ASN D 482 14.80 4.12 -41.25
C ASN D 482 13.51 4.66 -40.66
N ASN D 483 13.42 4.69 -39.34
CA ASN D 483 12.20 5.18 -38.71
C ASN D 483 12.07 6.69 -38.80
N GLY D 484 13.15 7.39 -39.12
CA GLY D 484 13.13 8.83 -39.14
C GLY D 484 13.70 9.50 -37.91
N GLU D 485 14.41 8.78 -37.05
CA GLU D 485 15.12 9.44 -35.97
C GLU D 485 16.18 10.37 -36.53
N ILE D 486 16.90 9.90 -37.55
CA ILE D 486 18.01 10.64 -38.13
C ILE D 486 17.76 10.83 -39.61
N ARG D 487 17.82 12.08 -40.06
CA ARG D 487 17.78 12.45 -41.46
C ARG D 487 18.85 13.51 -41.72
N THR D 488 18.87 14.06 -42.93
CA THR D 488 19.88 15.05 -43.25
C THR D 488 19.73 16.32 -42.44
N GLY D 489 18.49 16.79 -42.25
CA GLY D 489 18.29 17.95 -41.41
C GLY D 489 18.79 17.75 -40.00
N ASP D 490 18.91 16.48 -39.59
CA ASP D 490 19.56 16.16 -38.34
C ASP D 490 21.07 16.39 -38.40
N PHE D 491 21.60 16.69 -39.58
CA PHE D 491 23.04 16.86 -39.72
C PHE D 491 23.41 18.31 -40.02
N VAL D 492 24.48 18.75 -39.39
CA VAL D 492 25.09 20.05 -39.64
C VAL D 492 26.55 19.81 -40.00
N ARG D 493 27.16 20.77 -40.69
CA ARG D 493 28.50 20.55 -41.17
C ARG D 493 29.50 21.09 -40.14
N SER D 494 30.78 20.84 -40.39
CA SER D 494 31.83 21.48 -39.61
C SER D 494 33.16 21.32 -40.33
N ALA D 495 34.21 21.83 -39.68
CA ALA D 495 35.54 21.69 -40.24
C ALA D 495 35.96 20.24 -40.38
N GLY D 496 35.68 19.43 -39.35
CA GLY D 496 36.08 18.04 -39.39
C GLY D 496 35.30 17.23 -40.41
N GLY D 497 33.97 17.28 -40.34
CA GLY D 497 33.14 16.48 -41.22
C GLY D 497 31.67 16.62 -40.92
N CYS D 498 30.97 15.50 -40.84
CA CYS D 498 29.54 15.49 -40.64
C CYS D 498 29.22 15.39 -39.16
N ASN D 499 28.24 16.17 -38.73
CA ASN D 499 27.91 16.31 -37.33
C ASN D 499 26.40 16.41 -37.20
N LEU D 500 25.91 16.34 -35.96
CA LEU D 500 24.48 16.26 -35.67
C LEU D 500 24.05 17.36 -34.71
N THR D 501 22.77 17.74 -34.76
CA THR D 501 22.25 18.77 -33.88
C THR D 501 21.97 18.21 -32.49
N ASP D 502 21.70 19.12 -31.55
CA ASP D 502 21.40 18.69 -30.20
C ASP D 502 20.15 17.80 -30.18
N SER D 503 19.09 18.24 -30.86
CA SER D 503 17.81 17.53 -30.82
C SER D 503 17.95 16.08 -31.29
N ALA D 504 18.59 15.87 -32.45
CA ALA D 504 18.77 14.51 -32.93
C ALA D 504 19.75 13.75 -32.04
N ARG D 505 20.69 14.47 -31.42
CA ARG D 505 21.63 13.81 -30.53
C ARG D 505 20.93 13.21 -29.33
N LYS D 506 19.94 13.91 -28.76
CA LYS D 506 19.02 13.21 -27.88
C LYS D 506 18.41 12.01 -28.59
N ARG D 507 17.90 12.22 -29.81
CA ARG D 507 17.10 11.20 -30.47
C ARG D 507 17.89 9.92 -30.68
N PHE D 508 19.14 10.03 -31.10
CA PHE D 508 19.91 8.81 -31.29
C PHE D 508 20.32 8.21 -29.95
N ILE D 509 20.59 9.05 -28.94
CA ILE D 509 21.02 8.54 -27.64
C ILE D 509 19.92 7.75 -26.97
N ALA D 510 18.72 8.32 -26.89
CA ALA D 510 17.65 7.66 -26.14
C ALA D 510 17.25 6.35 -26.81
N GLY D 511 17.09 6.37 -28.13
CA GLY D 511 16.88 5.13 -28.85
C GLY D 511 18.05 4.18 -28.70
N PHE D 512 19.26 4.73 -28.65
CA PHE D 512 20.42 3.92 -28.31
C PHE D 512 20.29 3.40 -26.88
N GLU D 513 19.80 4.24 -25.97
CA GLU D 513 19.44 3.78 -24.63
C GLU D 513 18.39 2.68 -24.69
N ARG D 514 17.47 2.76 -25.65
CA ARG D 514 16.40 1.76 -25.72
C ARG D 514 16.90 0.45 -26.33
N ARG D 515 17.91 0.53 -27.21
CA ARG D 515 18.48 -0.68 -27.76
C ARG D 515 19.13 -1.52 -26.67
N MET D 516 19.40 -0.90 -25.52
CA MET D 516 20.26 -1.53 -24.52
C MET D 516 19.47 -2.50 -23.64
N GLU D 517 18.15 -2.35 -23.60
CA GLU D 517 17.33 -3.15 -22.70
C GLU D 517 16.43 -4.13 -23.45
N GLN D 518 16.57 -4.23 -24.76
CA GLN D 518 15.65 -4.99 -25.59
C GLN D 518 15.91 -6.48 -25.39
N GLU D 519 14.85 -7.24 -25.14
CA GLU D 519 15.04 -8.64 -24.85
C GLU D 519 15.19 -9.45 -26.13
N VAL D 520 16.22 -10.29 -26.15
CA VAL D 520 16.45 -11.29 -27.16
C VAL D 520 16.71 -12.61 -26.45
N THR D 521 17.07 -13.64 -27.20
CA THR D 521 17.35 -14.94 -26.62
C THR D 521 18.80 -15.33 -26.88
N HIS D 522 19.44 -15.91 -25.86
CA HIS D 522 20.76 -16.46 -26.05
C HIS D 522 20.68 -17.69 -26.93
N PRO D 523 21.43 -17.74 -28.04
CA PRO D 523 21.38 -18.94 -28.89
C PRO D 523 21.78 -20.21 -28.17
N ILE D 524 22.77 -20.12 -27.28
CA ILE D 524 23.24 -21.30 -26.55
C ILE D 524 22.30 -21.63 -25.40
N PHE D 525 21.83 -20.60 -24.69
CA PHE D 525 21.10 -20.79 -23.44
C PHE D 525 19.63 -20.40 -23.52
N LYS D 526 19.16 -19.91 -24.68
CA LYS D 526 17.74 -19.83 -25.02
C LYS D 526 16.89 -19.20 -23.91
N TYR D 527 17.13 -17.92 -23.67
CA TYR D 527 16.35 -17.17 -22.70
C TYR D 527 16.23 -15.71 -23.11
N THR D 528 15.10 -15.12 -22.74
CA THR D 528 14.87 -13.70 -22.93
C THR D 528 16.02 -12.91 -22.30
N ILE D 529 16.82 -12.24 -23.13
CA ILE D 529 17.97 -11.51 -22.64
C ILE D 529 17.97 -10.09 -23.21
N SER D 530 18.06 -9.11 -22.33
CA SER D 530 18.25 -7.74 -22.78
C SER D 530 19.71 -7.48 -23.09
N TYR D 531 19.95 -6.39 -23.82
CA TYR D 531 21.32 -6.07 -24.20
C TYR D 531 22.12 -5.56 -23.01
N ARG D 532 21.48 -4.90 -22.05
CA ARG D 532 22.21 -4.51 -20.85
C ARG D 532 22.61 -5.74 -20.06
N ARG D 533 22.03 -6.89 -20.37
CA ARG D 533 22.48 -8.10 -19.71
C ARG D 533 23.10 -9.11 -20.67
N LEU D 534 23.19 -8.79 -21.96
CA LEU D 534 24.03 -9.61 -22.84
C LEU D 534 25.50 -9.52 -22.45
N LEU D 535 26.02 -8.28 -22.37
CA LEU D 535 27.46 -8.09 -22.29
C LEU D 535 28.03 -8.60 -20.97
N GLU D 536 27.28 -8.41 -19.88
CA GLU D 536 27.82 -8.73 -18.57
C GLU D 536 27.84 -10.22 -18.32
N VAL D 537 26.86 -10.94 -18.87
CA VAL D 537 26.94 -12.40 -18.91
C VAL D 537 28.15 -12.83 -19.75
N GLN D 538 28.44 -12.09 -20.80
CA GLN D 538 29.59 -12.42 -21.64
C GLN D 538 30.91 -12.19 -20.90
N ALA D 539 30.99 -11.09 -20.15
CA ALA D 539 32.22 -10.76 -19.43
C ALA D 539 32.56 -11.84 -18.41
N ARG D 540 31.54 -12.44 -17.79
CA ARG D 540 31.77 -13.34 -16.67
C ARG D 540 32.49 -14.61 -17.11
N LEU D 541 31.99 -15.25 -18.18
CA LEU D 541 32.57 -16.50 -18.66
C LEU D 541 34.01 -16.34 -19.12
N LEU D 542 34.39 -15.15 -19.61
CA LEU D 542 35.78 -14.94 -20.03
C LEU D 542 36.72 -15.24 -18.88
N THR D 543 36.44 -14.67 -17.71
CA THR D 543 37.19 -15.02 -16.51
C THR D 543 37.27 -16.54 -16.36
N ARG D 544 36.11 -17.19 -16.46
CA ARG D 544 36.01 -18.64 -16.36
C ARG D 544 36.74 -19.34 -17.50
N TYR D 545 36.64 -18.84 -18.72
CA TYR D 545 37.43 -19.48 -19.76
C TYR D 545 38.90 -19.12 -19.58
N LEU D 546 39.16 -17.89 -19.14
CA LEU D 546 40.53 -17.54 -18.74
C LEU D 546 40.95 -18.34 -17.52
N SER D 547 40.03 -18.57 -16.60
CA SER D 547 40.23 -19.59 -15.58
C SER D 547 40.21 -20.99 -16.15
N GLY D 548 39.65 -21.16 -17.36
CA GLY D 548 39.54 -22.47 -17.95
C GLY D 548 38.37 -23.29 -17.48
N GLU D 549 37.42 -22.70 -16.74
CA GLU D 549 36.28 -23.48 -16.30
C GLU D 549 35.47 -24.00 -17.48
N ILE D 550 35.10 -23.13 -18.40
CA ILE D 550 34.35 -23.54 -19.57
C ILE D 550 35.37 -23.95 -20.63
N PRO D 551 35.24 -25.14 -21.22
CA PRO D 551 36.27 -25.59 -22.16
C PRO D 551 36.42 -24.65 -23.35
N ALA D 552 35.34 -23.98 -23.75
CA ALA D 552 35.39 -23.08 -24.87
C ALA D 552 34.47 -21.89 -24.58
N TYR D 553 34.34 -21.03 -25.57
CA TYR D 553 33.59 -19.78 -25.43
C TYR D 553 32.29 -19.84 -26.22
N PRO D 554 31.15 -19.43 -25.64
CA PRO D 554 29.93 -19.21 -26.41
C PRO D 554 30.00 -17.87 -27.14
N ASN D 555 30.08 -17.93 -28.47
CA ASN D 555 30.25 -16.72 -29.28
C ASN D 555 28.99 -15.89 -29.40
N PHE D 556 27.84 -16.40 -28.95
CA PHE D 556 26.56 -15.71 -29.11
C PHE D 556 26.34 -15.31 -30.57
N VAL D 557 26.20 -16.33 -31.41
CA VAL D 557 25.95 -16.12 -32.82
C VAL D 557 24.46 -16.15 -33.07
N THR D 558 23.88 -14.99 -33.41
CA THR D 558 22.45 -14.90 -33.65
C THR D 558 22.15 -14.68 -35.12
N GLY E 219 64.68 12.45 -11.57
CA GLY E 219 63.26 12.23 -11.78
C GLY E 219 62.65 13.14 -12.81
N ARG E 220 61.34 13.01 -13.04
CA ARG E 220 60.64 13.82 -14.02
C ARG E 220 60.00 15.06 -13.44
N GLY E 221 59.30 14.95 -12.33
CA GLY E 221 58.63 16.11 -11.75
C GLY E 221 58.02 15.74 -10.42
N LEU E 222 57.29 16.71 -9.86
CA LEU E 222 56.67 16.55 -8.57
C LEU E 222 55.20 16.91 -8.65
N PRO E 223 54.36 16.27 -7.83
CA PRO E 223 52.94 16.63 -7.79
C PRO E 223 52.71 18.02 -7.21
N LEU E 224 51.60 18.63 -7.59
CA LEU E 224 51.20 19.93 -7.05
C LEU E 224 50.03 19.74 -6.10
N TYR E 225 50.16 20.28 -4.90
CA TYR E 225 49.17 20.18 -3.85
C TYR E 225 48.36 21.48 -3.79
N VAL E 226 47.11 21.40 -4.24
CA VAL E 226 46.22 22.56 -4.23
C VAL E 226 45.45 22.49 -2.91
N GLN E 227 46.07 23.02 -1.86
CA GLN E 227 45.56 22.86 -0.50
C GLN E 227 44.17 23.48 -0.34
N SER E 228 43.95 24.63 -0.95
CA SER E 228 42.76 25.43 -0.65
C SER E 228 41.49 24.81 -1.23
N PRO E 229 40.44 24.66 -0.43
CA PRO E 229 39.13 24.32 -0.99
C PRO E 229 38.49 25.44 -1.80
N LYS E 230 38.84 26.69 -1.51
CA LYS E 230 38.27 27.81 -2.25
C LYS E 230 38.92 27.99 -3.62
N ALA E 231 40.10 27.43 -3.83
CA ALA E 231 40.88 27.74 -5.03
C ALA E 231 40.11 27.39 -6.30
N TYR E 232 40.35 28.18 -7.34
CA TYR E 232 39.79 27.97 -8.67
C TYR E 232 40.95 27.73 -9.61
N VAL E 233 41.06 26.50 -10.12
CA VAL E 233 42.23 26.06 -10.88
C VAL E 233 41.87 26.00 -12.36
N ARG E 234 42.66 26.68 -13.18
CA ARG E 234 42.46 26.73 -14.62
C ARG E 234 43.72 26.23 -15.33
N LYS E 235 43.62 26.16 -16.65
CA LYS E 235 44.77 25.86 -17.49
C LYS E 235 45.15 27.11 -18.27
N ASP E 236 46.41 27.52 -18.16
CA ASP E 236 46.94 28.61 -18.97
C ASP E 236 47.86 27.97 -19.99
N GLY E 237 47.26 27.44 -21.06
CA GLY E 237 48.05 26.73 -22.05
C GLY E 237 48.84 25.60 -21.43
N ASP E 238 50.15 25.81 -21.34
CA ASP E 238 51.03 24.89 -20.64
C ASP E 238 50.95 25.06 -19.14
N CYS E 239 50.44 26.19 -18.66
CA CYS E 239 50.47 26.50 -17.25
C CYS E 239 49.21 26.00 -16.57
N LEU E 240 49.38 25.58 -15.32
CA LEU E 240 48.27 25.20 -14.46
C LEU E 240 48.15 26.29 -13.40
N VAL E 241 47.27 27.26 -13.65
CA VAL E 241 47.15 28.45 -12.81
C VAL E 241 46.23 28.13 -11.64
N ILE E 242 46.55 28.69 -10.48
CA ILE E 242 45.72 28.56 -9.29
C ILE E 242 45.17 29.93 -8.95
N GLU E 243 43.85 30.05 -8.88
CA GLU E 243 43.21 31.26 -8.44
C GLU E 243 42.35 30.97 -7.21
N GLU E 244 42.48 31.84 -6.21
CA GLU E 244 41.78 31.68 -4.95
C GLU E 244 40.45 32.41 -4.96
N GLU E 245 40.48 33.70 -5.21
CA GLU E 245 39.29 34.53 -5.35
C GLU E 245 39.38 35.30 -6.66
N ARG E 246 39.70 34.56 -7.73
CA ARG E 246 40.10 35.07 -9.04
C ARG E 246 41.50 35.67 -9.01
N VAL E 247 42.20 35.58 -7.88
CA VAL E 247 43.55 36.07 -7.74
C VAL E 247 44.50 34.88 -7.82
N ARG E 248 45.56 35.03 -8.60
CA ARG E 248 46.53 33.95 -8.75
C ARG E 248 47.11 33.56 -7.40
N VAL E 249 47.31 32.25 -7.23
CA VAL E 249 47.93 31.74 -6.02
C VAL E 249 49.34 31.31 -6.36
N ALA E 250 49.46 30.37 -7.29
CA ALA E 250 50.75 29.92 -7.79
C ALA E 250 50.52 29.27 -9.14
N GLU E 251 51.59 28.73 -9.72
CA GLU E 251 51.49 28.06 -11.00
C GLU E 251 52.31 26.78 -10.97
N ALA E 252 51.81 25.77 -11.67
CA ALA E 252 52.53 24.52 -11.85
C ALA E 252 53.26 24.48 -13.18
N ARG E 253 52.75 25.17 -14.19
CA ARG E 253 53.24 25.19 -15.56
C ARG E 253 53.24 23.80 -16.17
N LEU E 254 52.67 22.80 -15.50
CA LEU E 254 52.47 21.47 -16.04
C LEU E 254 53.75 20.89 -16.66
N GLY E 255 54.89 21.47 -16.32
CA GLY E 255 56.16 21.01 -16.83
C GLY E 255 56.84 20.02 -15.89
N GLU E 256 57.00 20.41 -14.63
CA GLU E 256 57.51 19.51 -13.59
C GLU E 256 56.39 18.88 -12.80
N THR E 257 55.26 18.63 -13.44
CA THR E 257 54.02 18.27 -12.77
C THR E 257 53.81 16.76 -12.73
N SER E 258 52.92 16.34 -11.84
CA SER E 258 52.52 14.95 -11.69
C SER E 258 51.09 14.97 -11.17
N GLN E 259 50.65 13.85 -10.59
CA GLN E 259 49.35 13.75 -9.94
C GLN E 259 49.01 15.03 -9.18
N VAL E 260 47.81 15.55 -9.39
CA VAL E 260 47.40 16.82 -8.79
C VAL E 260 46.41 16.53 -7.67
N ALA E 261 46.64 17.16 -6.51
CA ALA E 261 45.83 16.93 -5.31
C ALA E 261 44.91 18.12 -5.08
N LEU E 262 43.62 17.83 -4.89
CA LEU E 262 42.59 18.85 -4.71
C LEU E 262 41.78 18.57 -3.45
N PHE E 263 41.32 19.63 -2.80
CA PHE E 263 40.66 19.56 -1.50
C PHE E 263 39.16 19.79 -1.66
N GLY E 264 38.39 19.54 -0.60
CA GLY E 264 36.94 19.48 -0.68
C GLY E 264 36.22 20.69 -1.24
N ASN E 265 35.32 20.45 -2.20
CA ASN E 265 34.58 21.51 -2.90
C ASN E 265 35.52 22.54 -3.53
N ALA E 266 36.74 22.13 -3.86
CA ALA E 266 37.60 22.97 -4.69
C ALA E 266 37.18 22.85 -6.15
N THR E 267 37.68 23.76 -6.97
CA THR E 267 37.28 23.83 -8.37
C THR E 267 38.47 23.65 -9.28
N LEU E 268 38.36 22.70 -10.20
CA LEU E 268 39.32 22.50 -11.29
C LEU E 268 38.56 22.65 -12.59
N THR E 269 38.99 23.59 -13.43
CA THR E 269 38.32 23.76 -14.72
C THR E 269 38.58 22.57 -15.61
N THR E 270 37.61 22.29 -16.48
CA THR E 270 37.73 21.17 -17.39
C THR E 270 38.95 21.32 -18.30
N ALA E 271 39.25 22.53 -18.74
CA ALA E 271 40.42 22.74 -19.58
C ALA E 271 41.69 22.29 -18.88
N ALA E 272 41.89 22.72 -17.64
CA ALA E 272 42.99 22.18 -16.85
C ALA E 272 42.76 20.71 -16.54
N LEU E 273 41.52 20.34 -16.26
CA LEU E 273 41.20 18.92 -16.10
C LEU E 273 41.61 18.11 -17.31
N HIS E 274 41.17 18.53 -18.50
CA HIS E 274 41.50 17.78 -19.70
C HIS E 274 42.99 17.82 -19.96
N GLU E 275 43.61 19.00 -19.78
CA GLU E 275 45.04 19.16 -19.99
C GLU E 275 45.84 18.12 -19.22
N CYS E 276 45.56 17.98 -17.92
CA CYS E 276 46.21 16.91 -17.17
C CYS E 276 45.87 15.55 -17.74
N LEU E 277 44.60 15.34 -18.11
CA LEU E 277 44.20 14.09 -18.75
C LEU E 277 44.81 13.97 -20.14
N ARG E 278 45.06 15.10 -20.80
CA ARG E 278 45.78 15.04 -22.07
C ARG E 278 47.22 14.61 -21.88
N ARG E 279 47.90 15.13 -20.86
CA ARG E 279 49.27 14.76 -20.56
C ARG E 279 49.35 13.50 -19.67
N GLU E 280 48.20 12.86 -19.45
CA GLU E 280 48.07 11.65 -18.65
C GLU E 280 48.62 11.86 -17.24
N ILE E 281 48.29 12.99 -16.64
CA ILE E 281 48.52 13.26 -15.24
C ILE E 281 47.42 12.56 -14.45
N PRO E 282 47.75 11.72 -13.48
CA PRO E 282 46.70 11.09 -12.66
C PRO E 282 46.27 11.94 -11.47
N VAL E 283 45.38 12.90 -11.74
CA VAL E 283 44.92 13.82 -10.72
C VAL E 283 44.03 13.08 -9.73
N THR E 284 44.25 13.33 -8.44
CA THR E 284 43.48 12.71 -7.38
C THR E 284 42.49 13.69 -6.79
N TRP E 285 41.70 13.20 -5.84
CA TRP E 285 40.77 14.05 -5.10
C TRP E 285 40.91 13.79 -3.61
N LEU E 286 41.04 14.88 -2.86
CA LEU E 286 41.23 14.84 -1.42
C LEU E 286 40.16 15.70 -0.77
N SER E 287 39.81 15.37 0.47
CA SER E 287 38.87 16.20 1.16
C SER E 287 39.51 17.55 1.49
N TYR E 288 38.71 18.46 2.04
CA TYR E 288 39.26 19.70 2.56
C TYR E 288 40.30 19.42 3.64
N GLY E 289 40.01 18.47 4.51
CA GLY E 289 41.03 18.01 5.43
C GLY E 289 42.15 17.28 4.73
N GLY E 290 42.01 17.09 3.42
CA GLY E 290 42.97 16.33 2.66
C GLY E 290 42.58 14.88 2.66
N TRP E 291 41.43 14.59 3.23
CA TRP E 291 41.02 13.22 3.42
C TRP E 291 40.65 12.62 2.07
N PHE E 292 41.22 11.46 1.77
CA PHE E 292 41.29 11.00 0.39
C PHE E 292 39.92 10.59 -0.11
N MET E 293 39.74 10.72 -1.43
CA MET E 293 38.68 10.00 -2.10
C MET E 293 39.16 9.10 -3.21
N GLY E 294 39.89 9.61 -4.18
CA GLY E 294 40.21 8.83 -5.35
C GLY E 294 40.82 9.71 -6.43
N HIS E 295 41.13 9.06 -7.54
CA HIS E 295 41.93 9.59 -8.62
C HIS E 295 41.07 9.82 -9.85
N THR E 296 41.73 10.09 -10.97
CA THR E 296 41.05 10.18 -12.27
C THR E 296 42.09 9.83 -13.34
N VAL E 297 41.92 8.67 -13.98
CA VAL E 297 42.88 8.16 -14.95
C VAL E 297 42.29 8.24 -16.35
N SER E 298 43.15 8.58 -17.31
CA SER E 298 42.73 8.69 -18.70
C SER E 298 42.64 7.32 -19.35
N THR E 299 42.14 7.31 -20.60
CA THR E 299 42.11 6.11 -21.42
C THR E 299 43.42 5.98 -22.21
N GLY E 300 44.52 5.98 -21.45
CA GLY E 300 45.84 5.97 -22.05
C GLY E 300 46.59 4.70 -21.72
N HIS E 301 47.58 4.42 -22.55
CA HIS E 301 48.51 3.32 -22.34
C HIS E 301 49.71 3.74 -21.49
N ARG E 302 49.54 4.77 -20.65
CA ARG E 302 50.66 5.25 -19.84
C ARG E 302 51.11 4.21 -18.83
N ASN E 303 50.15 3.48 -18.23
CA ASN E 303 50.48 2.63 -17.09
C ASN E 303 50.06 1.17 -17.22
N VAL E 304 49.21 0.82 -18.20
CA VAL E 304 48.95 -0.59 -18.48
C VAL E 304 50.25 -1.30 -18.78
N GLU E 305 51.17 -0.60 -19.43
CA GLU E 305 52.51 -1.12 -19.61
C GLU E 305 53.15 -1.44 -18.27
N THR E 306 53.08 -0.50 -17.32
CA THR E 306 53.48 -0.81 -15.95
C THR E 306 52.61 -1.93 -15.38
N ARG E 307 51.32 -1.91 -15.71
CA ARG E 307 50.43 -2.96 -15.26
C ARG E 307 50.81 -4.30 -15.88
N THR E 308 51.25 -4.30 -17.14
CA THR E 308 51.61 -5.57 -17.76
C THR E 308 53.03 -5.98 -17.41
N TYR E 309 53.97 -5.03 -17.22
CA TYR E 309 55.24 -5.40 -16.61
C TYR E 309 55.04 -5.97 -15.22
N GLN E 310 54.36 -5.22 -14.36
CA GLN E 310 54.23 -5.61 -12.96
C GLN E 310 53.67 -7.03 -12.85
N TYR E 311 52.63 -7.31 -13.64
CA TYR E 311 52.14 -8.68 -13.72
C TYR E 311 53.21 -9.60 -14.30
N GLN E 312 53.83 -9.19 -15.40
CA GLN E 312 54.85 -10.03 -16.02
C GLN E 312 56.12 -10.11 -15.19
N ARG E 313 56.57 -8.98 -14.61
CA ARG E 313 57.77 -8.99 -13.77
C ARG E 313 57.54 -9.60 -12.40
N SER E 314 56.32 -9.55 -11.85
CA SER E 314 56.08 -10.21 -10.58
C SER E 314 56.31 -11.70 -10.67
N PHE E 315 56.27 -12.27 -11.87
CA PHE E 315 56.58 -13.67 -12.07
C PHE E 315 58.05 -13.99 -11.78
N ASP E 316 58.92 -12.94 -11.59
CA ASP E 316 60.36 -13.07 -11.40
C ASP E 316 60.72 -13.21 -9.93
N PRO E 317 61.45 -14.27 -9.58
CA PRO E 317 61.93 -14.41 -8.19
C PRO E 317 62.93 -13.32 -7.84
N GLU E 318 63.92 -13.11 -8.70
CA GLU E 318 64.92 -12.08 -8.44
C GLU E 318 64.26 -10.74 -8.13
N THR E 319 63.34 -10.30 -8.97
CA THR E 319 62.56 -9.12 -8.66
C THR E 319 61.96 -9.24 -7.27
N CYS E 320 61.39 -10.40 -6.96
CA CYS E 320 60.87 -10.61 -5.61
C CYS E 320 62.01 -10.68 -4.60
N LEU E 321 62.97 -11.58 -4.80
CA LEU E 321 64.01 -11.78 -3.79
C LEU E 321 64.86 -10.52 -3.59
N ASN E 322 65.30 -9.90 -4.69
CA ASN E 322 66.12 -8.70 -4.56
C ASN E 322 65.40 -7.63 -3.77
N LEU E 323 64.22 -7.21 -4.25
CA LEU E 323 63.50 -6.13 -3.62
C LEU E 323 63.08 -6.48 -2.20
N ALA E 324 62.66 -7.73 -1.98
CA ALA E 324 62.38 -8.17 -0.62
C ALA E 324 63.58 -7.96 0.27
N ARG E 325 64.76 -8.39 -0.18
CA ARG E 325 65.98 -8.09 0.54
C ARG E 325 66.18 -6.59 0.66
N ARG E 326 65.86 -5.83 -0.39
CA ARG E 326 66.08 -4.39 -0.35
C ARG E 326 65.18 -3.74 0.68
N TRP E 327 63.97 -4.27 0.86
CA TRP E 327 63.06 -3.74 1.87
C TRP E 327 63.52 -4.13 3.26
N ILE E 328 63.92 -5.38 3.44
CA ILE E 328 64.32 -5.85 4.77
C ILE E 328 65.55 -5.11 5.27
N VAL E 329 66.53 -4.90 4.39
CA VAL E 329 67.74 -4.20 4.83
C VAL E 329 67.41 -2.74 5.16
N ALA E 330 66.53 -2.13 4.39
CA ALA E 330 66.15 -0.74 4.66
C ALA E 330 65.45 -0.63 6.01
N LYS E 331 64.57 -1.59 6.32
CA LYS E 331 63.83 -1.50 7.58
C LYS E 331 64.74 -1.76 8.78
N ILE E 332 65.68 -2.71 8.65
CA ILE E 332 66.58 -2.99 9.77
C ILE E 332 67.44 -1.77 10.07
N ALA E 333 67.97 -1.11 9.03
CA ALA E 333 68.79 0.07 9.26
C ALA E 333 67.96 1.18 9.92
N ASN E 334 66.74 1.39 9.44
CA ASN E 334 65.89 2.45 9.99
C ASN E 334 65.57 2.20 11.46
N CYS E 335 65.31 0.94 11.82
CA CYS E 335 64.99 0.62 13.20
C CYS E 335 66.15 0.97 14.12
N ARG E 336 67.33 0.43 13.84
CA ARG E 336 68.49 0.76 14.66
C ARG E 336 68.88 2.22 14.48
N THR E 337 68.55 2.81 13.34
CA THR E 337 68.74 4.24 13.20
C THR E 337 67.86 4.99 14.19
N LEU E 338 66.64 4.51 14.41
CA LEU E 338 65.82 5.08 15.47
C LEU E 338 66.40 4.76 16.83
N LEU E 339 66.87 3.53 17.05
CA LEU E 339 67.43 3.17 18.35
C LEU E 339 68.53 4.13 18.75
N ARG E 340 69.31 4.60 17.77
CA ARG E 340 70.31 5.62 18.07
C ARG E 340 69.74 7.03 18.02
N ARG E 341 68.47 7.19 17.66
CA ARG E 341 67.87 8.52 17.68
C ARG E 341 67.11 8.79 18.98
N ASN E 342 66.07 8.00 19.25
CA ASN E 342 65.15 8.27 20.34
C ASN E 342 65.45 7.41 21.56
N TRP E 343 66.69 6.95 21.71
CA TRP E 343 67.06 6.16 22.86
C TRP E 343 66.91 6.99 24.13
N ARG E 344 65.95 6.62 24.97
CA ARG E 344 65.49 7.47 26.06
C ARG E 344 65.83 6.88 27.43
N GLY E 345 67.07 6.45 27.61
CA GLY E 345 67.52 6.02 28.93
C GLY E 345 68.18 7.11 29.73
N GLU E 346 67.46 8.19 29.99
CA GLU E 346 68.02 9.36 30.64
C GLU E 346 68.43 9.04 32.07
N GLY E 347 69.59 9.56 32.47
CA GLY E 347 70.08 9.38 33.81
C GLY E 347 71.20 8.38 33.90
N ASP E 348 71.10 7.28 33.15
CA ASP E 348 72.10 6.22 33.22
C ASP E 348 72.47 5.59 31.88
N GLU E 349 71.61 5.64 30.86
CA GLU E 349 71.77 4.87 29.63
C GLU E 349 71.51 5.73 28.41
N ALA E 350 72.22 6.85 28.31
CA ALA E 350 72.03 7.76 27.18
C ALA E 350 72.32 7.09 25.84
N LYS E 351 73.08 6.00 25.84
CA LYS E 351 73.43 5.30 24.61
C LYS E 351 72.78 3.92 24.55
N ALA E 352 72.37 3.56 23.34
CA ALA E 352 71.86 2.21 23.08
C ALA E 352 73.01 1.22 23.11
N PRO E 353 72.73 -0.06 23.38
CA PRO E 353 73.80 -1.06 23.38
C PRO E 353 74.36 -1.25 21.98
N PRO E 354 75.65 -0.99 21.78
CA PRO E 354 76.26 -1.31 20.48
C PRO E 354 76.11 -2.77 20.11
N GLY E 355 76.18 -3.68 21.10
CA GLY E 355 75.87 -5.07 20.82
C GLY E 355 74.49 -5.24 20.24
N LEU E 356 73.50 -4.53 20.79
CA LEU E 356 72.19 -4.46 20.15
C LEU E 356 72.30 -3.81 18.78
N LEU E 357 73.06 -2.71 18.68
CA LEU E 357 73.23 -2.04 17.40
C LEU E 357 73.99 -2.92 16.41
N MET E 358 75.02 -3.62 16.89
CA MET E 358 75.82 -4.47 16.02
C MET E 358 75.06 -5.74 15.63
N SER E 359 74.30 -6.31 16.56
CA SER E 359 73.50 -7.48 16.23
C SER E 359 72.49 -7.16 15.14
N LEU E 360 71.90 -5.97 15.21
CA LEU E 360 71.08 -5.49 14.10
C LEU E 360 71.92 -5.31 12.84
N GLN E 361 73.15 -4.80 13.00
CA GLN E 361 74.06 -4.74 11.86
C GLN E 361 74.39 -6.14 11.35
N ASP E 362 74.38 -7.14 12.23
CA ASP E 362 74.58 -8.52 11.80
C ASP E 362 73.38 -9.03 11.01
N ASP E 363 72.17 -8.79 11.52
CA ASP E 363 70.99 -9.39 10.91
C ASP E 363 70.73 -8.84 9.51
N MET E 364 71.00 -7.55 9.29
CA MET E 364 70.80 -6.98 7.96
C MET E 364 71.74 -7.61 6.94
N ARG E 365 72.96 -7.96 7.36
CA ARG E 365 73.86 -8.70 6.48
C ARG E 365 73.25 -10.05 6.11
N HIS E 366 72.66 -10.74 7.09
CA HIS E 366 71.95 -11.98 6.81
C HIS E 366 70.79 -11.73 5.87
N ALA E 367 70.06 -10.63 6.10
CA ALA E 367 68.97 -10.25 5.20
C ALA E 367 69.48 -9.96 3.80
N MET E 368 70.60 -9.25 3.69
CA MET E 368 71.19 -9.01 2.38
C MET E 368 71.52 -10.32 1.69
N ARG E 369 71.86 -11.34 2.46
CA ARG E 369 72.22 -12.65 1.93
C ARG E 369 71.16 -13.68 2.30
N ALA E 370 69.90 -13.29 2.21
CA ALA E 370 68.83 -14.24 2.43
C ALA E 370 68.76 -15.23 1.28
N PRO E 371 68.85 -16.54 1.55
CA PRO E 371 68.86 -17.53 0.47
C PRO E 371 67.49 -17.75 -0.18
N SER E 372 66.42 -17.81 0.62
CA SER E 372 65.09 -18.07 0.09
C SER E 372 64.06 -17.33 0.94
N LEU E 373 62.82 -17.28 0.42
CA LEU E 373 61.80 -16.43 1.03
C LEU E 373 61.46 -16.88 2.44
N GLU E 374 61.36 -18.18 2.67
CA GLU E 374 61.05 -18.66 4.02
C GLU E 374 62.16 -18.28 4.99
N VAL E 375 63.34 -17.95 4.49
CA VAL E 375 64.43 -17.56 5.37
C VAL E 375 64.35 -16.06 5.69
N LEU E 376 64.14 -15.23 4.67
CA LEU E 376 64.14 -13.79 4.89
C LEU E 376 63.01 -13.37 5.84
N LEU E 377 61.83 -13.98 5.69
CA LEU E 377 60.72 -13.66 6.58
C LEU E 377 61.03 -14.02 8.03
N GLY E 378 61.62 -15.21 8.24
CA GLY E 378 61.89 -15.64 9.60
C GLY E 378 62.89 -14.75 10.31
N ILE E 379 63.99 -14.43 9.62
CA ILE E 379 64.98 -13.53 10.21
C ILE E 379 64.40 -12.13 10.33
N GLU E 380 63.56 -11.73 9.38
CA GLU E 380 62.86 -10.46 9.50
C GLU E 380 61.99 -10.42 10.74
N GLY E 381 61.14 -11.45 10.90
CA GLY E 381 60.33 -11.52 12.11
C GLY E 381 61.17 -11.65 13.35
N ALA E 382 62.27 -12.40 13.27
CA ALA E 382 63.23 -12.44 14.36
C ALA E 382 63.86 -11.07 14.59
N SER E 383 64.19 -10.39 13.49
CA SER E 383 64.75 -9.05 13.61
C SER E 383 63.75 -8.10 14.25
N ALA E 384 62.47 -8.26 13.93
CA ALA E 384 61.44 -7.41 14.51
C ALA E 384 61.33 -7.61 16.01
N GLY E 385 61.31 -8.87 16.45
CA GLY E 385 61.09 -9.14 17.86
C GLY E 385 62.14 -8.53 18.76
N ARG E 386 63.42 -8.70 18.39
CA ARG E 386 64.51 -8.16 19.20
C ARG E 386 64.52 -6.64 19.22
N TYR E 387 64.15 -6.00 18.11
CA TYR E 387 64.00 -4.54 18.13
C TYR E 387 62.85 -4.13 19.03
N PHE E 388 61.76 -4.89 19.00
CA PHE E 388 60.64 -4.61 19.88
C PHE E 388 60.93 -4.98 21.33
N GLN E 389 61.90 -5.88 21.56
CA GLN E 389 62.38 -6.10 22.91
C GLN E 389 62.89 -4.80 23.51
N HIS E 390 63.38 -3.89 22.67
CA HIS E 390 63.83 -2.60 23.11
C HIS E 390 62.86 -1.48 22.72
N PHE E 391 61.77 -1.81 22.02
CA PHE E 391 60.77 -0.79 21.72
C PHE E 391 60.19 -0.21 22.99
N SER E 392 59.92 -1.05 23.98
CA SER E 392 59.45 -0.58 25.27
C SER E 392 60.49 0.30 25.95
N ARG E 393 61.74 0.27 25.49
CA ARG E 393 62.81 0.99 26.19
C ARG E 393 62.81 2.49 25.87
N MET E 394 62.51 2.88 24.64
CA MET E 394 62.64 4.29 24.27
C MET E 394 61.41 5.11 24.66
N LEU E 395 60.67 4.66 25.68
CA LEU E 395 59.53 5.40 26.19
C LEU E 395 60.03 6.59 27.01
N ARG E 396 59.15 7.17 27.83
CA ARG E 396 59.38 8.48 28.44
C ARG E 396 60.58 8.50 29.38
N GLY E 397 61.34 7.41 29.44
CA GLY E 397 62.54 7.36 30.24
C GLY E 397 62.60 6.02 30.95
N GLY E 398 61.43 5.47 31.22
CA GLY E 398 61.29 4.15 31.80
C GLY E 398 60.03 3.49 31.26
N ASP E 399 59.53 2.49 31.97
CA ASP E 399 58.30 1.84 31.52
C ASP E 399 57.11 2.79 31.62
N GLY E 400 56.27 2.75 30.60
CA GLY E 400 55.04 3.51 30.58
C GLY E 400 53.95 2.77 31.32
N GLU E 401 53.99 2.79 32.65
CA GLU E 401 52.98 2.14 33.46
C GLU E 401 51.59 2.56 33.05
N GLY E 402 50.69 1.59 32.90
CA GLY E 402 49.41 1.80 32.29
C GLY E 402 49.42 1.72 30.78
N MET E 403 50.61 1.75 30.17
CA MET E 403 50.79 1.50 28.75
C MET E 403 51.51 0.16 28.67
N GLY E 404 50.74 -0.93 28.68
CA GLY E 404 51.30 -2.25 28.52
C GLY E 404 51.82 -2.44 27.11
N PHE E 405 53.02 -2.99 27.00
CA PHE E 405 53.59 -3.39 25.73
C PHE E 405 54.25 -4.76 25.86
N ASP E 406 53.72 -5.73 25.13
CA ASP E 406 54.28 -7.07 25.08
C ASP E 406 55.09 -7.21 23.81
N PHE E 407 56.21 -7.91 23.90
CA PHE E 407 57.06 -8.15 22.75
C PHE E 407 56.56 -9.35 21.93
N THR E 408 55.48 -9.99 22.37
CA THR E 408 55.05 -11.26 21.79
C THR E 408 53.60 -11.28 21.31
N THR E 409 52.70 -10.52 21.93
CA THR E 409 51.31 -10.49 21.48
C THR E 409 51.09 -9.47 20.37
N ARG E 410 52.14 -9.13 19.63
CA ARG E 410 52.03 -8.15 18.56
C ARG E 410 51.29 -8.73 17.37
N ASN E 411 50.70 -7.83 16.58
CA ASN E 411 50.11 -8.08 15.26
C ASN E 411 49.00 -9.12 15.27
N ARG E 412 48.60 -9.64 16.43
CA ARG E 412 47.43 -10.49 16.45
C ARG E 412 46.17 -9.62 16.36
N ARG E 413 45.17 -10.14 15.67
CA ARG E 413 44.07 -9.31 15.18
C ARG E 413 43.40 -8.48 16.28
N PRO E 414 43.09 -9.01 17.45
CA PRO E 414 42.79 -8.13 18.58
C PRO E 414 44.09 -7.68 19.23
N PRO E 415 44.37 -6.37 19.23
CA PRO E 415 45.60 -5.88 19.88
C PRO E 415 45.49 -6.09 21.38
N LYS E 416 46.46 -6.79 21.95
CA LYS E 416 46.44 -7.12 23.36
C LYS E 416 47.20 -6.13 24.23
N ASP E 417 47.61 -5.00 23.69
CA ASP E 417 48.27 -3.97 24.47
C ASP E 417 47.80 -2.59 24.05
N PRO E 418 47.80 -1.61 24.97
CA PRO E 418 47.58 -0.23 24.54
C PRO E 418 48.62 0.26 23.55
N VAL E 419 49.89 -0.12 23.74
CA VAL E 419 50.93 0.26 22.79
C VAL E 419 50.78 -0.53 21.50
N ASN E 420 50.44 -1.82 21.61
CA ASN E 420 50.05 -2.58 20.42
C ASN E 420 48.92 -1.90 19.65
N ALA E 421 47.97 -1.30 20.38
CA ALA E 421 46.86 -0.61 19.72
C ALA E 421 47.35 0.60 18.94
N LEU E 422 48.20 1.41 19.55
CA LEU E 422 48.72 2.60 18.88
C LEU E 422 49.50 2.21 17.63
N LEU E 423 50.36 1.20 17.74
CA LEU E 423 51.09 0.71 16.58
C LEU E 423 50.14 0.15 15.54
N SER E 424 49.17 -0.66 15.97
CA SER E 424 48.25 -1.28 15.03
C SER E 424 47.41 -0.24 14.30
N PHE E 425 46.90 0.76 15.02
CA PHE E 425 46.12 1.81 14.37
C PHE E 425 47.01 2.63 13.43
N ALA E 426 48.22 2.97 13.86
CA ALA E 426 49.14 3.70 13.01
C ALA E 426 49.53 2.87 11.79
N TYR E 427 49.81 1.57 11.99
CA TYR E 427 50.19 0.72 10.87
C TYR E 427 49.05 0.60 9.86
N ALA E 428 47.82 0.43 10.35
CA ALA E 428 46.68 0.30 9.46
C ALA E 428 46.48 1.56 8.63
N MET E 429 46.71 2.73 9.24
CA MET E 429 46.56 3.96 8.48
C MET E 429 47.75 4.19 7.56
N LEU E 430 48.71 3.26 7.54
CA LEU E 430 49.74 3.30 6.51
C LEU E 430 49.30 2.56 5.27
N THR E 431 48.67 1.38 5.43
CA THR E 431 48.24 0.62 4.28
C THR E 431 47.34 1.46 3.39
N ARG E 432 46.41 2.20 4.00
CA ARG E 432 45.61 3.15 3.25
C ARG E 432 46.48 4.28 2.71
N GLU E 433 47.51 4.70 3.46
CA GLU E 433 48.43 5.70 2.95
C GLU E 433 49.21 5.19 1.75
N TRP E 434 49.71 3.96 1.82
CA TRP E 434 50.57 3.45 0.76
C TRP E 434 49.78 3.00 -0.46
N THR E 435 48.66 2.31 -0.25
CA THR E 435 47.88 1.79 -1.38
C THR E 435 47.45 2.92 -2.30
N VAL E 436 46.99 4.03 -1.72
CA VAL E 436 46.65 5.19 -2.52
C VAL E 436 47.92 5.81 -3.13
N ALA E 437 49.01 5.87 -2.35
CA ALA E 437 50.27 6.31 -2.91
C ALA E 437 50.73 5.37 -4.01
N LEU E 438 50.54 4.06 -3.80
CA LEU E 438 50.88 3.09 -4.84
C LEU E 438 49.98 3.28 -6.05
N ALA E 439 48.66 3.28 -5.84
CA ALA E 439 47.73 3.38 -6.95
C ALA E 439 47.85 4.69 -7.70
N ALA E 440 48.49 5.70 -7.08
CA ALA E 440 48.72 6.95 -7.78
C ALA E 440 49.44 6.72 -9.09
N VAL E 441 50.40 5.80 -9.10
CA VAL E 441 50.92 5.30 -10.36
C VAL E 441 50.13 4.05 -10.76
N GLY E 442 50.09 3.80 -12.06
CA GLY E 442 49.30 2.70 -12.57
C GLY E 442 49.91 1.36 -12.23
N LEU E 443 49.86 1.02 -10.95
CA LEU E 443 50.36 -0.24 -10.44
C LEU E 443 49.30 -0.83 -9.52
N ASP E 444 49.33 -2.15 -9.37
CA ASP E 444 48.36 -2.86 -8.55
C ASP E 444 48.86 -2.95 -7.12
N PRO E 445 48.16 -2.38 -6.13
CA PRO E 445 48.58 -2.59 -4.74
C PRO E 445 48.34 -4.00 -4.26
N TYR E 446 47.61 -4.81 -5.02
CA TYR E 446 47.24 -6.15 -4.61
C TYR E 446 48.06 -7.22 -5.32
N ARG E 447 49.02 -6.82 -6.14
CA ARG E 447 49.93 -7.75 -6.80
C ARG E 447 51.34 -7.48 -6.25
N GLY E 448 51.76 -8.31 -5.29
CA GLY E 448 52.98 -8.07 -4.55
C GLY E 448 54.09 -9.05 -4.89
N PHE E 449 55.32 -8.63 -4.55
CA PHE E 449 56.50 -9.48 -4.74
C PHE E 449 56.86 -10.26 -3.49
N TYR E 450 56.76 -9.65 -2.32
CA TYR E 450 57.27 -10.21 -1.07
C TYR E 450 56.17 -10.71 -0.16
N HIS E 451 55.02 -10.03 -0.12
CA HIS E 451 53.91 -10.47 0.71
C HIS E 451 53.01 -11.39 -0.13
N GLN E 452 52.14 -12.16 0.56
CA GLN E 452 51.22 -13.02 -0.17
C GLN E 452 50.06 -12.20 -0.73
N PRO E 453 49.79 -12.31 -2.02
CA PRO E 453 48.85 -11.38 -2.66
C PRO E 453 47.39 -11.59 -2.29
N ARG E 454 46.92 -12.84 -2.27
CA ARG E 454 45.50 -13.10 -2.22
C ARG E 454 44.95 -12.79 -0.82
N PHE E 455 43.65 -13.08 -0.63
CA PHE E 455 42.94 -12.94 0.63
C PHE E 455 42.84 -11.50 1.12
N GLY E 456 42.43 -10.57 0.27
CA GLY E 456 42.13 -9.22 0.71
C GLY E 456 43.31 -8.41 1.17
N ARG E 457 44.52 -8.87 0.93
CA ARG E 457 45.67 -8.15 1.45
C ARG E 457 46.35 -7.41 0.31
N PRO E 458 46.48 -6.09 0.36
CA PRO E 458 47.32 -5.42 -0.63
C PRO E 458 48.78 -5.77 -0.35
N ALA E 459 49.33 -6.72 -1.11
CA ALA E 459 50.64 -7.26 -0.77
C ALA E 459 51.79 -6.35 -1.18
N LEU E 460 51.56 -5.42 -2.10
CA LEU E 460 52.64 -4.58 -2.61
C LEU E 460 52.91 -3.36 -1.75
N ALA E 461 51.88 -2.59 -1.40
CA ALA E 461 52.08 -1.50 -0.46
C ALA E 461 52.71 -2.01 0.83
N LEU E 462 52.20 -3.14 1.33
CA LEU E 462 52.84 -3.79 2.47
C LEU E 462 54.28 -4.17 2.15
N ASP E 463 54.55 -4.56 0.90
CA ASP E 463 55.92 -4.86 0.51
C ASP E 463 56.81 -3.65 0.67
N MET E 464 56.35 -2.47 0.24
CA MET E 464 57.19 -1.28 0.33
C MET E 464 57.07 -0.56 1.66
N MET E 465 55.93 -0.65 2.35
CA MET E 465 55.86 0.10 3.60
C MET E 465 56.75 -0.47 4.68
N GLU E 466 57.32 -1.66 4.45
CA GLU E 466 58.09 -2.33 5.50
C GLU E 466 59.16 -1.44 6.10
N PRO E 467 60.02 -0.76 5.32
CA PRO E 467 61.02 0.11 5.96
C PRO E 467 60.45 1.30 6.71
N PHE E 468 59.19 1.67 6.45
CA PHE E 468 58.68 2.93 6.98
C PHE E 468 57.72 2.77 8.15
N ARG E 469 57.45 1.56 8.60
CA ARG E 469 56.87 1.42 9.94
C ARG E 469 57.71 2.19 10.95
N PRO E 470 59.05 2.10 10.93
CA PRO E 470 59.83 3.01 11.77
C PRO E 470 59.66 4.48 11.42
N LEU E 471 59.82 4.86 10.16
CA LEU E 471 59.92 6.27 9.83
C LEU E 471 58.57 6.96 9.73
N ILE E 472 57.48 6.20 9.71
CA ILE E 472 56.19 6.79 9.45
C ILE E 472 55.20 6.40 10.55
N ALA E 473 55.44 5.27 11.22
CA ALA E 473 54.47 4.74 12.16
C ALA E 473 55.03 4.55 13.57
N ASP E 474 56.22 3.97 13.71
CA ASP E 474 56.67 3.56 15.03
C ASP E 474 56.87 4.76 15.96
N SER E 475 57.48 5.84 15.45
CA SER E 475 57.65 7.04 16.27
C SER E 475 56.31 7.71 16.54
N THR E 476 55.32 7.47 15.69
CA THR E 476 54.01 8.06 15.90
C THR E 476 53.42 7.62 17.23
N VAL E 477 53.56 6.33 17.56
CA VAL E 477 53.20 5.86 18.89
C VAL E 477 54.01 6.58 19.95
N LEU E 478 55.32 6.72 19.71
CA LEU E 478 56.20 7.35 20.67
C LEU E 478 55.87 8.84 20.83
N MET E 479 55.59 9.53 19.72
CA MET E 479 55.26 10.94 19.80
C MET E 479 53.99 11.16 20.61
N ALA E 480 52.94 10.38 20.32
CA ALA E 480 51.66 10.54 21.00
C ALA E 480 51.67 10.06 22.44
N ILE E 481 52.70 9.32 22.85
CA ILE E 481 52.78 8.80 24.21
C ILE E 481 53.72 9.64 25.06
N ASN E 482 54.81 10.14 24.46
CA ASN E 482 55.80 10.90 25.21
C ASN E 482 55.37 12.34 25.46
N ASN E 483 54.38 12.84 24.73
CA ASN E 483 53.79 14.13 25.00
C ASN E 483 52.60 14.03 25.96
N GLY E 484 52.27 12.82 26.41
CA GLY E 484 51.14 12.63 27.29
C GLY E 484 49.80 12.67 26.60
N GLU E 485 49.76 12.77 25.28
CA GLU E 485 48.49 12.78 24.57
C GLU E 485 47.75 11.46 24.75
N ILE E 486 48.43 10.33 24.60
CA ILE E 486 47.85 9.02 24.81
C ILE E 486 47.98 8.69 26.28
N ARG E 487 46.85 8.35 26.90
CA ARG E 487 46.79 8.05 28.32
C ARG E 487 45.91 6.83 28.52
N THR E 488 46.07 6.17 29.67
CA THR E 488 45.38 4.89 29.87
C THR E 488 43.87 5.07 29.94
N GLY E 489 43.40 6.22 30.39
CA GLY E 489 41.98 6.50 30.31
C GLY E 489 41.48 6.62 28.88
N ASP E 490 42.37 6.89 27.94
CA ASP E 490 42.05 6.86 26.51
C ASP E 490 41.95 5.44 25.97
N PHE E 491 41.90 4.43 26.84
CA PHE E 491 41.93 3.04 26.44
C PHE E 491 40.80 2.24 27.08
N VAL E 492 40.45 1.14 26.42
CA VAL E 492 39.42 0.21 26.88
C VAL E 492 39.93 -1.21 26.69
N ARG E 493 39.62 -2.09 27.63
CA ARG E 493 40.04 -3.48 27.61
C ARG E 493 38.85 -4.40 27.47
N SER E 494 38.94 -5.37 26.57
CA SER E 494 37.81 -6.27 26.33
C SER E 494 38.36 -7.65 25.97
N ALA E 495 38.55 -8.49 26.99
CA ALA E 495 38.92 -9.90 26.82
C ALA E 495 39.98 -10.11 25.75
N GLY E 496 40.97 -9.22 25.72
CA GLY E 496 42.00 -9.27 24.70
C GLY E 496 41.77 -8.23 23.63
N GLY E 497 41.00 -7.20 23.95
CA GLY E 497 40.81 -6.09 23.04
C GLY E 497 41.13 -4.77 23.70
N CYS E 498 42.20 -4.13 23.22
CA CYS E 498 42.69 -2.88 23.78
C CYS E 498 42.39 -1.78 22.77
N ASN E 499 41.25 -1.10 22.94
CA ASN E 499 40.81 -0.13 21.96
C ASN E 499 40.79 1.26 22.55
N LEU E 500 41.02 2.24 21.69
CA LEU E 500 41.00 3.65 22.07
C LEU E 500 39.58 4.17 22.12
N THR E 501 39.46 5.43 22.53
CA THR E 501 38.23 6.20 22.38
C THR E 501 38.29 6.97 21.07
N ASP E 502 37.12 7.28 20.53
CA ASP E 502 37.06 8.10 19.32
C ASP E 502 37.66 9.48 19.58
N SER E 503 37.52 9.99 20.81
CA SER E 503 38.27 11.17 21.21
C SER E 503 39.76 10.91 21.07
N ALA E 504 40.22 9.74 21.50
CA ALA E 504 41.61 9.37 21.29
C ALA E 504 41.87 9.02 19.83
N ARG E 505 40.96 8.30 19.18
CA ARG E 505 41.19 7.87 17.81
C ARG E 505 41.37 9.05 16.87
N LYS E 506 40.46 10.03 16.94
CA LYS E 506 40.59 11.21 16.10
C LYS E 506 41.69 12.15 16.57
N ARG E 507 42.03 12.15 17.86
CA ARG E 507 43.23 12.84 18.30
C ARG E 507 44.48 12.10 17.84
N PHE E 508 44.42 10.77 17.78
CA PHE E 508 45.57 9.99 17.33
C PHE E 508 45.89 10.25 15.87
N ILE E 509 44.87 10.32 15.02
CA ILE E 509 45.09 10.61 13.60
C ILE E 509 45.73 11.98 13.45
N ALA E 510 45.33 12.93 14.29
CA ALA E 510 45.91 14.27 14.24
C ALA E 510 47.42 14.21 14.45
N GLY E 511 47.89 13.28 15.28
CA GLY E 511 49.31 13.05 15.36
C GLY E 511 49.88 12.59 14.03
N PHE E 512 49.13 11.76 13.31
CA PHE E 512 49.63 11.20 12.06
C PHE E 512 49.89 12.30 11.03
N GLU E 513 48.94 13.22 10.87
CA GLU E 513 49.12 14.30 9.90
C GLU E 513 50.26 15.21 10.32
N ARG E 514 50.41 15.42 11.62
CA ARG E 514 51.52 16.24 12.10
C ARG E 514 52.86 15.60 11.75
N ARG E 515 52.91 14.26 11.72
CA ARG E 515 54.09 13.59 11.22
C ARG E 515 54.17 13.66 9.70
N MET E 516 53.03 13.60 9.03
CA MET E 516 53.04 13.58 7.56
C MET E 516 53.40 14.92 6.96
N GLU E 517 53.28 16.01 7.72
CA GLU E 517 53.62 17.34 7.20
C GLU E 517 55.09 17.69 7.39
N GLN E 518 55.82 16.96 8.21
CA GLN E 518 57.25 17.20 8.38
C GLN E 518 57.99 16.92 7.08
N GLU E 519 59.00 17.73 6.79
CA GLU E 519 59.70 17.69 5.52
C GLU E 519 61.02 16.94 5.66
N VAL E 520 61.19 15.91 4.84
CA VAL E 520 62.42 15.13 4.76
C VAL E 520 63.05 15.37 3.40
N THR E 521 64.38 15.50 3.38
CA THR E 521 65.04 16.11 2.23
C THR E 521 65.42 15.15 1.13
N HIS E 522 66.00 13.98 1.45
CA HIS E 522 66.79 13.21 0.50
C HIS E 522 66.29 11.77 0.38
N PRO E 523 65.33 11.52 -0.50
CA PRO E 523 65.18 10.14 -0.99
C PRO E 523 66.40 9.74 -1.79
N ILE E 524 66.64 10.48 -2.87
CA ILE E 524 67.91 10.44 -3.59
C ILE E 524 68.33 11.88 -3.91
N PHE E 525 67.37 12.79 -3.83
CA PHE E 525 67.59 14.20 -4.15
C PHE E 525 67.14 15.01 -2.94
N LYS E 526 67.83 16.11 -2.69
CA LYS E 526 67.68 16.84 -1.43
C LYS E 526 66.79 18.06 -1.69
N TYR E 527 65.48 17.90 -1.45
CA TYR E 527 64.57 19.03 -1.68
C TYR E 527 63.46 19.11 -0.63
N THR E 528 63.68 18.54 0.55
CA THR E 528 62.84 18.74 1.74
C THR E 528 61.37 18.47 1.45
N ILE E 529 61.07 17.23 1.16
CA ILE E 529 59.70 16.81 0.90
C ILE E 529 59.09 16.21 2.16
N SER E 530 57.78 16.39 2.28
CA SER E 530 57.03 15.75 3.35
C SER E 530 57.05 14.24 3.20
N TYR E 531 56.67 13.55 4.27
CA TYR E 531 56.61 12.09 4.23
C TYR E 531 55.65 11.60 3.16
N ARG E 532 54.46 12.20 3.08
CA ARG E 532 53.49 11.73 2.11
C ARG E 532 53.88 12.04 0.68
N ARG E 533 54.49 13.20 0.43
CA ARG E 533 55.00 13.47 -0.91
C ARG E 533 56.29 12.72 -1.21
N LEU E 534 56.93 12.13 -0.20
CA LEU E 534 58.00 11.18 -0.48
C LEU E 534 57.47 9.82 -0.87
N LEU E 535 56.22 9.51 -0.49
CA LEU E 535 55.65 8.21 -0.83
C LEU E 535 55.65 8.00 -2.34
N GLU E 536 55.19 9.00 -3.09
CA GLU E 536 55.22 8.92 -4.55
C GLU E 536 56.65 8.82 -5.06
N VAL E 537 57.56 9.59 -4.47
CA VAL E 537 58.95 9.60 -4.94
C VAL E 537 59.50 8.19 -4.95
N GLN E 538 59.28 7.45 -3.86
CA GLN E 538 59.66 6.04 -3.85
C GLN E 538 58.87 5.27 -4.90
N ALA E 539 57.57 5.58 -5.04
CA ALA E 539 56.74 4.84 -5.98
C ALA E 539 57.21 5.01 -7.42
N ARG E 540 57.38 6.26 -7.86
CA ARG E 540 57.83 6.49 -9.23
C ARG E 540 59.18 5.85 -9.48
N LEU E 541 60.06 5.90 -8.49
CA LEU E 541 61.37 5.26 -8.63
C LEU E 541 61.22 3.76 -8.85
N LEU E 542 60.28 3.14 -8.14
CA LEU E 542 60.03 1.72 -8.33
C LEU E 542 59.55 1.43 -9.74
N THR E 543 58.64 2.25 -10.25
CA THR E 543 58.17 2.06 -11.62
C THR E 543 59.30 2.22 -12.62
N ARG E 544 60.41 2.82 -12.19
CA ARG E 544 61.58 2.90 -13.05
C ARG E 544 62.51 1.70 -12.89
N TYR E 545 62.52 1.06 -11.73
CA TYR E 545 63.16 -0.26 -11.65
C TYR E 545 62.41 -1.25 -12.51
N LEU E 546 61.08 -1.23 -12.42
CA LEU E 546 60.26 -1.84 -13.46
C LEU E 546 60.55 -1.15 -14.78
N SER E 547 60.51 -1.93 -15.86
CA SER E 547 60.87 -1.49 -17.20
C SER E 547 62.32 -1.02 -17.30
N GLY E 548 63.10 -1.13 -16.23
CA GLY E 548 64.53 -0.88 -16.29
C GLY E 548 64.94 0.53 -16.63
N GLU E 549 64.72 1.47 -15.70
CA GLU E 549 65.19 2.84 -15.89
C GLU E 549 66.29 3.19 -14.88
N ILE E 550 66.07 2.89 -13.61
CA ILE E 550 67.09 2.96 -12.59
C ILE E 550 67.17 1.59 -11.91
N PRO E 551 68.27 0.86 -12.04
CA PRO E 551 68.32 -0.48 -11.45
C PRO E 551 68.46 -0.43 -9.93
N ALA E 552 68.24 -1.60 -9.30
CA ALA E 552 68.51 -1.85 -7.89
C ALA E 552 67.56 -1.12 -6.95
N TYR E 553 66.67 -0.27 -7.48
CA TYR E 553 65.72 0.46 -6.66
C TYR E 553 66.42 1.20 -5.52
N PRO E 554 66.98 2.36 -5.78
CA PRO E 554 67.74 3.03 -4.72
C PRO E 554 66.83 3.41 -3.56
N ASN E 555 66.52 2.40 -2.76
CA ASN E 555 65.61 2.53 -1.63
C ASN E 555 66.10 3.61 -0.68
N PHE E 556 65.17 4.45 -0.24
CA PHE E 556 65.46 5.49 0.74
C PHE E 556 65.43 4.89 2.14
N VAL E 557 66.56 4.95 2.82
CA VAL E 557 66.71 4.42 4.17
C VAL E 557 67.42 5.48 5.00
N THR E 558 67.09 5.56 6.28
CA THR E 558 67.75 6.53 7.15
C THR E 558 68.70 5.84 8.12
N MET F 1 -18.56 -8.48 -0.35
CA MET F 1 -17.60 -8.12 -1.40
C MET F 1 -17.50 -6.57 -1.46
N GLU F 2 -16.54 -5.95 -0.75
CA GLU F 2 -16.44 -4.49 -0.66
C GLU F 2 -15.07 -4.03 -1.13
N HIS F 3 -14.82 -2.73 -1.08
CA HIS F 3 -13.50 -2.13 -1.04
C HIS F 3 -13.43 -1.03 0.00
N LEU F 4 -12.29 -0.98 0.67
CA LEU F 4 -11.82 0.15 1.45
C LEU F 4 -11.25 1.19 0.50
N TYR F 5 -11.39 2.46 0.84
CA TYR F 5 -10.63 3.53 0.17
C TYR F 5 -10.10 4.55 1.15
N ILE F 6 -9.24 5.41 0.66
CA ILE F 6 -8.77 6.58 1.41
C ILE F 6 -9.02 7.79 0.54
N VAL F 7 -8.89 8.98 1.11
CA VAL F 7 -8.97 10.22 0.35
C VAL F 7 -7.82 11.12 0.77
N SER F 8 -7.36 11.96 -0.15
CA SER F 8 -6.26 12.87 0.13
C SER F 8 -6.70 14.29 -0.18
N TYR F 9 -7.52 14.86 0.68
CA TYR F 9 -8.21 16.08 0.31
C TYR F 9 -7.27 17.24 0.50
N ASP F 10 -6.83 17.80 -0.62
CA ASP F 10 -6.12 19.07 -0.59
C ASP F 10 -6.99 20.01 -1.38
N ILE F 11 -8.04 20.48 -0.72
CA ILE F 11 -9.11 21.25 -1.33
C ILE F 11 -8.74 22.70 -1.21
N ARG F 12 -9.17 23.50 -2.18
CA ARG F 12 -8.78 24.90 -2.24
C ARG F 12 -9.99 25.82 -2.10
N ASN F 13 -10.96 25.42 -1.29
CA ASN F 13 -12.04 26.28 -0.83
C ASN F 13 -12.68 25.68 0.41
N GLN F 14 -12.85 26.51 1.44
CA GLN F 14 -13.47 26.07 2.68
C GLN F 14 -14.90 25.61 2.47
N ARG F 15 -15.69 26.36 1.70
CA ARG F 15 -17.02 25.87 1.34
C ARG F 15 -16.93 24.48 0.76
N ARG F 16 -16.06 24.29 -0.22
CA ARG F 16 -15.88 22.98 -0.81
C ARG F 16 -15.39 21.97 0.20
N TRP F 17 -14.54 22.40 1.14
CA TRP F 17 -14.14 21.54 2.25
C TRP F 17 -15.35 21.04 3.02
N ARG F 18 -16.20 21.97 3.45
CA ARG F 18 -17.36 21.56 4.24
C ARG F 18 -18.18 20.56 3.46
N ARG F 19 -18.73 20.99 2.31
CA ARG F 19 -19.49 20.06 1.51
C ARG F 19 -18.66 18.83 1.19
N LEU F 20 -17.35 19.01 1.04
CA LEU F 20 -16.54 17.81 1.17
C LEU F 20 -16.74 17.21 2.54
N PHE F 21 -16.20 17.84 3.59
CA PHE F 21 -16.28 17.30 4.94
C PHE F 21 -17.67 16.80 5.23
N LYS F 22 -18.66 17.69 5.18
CA LYS F 22 -20.06 17.29 5.27
C LYS F 22 -20.31 15.98 4.53
N THR F 23 -20.02 15.96 3.24
CA THR F 23 -20.29 14.75 2.46
C THR F 23 -19.14 13.77 2.61
N MET F 24 -17.94 14.28 2.90
CA MET F 24 -16.76 13.43 3.00
C MET F 24 -16.62 12.82 4.39
N HIS F 25 -16.77 13.63 5.44
CA HIS F 25 -17.08 13.00 6.71
C HIS F 25 -18.35 12.19 6.58
N GLY F 26 -19.30 12.66 5.78
CA GLY F 26 -20.38 11.80 5.36
C GLY F 26 -19.92 10.67 4.48
N PHE F 27 -18.71 10.75 3.94
CA PHE F 27 -18.17 9.67 3.12
C PHE F 27 -17.17 8.81 3.84
N GLY F 28 -16.08 9.41 4.33
CA GLY F 28 -15.03 8.64 4.96
C GLY F 28 -14.74 9.15 6.35
N CYS F 29 -14.17 8.28 7.18
CA CYS F 29 -13.81 8.61 8.54
C CYS F 29 -12.54 9.45 8.53
N TRP F 30 -12.55 10.54 9.31
CA TRP F 30 -11.42 11.44 9.28
C TRP F 30 -10.16 10.69 9.64
N LEU F 31 -9.30 10.48 8.66
CA LEU F 31 -8.20 9.55 8.87
C LEU F 31 -6.90 10.26 9.22
N GLN F 32 -6.38 11.09 8.33
CA GLN F 32 -5.22 11.90 8.64
C GLN F 32 -5.59 13.33 8.25
N LEU F 33 -4.61 14.23 8.31
CA LEU F 33 -4.89 15.64 8.08
C LEU F 33 -5.72 15.86 6.84
N SER F 34 -5.13 15.66 5.68
CA SER F 34 -5.80 15.84 4.41
C SER F 34 -6.52 14.58 4.01
N VAL F 35 -6.82 13.72 4.97
CA VAL F 35 -7.13 12.32 4.70
C VAL F 35 -8.34 11.88 5.50
N PHE F 36 -9.26 11.24 4.82
CA PHE F 36 -10.21 10.33 5.46
C PHE F 36 -9.89 8.94 4.98
N GLN F 37 -10.38 7.95 5.72
CA GLN F 37 -10.39 6.58 5.26
C GLN F 37 -11.81 6.28 4.80
N CYS F 38 -11.92 5.50 3.73
CA CYS F 38 -13.19 5.33 3.05
C CYS F 38 -13.44 3.85 2.86
N ARG F 39 -14.71 3.48 2.82
CA ARG F 39 -15.10 2.09 2.72
C ARG F 39 -16.27 1.98 1.75
N LEU F 40 -15.98 1.71 0.48
CA LEU F 40 -17.03 1.84 -0.51
C LEU F 40 -16.95 0.71 -1.53
N ASP F 41 -18.11 0.24 -1.95
CA ASP F 41 -18.17 -0.98 -2.72
C ASP F 41 -18.52 -0.53 -4.15
N ARG F 42 -19.15 -1.42 -4.92
CA ARG F 42 -19.67 -1.06 -6.25
C ARG F 42 -20.34 0.30 -6.26
N ILE F 43 -21.22 0.57 -5.30
CA ILE F 43 -22.28 1.54 -5.52
C ILE F 43 -21.81 2.95 -5.20
N ARG F 44 -21.73 3.25 -3.91
CA ARG F 44 -21.74 4.63 -3.45
C ARG F 44 -20.48 5.37 -3.87
N ILE F 45 -19.41 4.63 -4.21
CA ILE F 45 -18.24 5.25 -4.83
C ILE F 45 -18.65 6.22 -5.90
N ILE F 46 -19.58 5.79 -6.76
CA ILE F 46 -20.03 6.63 -7.85
C ILE F 46 -20.66 7.89 -7.27
N LYS F 47 -21.06 7.83 -6.01
CA LYS F 47 -21.77 8.96 -5.43
C LYS F 47 -20.79 9.96 -4.83
N MET F 48 -19.54 9.55 -4.58
CA MET F 48 -18.53 10.54 -4.27
C MET F 48 -18.30 11.47 -5.44
N GLU F 49 -17.72 10.96 -6.52
CA GLU F 49 -17.43 11.89 -7.60
C GLU F 49 -18.70 12.50 -8.14
N ALA F 50 -19.83 11.84 -7.95
CA ALA F 50 -21.07 12.58 -8.01
C ALA F 50 -21.03 13.76 -7.02
N ALA F 51 -21.01 13.45 -5.73
CA ALA F 51 -20.91 14.52 -4.74
C ALA F 51 -19.65 15.32 -4.92
N ILE F 52 -18.51 14.65 -4.96
CA ILE F 52 -17.27 15.37 -5.19
C ILE F 52 -17.01 15.37 -6.68
N ASN F 53 -17.76 16.17 -7.41
CA ASN F 53 -17.30 16.82 -8.61
C ASN F 53 -17.93 18.19 -8.61
N GLU F 54 -19.01 18.35 -7.85
CA GLU F 54 -19.45 19.65 -7.41
C GLU F 54 -18.75 20.09 -6.15
N ILE F 55 -18.61 19.19 -5.16
CA ILE F 55 -17.85 19.49 -3.95
C ILE F 55 -16.53 20.14 -4.30
N VAL F 56 -16.01 19.89 -5.48
CA VAL F 56 -14.79 20.52 -5.92
C VAL F 56 -15.00 21.22 -7.24
N ASN F 57 -14.24 22.28 -7.46
CA ASN F 57 -13.80 22.62 -8.80
C ASN F 57 -12.56 21.79 -9.08
N HIS F 58 -12.49 21.27 -10.31
CA HIS F 58 -11.41 20.37 -10.66
C HIS F 58 -10.16 21.13 -11.04
N ALA F 59 -10.21 22.47 -11.03
CA ALA F 59 -9.03 23.26 -11.33
C ALA F 59 -8.09 23.35 -10.13
N GLU F 60 -8.58 23.83 -9.00
CA GLU F 60 -7.71 24.15 -7.89
C GLU F 60 -7.70 23.12 -6.78
N ASP F 61 -8.86 22.66 -6.30
CA ASP F 61 -8.89 21.58 -5.33
C ASP F 61 -8.17 20.40 -5.93
N HIS F 62 -7.24 19.83 -5.17
CA HIS F 62 -6.63 18.63 -5.68
C HIS F 62 -6.70 17.56 -4.60
N VAL F 63 -7.14 16.40 -5.02
CA VAL F 63 -7.22 15.21 -4.18
C VAL F 63 -6.79 14.04 -5.04
N LEU F 64 -6.02 13.14 -4.45
CA LEU F 64 -5.87 11.83 -5.03
C LEU F 64 -6.96 10.95 -4.50
N ILE F 65 -7.60 10.23 -5.39
CA ILE F 65 -8.51 9.18 -4.99
C ILE F 65 -7.74 7.91 -4.68
N LEU F 66 -8.04 7.33 -3.53
CA LEU F 66 -7.20 6.32 -2.94
C LEU F 66 -8.05 5.08 -2.80
N ASP F 67 -8.17 4.39 -3.91
CA ASP F 67 -9.15 3.34 -4.14
C ASP F 67 -8.49 2.01 -3.87
N LEU F 68 -8.99 1.28 -2.89
CA LEU F 68 -8.19 0.21 -2.34
C LEU F 68 -8.89 -1.13 -2.53
N GLY F 69 -8.27 -2.20 -2.04
CA GLY F 69 -8.71 -3.53 -2.34
C GLY F 69 -9.93 -3.95 -1.57
N PRO F 70 -10.23 -5.25 -1.59
CA PRO F 70 -11.58 -5.71 -1.25
C PRO F 70 -11.89 -5.60 0.23
N ALA F 71 -11.06 -4.87 0.97
CA ALA F 71 -11.34 -4.41 2.33
C ALA F 71 -11.27 -5.53 3.36
N GLU F 72 -11.03 -6.78 2.95
CA GLU F 72 -10.90 -7.87 3.91
C GLU F 72 -9.44 -8.22 4.22
N ASN F 73 -8.50 -7.82 3.36
CA ASN F 73 -7.10 -8.13 3.57
C ASN F 73 -6.22 -6.89 3.33
N VAL F 74 -6.57 -5.78 3.97
CA VAL F 74 -5.94 -4.50 3.64
C VAL F 74 -4.82 -4.15 4.61
N LYS F 75 -4.77 -4.83 5.75
CA LYS F 75 -3.72 -4.58 6.73
C LYS F 75 -2.31 -4.79 6.20
N PRO F 76 -2.02 -5.75 5.32
CA PRO F 76 -0.69 -5.74 4.71
C PRO F 76 -0.35 -4.41 4.06
N LYS F 77 -1.32 -3.72 3.49
CA LYS F 77 -1.01 -2.61 2.61
C LYS F 77 -1.02 -1.30 3.35
N VAL F 78 -0.74 -1.32 4.64
CA VAL F 78 -0.83 -0.11 5.41
C VAL F 78 0.45 -0.02 6.21
N SER F 79 1.02 1.17 6.21
CA SER F 79 1.95 1.53 7.24
C SER F 79 1.61 2.97 7.60
N SER F 80 0.90 3.10 8.69
CA SER F 80 0.52 4.38 9.25
C SER F 80 1.54 4.68 10.33
N ILE F 81 2.51 5.54 10.01
CA ILE F 81 3.74 5.59 10.78
C ILE F 81 3.48 5.92 12.24
N GLY F 82 2.57 6.86 12.50
CA GLY F 82 2.26 7.20 13.87
C GLY F 82 1.00 6.50 14.31
N LYS F 83 -0.08 7.26 14.38
CA LYS F 83 -1.39 6.72 14.74
C LYS F 83 -1.75 5.61 13.75
N THR F 84 -2.13 4.46 14.27
CA THR F 84 -2.33 3.32 13.39
C THR F 84 -3.61 3.50 12.58
N PHE F 85 -3.59 3.02 11.35
CA PHE F 85 -4.75 3.02 10.49
C PHE F 85 -5.63 1.82 10.81
N ASP F 86 -6.93 2.00 10.65
CA ASP F 86 -7.92 1.01 11.04
C ASP F 86 -9.18 1.21 10.21
N PRO F 87 -9.61 0.22 9.44
CA PRO F 87 -10.89 0.33 8.74
C PRO F 87 -12.06 0.29 9.71
N ILE F 88 -13.20 0.85 9.28
CA ILE F 88 -14.44 0.58 9.98
C ILE F 88 -15.27 -0.39 9.16
N LEU F 89 -15.63 -1.51 9.79
CA LEU F 89 -16.13 -2.69 9.09
C LEU F 89 -17.63 -2.86 9.26
N ARG F 90 -18.13 -4.03 8.85
CA ARG F 90 -19.56 -4.30 8.69
C ARG F 90 -20.16 -4.71 10.03
N GLN F 91 -20.32 -3.76 10.93
CA GLN F 91 -20.91 -4.05 12.22
C GLN F 91 -22.14 -3.18 12.42
N ALA F 92 -23.07 -3.69 13.23
CA ALA F 92 -24.22 -2.89 13.61
C ALA F 92 -23.90 -2.10 14.87
N VAL F 93 -23.95 -0.77 14.75
CA VAL F 93 -23.77 0.12 15.89
C VAL F 93 -24.81 -0.30 16.92
N ILE F 94 -24.36 -0.67 18.12
CA ILE F 94 -25.20 -1.41 19.05
C ILE F 94 -25.76 -0.48 20.11
N VAL F 95 -25.13 0.67 20.33
CA VAL F 95 -25.61 1.62 21.32
C VAL F 95 -26.31 2.78 20.64
N MET G 1 10.66 -5.34 -12.98
CA MET G 1 9.69 -5.74 -11.98
C MET G 1 9.77 -4.75 -10.77
N GLU G 2 8.96 -3.68 -10.76
CA GLU G 2 9.04 -2.63 -9.74
C GLU G 2 7.71 -2.49 -9.02
N HIS G 3 7.63 -1.54 -8.10
CA HIS G 3 6.39 -0.94 -7.62
C HIS G 3 6.55 0.57 -7.51
N LEU G 4 5.47 1.25 -7.88
CA LEU G 4 5.22 2.65 -7.55
C LEU G 4 4.69 2.71 -6.12
N TYR G 5 5.02 3.79 -5.41
CA TYR G 5 4.35 4.10 -4.15
C TYR G 5 4.03 5.58 -4.04
N ILE G 6 3.24 5.92 -3.03
CA ILE G 6 2.99 7.30 -2.66
C ILE G 6 3.32 7.42 -1.19
N VAL G 7 3.37 8.66 -0.69
CA VAL G 7 3.56 8.91 0.73
C VAL G 7 2.57 9.98 1.17
N SER G 8 2.14 9.93 2.43
CA SER G 8 1.19 10.89 2.96
C SER G 8 1.78 11.55 4.19
N TYR G 9 2.72 12.44 3.98
CA TYR G 9 3.53 12.88 5.11
C TYR G 9 2.75 13.92 5.89
N ASP G 10 2.31 13.53 7.07
CA ASP G 10 1.76 14.50 8.01
C ASP G 10 2.68 14.43 9.20
N ILE G 11 3.83 15.09 9.06
CA ILE G 11 4.93 14.99 9.99
C ILE G 11 4.77 16.10 11.00
N ARG G 12 5.21 15.85 12.22
CA ARG G 12 5.00 16.80 13.30
C ARG G 12 6.32 17.34 13.85
N ASN G 13 7.29 17.54 12.95
CA ASN G 13 8.50 18.30 13.24
C ASN G 13 9.15 18.72 11.93
N GLN G 14 9.51 20.00 11.85
CA GLN G 14 10.15 20.53 10.66
C GLN G 14 11.50 19.87 10.39
N ARG G 15 12.31 19.69 11.44
CA ARG G 15 13.54 18.93 11.27
C ARG G 15 13.24 17.58 10.63
N ARG G 16 12.28 16.87 11.19
CA ARG G 16 11.90 15.58 10.64
C ARG G 16 11.35 15.72 9.23
N TRP G 17 10.64 16.82 8.94
CA TRP G 17 10.23 17.11 7.57
C TRP G 17 11.41 17.19 6.64
N ARG G 18 12.40 17.99 7.00
CA ARG G 18 13.54 18.15 6.12
C ARG G 18 14.18 16.80 5.87
N ARG G 19 14.69 16.16 6.93
CA ARG G 19 15.28 14.84 6.77
C ARG G 19 14.28 13.92 6.11
N LEU G 20 12.99 14.10 6.39
CA LEU G 20 12.06 13.51 5.46
C LEU G 20 12.27 14.09 4.08
N PHE G 21 11.90 15.35 3.87
CA PHE G 21 12.01 15.97 2.55
C PHE G 21 13.35 15.66 1.93
N LYS G 22 14.44 16.09 2.57
CA LYS G 22 15.77 15.68 2.16
C LYS G 22 15.80 14.24 1.69
N THR G 23 15.41 13.31 2.55
CA THR G 23 15.47 11.91 2.18
C THR G 23 14.22 11.52 1.40
N MET G 24 13.13 12.24 1.63
CA MET G 24 11.87 11.92 0.98
C MET G 24 11.75 12.55 -0.40
N HIS G 25 12.08 13.83 -0.52
CA HIS G 25 12.40 14.32 -1.85
C HIS G 25 13.54 13.50 -2.42
N GLY G 26 14.48 13.10 -1.57
CA GLY G 26 15.42 12.07 -1.96
C GLY G 26 14.76 10.72 -2.19
N PHE G 27 13.52 10.55 -1.70
CA PHE G 27 12.80 9.32 -1.92
C PHE G 27 11.75 9.41 -3.01
N GLY G 28 10.79 10.31 -2.84
CA GLY G 28 9.70 10.41 -3.79
C GLY G 28 9.58 11.81 -4.35
N CYS G 29 8.97 11.92 -5.52
CA CYS G 29 8.76 13.20 -6.17
C CYS G 29 7.60 13.92 -5.50
N TRP G 30 7.80 15.21 -5.22
CA TRP G 30 6.79 15.96 -4.49
C TRP G 30 5.48 15.88 -5.24
N LEU G 31 4.53 15.16 -4.70
CA LEU G 31 3.35 14.84 -5.47
C LEU G 31 2.17 15.75 -5.14
N GLN G 32 1.70 15.71 -3.90
CA GLN G 32 0.68 16.64 -3.46
C GLN G 32 1.18 17.25 -2.16
N LEU G 33 0.33 18.03 -1.50
CA LEU G 33 0.76 18.76 -0.32
C LEU G 33 1.52 17.89 0.65
N SER G 34 0.83 16.97 1.31
CA SER G 34 1.42 16.07 2.27
C SER G 34 1.95 14.84 1.58
N VAL G 35 2.20 14.94 0.27
CA VAL G 35 2.31 13.77 -0.57
C VAL G 35 3.52 13.90 -1.48
N PHE G 36 4.30 12.84 -1.55
CA PHE G 36 5.17 12.57 -2.67
C PHE G 36 4.65 11.34 -3.39
N GLN G 37 5.08 11.16 -4.62
CA GLN G 37 4.88 9.91 -5.32
C GLN G 37 6.21 9.16 -5.30
N CYS G 38 6.13 7.85 -5.15
CA CYS G 38 7.32 7.07 -4.86
C CYS G 38 7.38 5.91 -5.84
N ARG G 39 8.58 5.46 -6.14
CA ARG G 39 8.79 4.40 -7.12
C ARG G 39 9.86 3.46 -6.58
N LEU G 40 9.44 2.40 -5.92
CA LEU G 40 10.42 1.60 -5.21
C LEU G 40 10.13 0.11 -5.34
N ASP G 41 11.18 -0.68 -5.45
CA ASP G 41 11.03 -2.06 -5.83
C ASP G 41 11.33 -2.85 -4.55
N ARG G 42 11.78 -4.10 -4.72
CA ARG G 42 12.25 -4.90 -3.58
C ARG G 42 13.08 -4.10 -2.59
N ILE G 43 14.06 -3.34 -3.09
CA ILE G 43 15.21 -3.01 -2.26
C ILE G 43 14.94 -1.78 -1.42
N ARG G 44 14.99 -0.60 -2.06
CA ARG G 44 15.20 0.64 -1.36
C ARG G 44 14.02 1.00 -0.47
N ILE G 45 12.85 0.41 -0.75
CA ILE G 45 11.72 0.52 0.17
C ILE G 45 12.17 0.32 1.59
N ILE G 46 12.97 -0.72 1.82
CA ILE G 46 13.45 -1.02 3.16
C ILE G 46 14.27 0.15 3.67
N LYS G 47 14.76 0.98 2.75
CA LYS G 47 15.63 2.06 3.17
C LYS G 47 14.83 3.30 3.53
N MET G 48 13.57 3.38 3.12
CA MET G 48 12.71 4.41 3.68
C MET G 48 12.51 4.20 5.17
N GLU G 49 11.79 3.14 5.55
CA GLU G 49 11.55 3.01 6.98
C GLU G 49 12.84 2.85 7.73
N ALA G 50 13.89 2.39 7.06
CA ALA G 50 15.21 2.68 7.60
C ALA G 50 15.38 4.17 7.80
N ALA G 51 15.41 4.93 6.71
CA ALA G 51 15.53 6.38 6.84
C ALA G 51 14.35 6.95 7.60
N ILE G 52 13.14 6.63 7.18
CA ILE G 52 12.00 7.12 7.92
C ILE G 52 11.64 6.06 8.93
N ASN G 53 12.42 5.96 9.98
CA ASN G 53 11.95 5.57 11.30
C ASN G 53 12.75 6.39 12.27
N GLU G 54 13.89 6.90 11.83
CA GLU G 54 14.51 8.02 12.48
C GLU G 54 13.97 9.34 11.97
N ILE G 55 13.80 9.50 10.66
CA ILE G 55 13.18 10.68 10.10
C ILE G 55 11.93 11.04 10.87
N VAL G 56 11.29 10.07 11.50
CA VAL G 56 10.12 10.35 12.31
C VAL G 56 10.32 9.81 13.71
N ASN G 57 9.69 10.47 14.67
CA ASN G 57 9.20 9.76 15.84
C ASN G 57 7.85 9.17 15.47
N HIS G 58 7.62 7.95 15.92
CA HIS G 58 6.42 7.24 15.55
C HIS G 58 5.24 7.64 16.42
N ALA G 59 5.46 8.53 17.38
CA ALA G 59 4.37 8.99 18.21
C ALA G 59 3.54 10.06 17.51
N GLU G 60 4.17 11.15 17.09
CA GLU G 60 3.42 12.30 16.62
C GLU G 60 3.38 12.43 15.10
N ASP G 61 4.50 12.31 14.39
CA ASP G 61 4.47 12.30 12.94
C ASP G 61 3.56 11.18 12.50
N HIS G 62 2.64 11.48 11.61
CA HIS G 62 1.83 10.40 11.10
C HIS G 62 1.85 10.47 9.59
N VAL G 63 2.12 9.33 8.98
CA VAL G 63 2.12 9.15 7.55
C VAL G 63 1.48 7.80 7.28
N LEU G 64 0.64 7.74 6.25
CA LEU G 64 0.28 6.46 5.68
C LEU G 64 1.30 6.12 4.62
N ILE G 65 1.78 4.89 4.66
CA ILE G 65 2.58 4.37 3.59
C ILE G 65 1.68 3.86 2.48
N LEU G 66 1.99 4.28 1.26
CA LEU G 66 1.08 4.16 0.15
C LEU G 66 1.78 3.32 -0.89
N ASP G 67 1.72 2.02 -0.66
CA ASP G 67 2.54 1.02 -1.32
C ASP G 67 1.74 0.43 -2.45
N LEU G 68 2.23 0.60 -3.67
CA LEU G 68 1.35 0.39 -4.80
C LEU G 68 1.86 -0.73 -5.70
N GLY G 69 1.14 -0.99 -6.78
CA GLY G 69 1.39 -2.16 -7.58
C GLY G 69 2.61 -2.04 -8.46
N PRO G 70 2.73 -2.95 -9.41
CA PRO G 70 4.03 -3.20 -10.04
C PRO G 70 4.47 -2.08 -10.97
N ALA G 71 3.79 -0.94 -10.90
CA ALA G 71 4.23 0.33 -11.49
C ALA G 71 4.09 0.35 -13.00
N GLU G 72 3.67 -0.75 -13.63
CA GLU G 72 3.47 -0.76 -15.08
C GLU G 72 2.02 -0.55 -15.48
N ASN G 73 1.07 -0.79 -14.58
CA ASN G 73 -0.34 -0.65 -14.88
C ASN G 73 -1.07 0.11 -13.77
N VAL G 74 -0.53 1.28 -13.40
CA VAL G 74 -1.03 1.97 -12.21
C VAL G 74 -2.02 3.08 -12.56
N LYS G 75 -2.07 3.47 -13.83
CA LYS G 75 -3.01 4.51 -14.26
C LYS G 75 -4.47 4.17 -13.99
N PRO G 76 -4.94 2.93 -14.09
CA PRO G 76 -6.30 2.66 -13.62
C PRO G 76 -6.52 3.11 -12.19
N LYS G 77 -5.51 3.01 -11.34
CA LYS G 77 -5.75 3.16 -9.91
C LYS G 77 -5.53 4.57 -9.44
N VAL G 78 -5.70 5.55 -10.33
CA VAL G 78 -5.40 6.90 -9.96
C VAL G 78 -6.60 7.72 -10.36
N SER G 79 -7.02 8.59 -9.46
CA SER G 79 -7.81 9.72 -9.86
C SER G 79 -7.28 10.89 -9.07
N SER G 80 -6.47 11.68 -9.73
CA SER G 80 -5.90 12.89 -9.18
C SER G 80 -6.79 14.02 -9.63
N ILE G 81 -7.66 14.49 -8.75
CA ILE G 81 -8.82 15.26 -9.18
C ILE G 81 -8.42 16.53 -9.94
N GLY G 82 -7.38 17.21 -9.46
CA GLY G 82 -6.92 18.40 -10.14
C GLY G 82 -5.73 18.08 -10.99
N LYS G 83 -4.56 18.50 -10.54
CA LYS G 83 -3.31 18.21 -11.23
C LYS G 83 -3.17 16.70 -11.39
N THR G 84 -2.89 16.26 -12.61
CA THR G 84 -2.91 14.83 -12.86
C THR G 84 -1.67 14.18 -12.25
N PHE G 85 -1.86 12.96 -11.77
CA PHE G 85 -0.76 12.17 -11.23
C PHE G 85 -0.02 11.49 -12.37
N ASP G 86 1.28 11.31 -12.19
CA ASP G 86 2.17 10.79 -13.22
C ASP G 86 3.37 10.14 -12.57
N PRO G 87 3.62 8.85 -12.80
CA PRO G 87 4.86 8.25 -12.29
C PRO G 87 6.07 8.77 -13.04
N ILE G 88 7.23 8.67 -12.38
CA ILE G 88 8.48 8.84 -13.09
C ILE G 88 9.13 7.47 -13.30
N LEU G 89 9.39 7.13 -14.55
CA LEU G 89 9.69 5.77 -14.98
C LEU G 89 11.16 5.57 -15.29
N ARG G 90 11.48 4.42 -15.88
CA ARG G 90 12.84 3.93 -16.04
C ARG G 90 13.49 4.55 -17.27
N GLN G 91 13.84 5.83 -17.18
CA GLN G 91 14.48 6.51 -18.30
C GLN G 91 15.82 7.06 -17.84
N ALA G 92 16.73 7.19 -18.79
CA ALA G 92 18.00 7.83 -18.52
C ALA G 92 17.88 9.34 -18.76
N VAL G 93 18.09 10.12 -17.71
CA VAL G 93 18.10 11.57 -17.82
C VAL G 93 19.15 11.90 -18.87
N ILE G 94 18.75 12.60 -19.91
CA ILE G 94 19.55 12.67 -21.13
C ILE G 94 20.30 14.00 -21.19
N VAL G 95 19.84 15.01 -20.45
CA VAL G 95 20.51 16.30 -20.45
C VAL G 95 21.29 16.47 -19.17
#